data_2RFW
#
_entry.id   2RFW
#
_cell.length_a   50.940
_cell.length_b   94.520
_cell.length_c   189.850
_cell.angle_alpha   90.000
_cell.angle_beta   90.000
_cell.angle_gamma   90.000
#
_symmetry.space_group_name_H-M   'P 1 21 1'
#
loop_
_entity.id
_entity.type
_entity.pdbx_description
1 polymer 'Cellulose 1,4-beta-cellobiosidase'
2 water water
#
_entity_poly.entity_id   1
_entity_poly.type   'polypeptide(L)'
_entity_poly.pdbx_seq_one_letter_code
;(PCA)RAGNETPENHPPLTWQRCTAPGNCQTVNAEVVIDANWRWLHDDNMQNCYDGNQWTNACSTATDCAEKCMIEGAGD
YLGTYGASTSGDALTLKFVTKHEYGTNVGSRFYLMNGPDKYQMFNLMGNELAFDVDLSTVECGINSALYFVAMEEDGGMA
SYPSNQAGARYGTGYCDAQCARDLKFVGGKANIEGWKSSTSDPNAGVGPYGSCCAEIDVWESNAYAFAFTPHACTTNEYH
VCETTNCGGTYSEDRFAGKCDANGCDYNPYRMGNPDFYGKGKTLDTSRKFTVVSRFEENKLSQYFIQDGRKIEIPPPTWE
GMPNSSEITPELCSTMFDVFNDRNRFEEVGGFEQLNNALRVPMVLVMSIWDDHYANMLWLDSIYPPEKEGQPGAARGDCP
TDSGVPAEVEAQFPDAQVVWSNIRFGPIGSTYDF
;
_entity_poly.pdbx_strand_id   A,B,C,D
#
# COMPACT_ATOMS: atom_id res chain seq x y z
N PCA A 1 -2.52 5.77 -32.17
CA PCA A 1 -3.76 6.50 -31.96
CB PCA A 1 -4.80 5.45 -31.61
CG PCA A 1 -4.07 4.18 -31.38
CD PCA A 1 -2.70 4.32 -31.98
OE PCA A 1 -1.85 3.44 -31.94
C PCA A 1 -3.62 7.47 -30.79
O PCA A 1 -2.96 7.16 -29.80
N ARG A 2 -4.26 8.64 -30.93
CA ARG A 2 -4.28 9.56 -29.81
C ARG A 2 -5.23 9.00 -28.75
N ALA A 3 -5.10 9.55 -27.55
CA ALA A 3 -5.94 9.19 -26.42
C ALA A 3 -7.03 10.24 -26.27
N GLY A 4 -8.27 9.78 -26.24
CA GLY A 4 -9.46 10.55 -26.26
C GLY A 4 -9.72 11.45 -25.07
N ASN A 5 -10.63 12.41 -25.27
CA ASN A 5 -11.05 13.43 -24.35
C ASN A 5 -12.56 13.66 -24.38
N GLU A 6 -13.37 12.63 -24.29
CA GLU A 6 -14.82 12.64 -24.26
C GLU A 6 -15.39 11.75 -23.14
N THR A 7 -14.61 10.73 -22.79
CA THR A 7 -14.95 9.65 -21.88
C THR A 7 -13.70 9.20 -21.15
N PRO A 8 -13.50 9.62 -19.90
CA PRO A 8 -12.42 9.11 -19.05
C PRO A 8 -12.30 7.59 -19.10
N GLU A 9 -11.15 7.06 -18.72
CA GLU A 9 -10.95 5.61 -18.66
C GLU A 9 -10.85 5.16 -17.22
N ASN A 10 -11.83 4.41 -16.72
CA ASN A 10 -11.69 3.99 -15.32
C ASN A 10 -11.65 2.47 -15.22
N HIS A 11 -10.44 1.93 -15.08
CA HIS A 11 -10.30 0.47 -14.91
C HIS A 11 -11.18 -0.05 -13.79
N PRO A 12 -11.76 -1.24 -13.90
CA PRO A 12 -12.39 -1.93 -12.78
C PRO A 12 -11.36 -2.73 -12.00
N PRO A 13 -11.30 -2.46 -10.70
CA PRO A 13 -10.24 -3.01 -9.85
C PRO A 13 -10.30 -4.53 -9.79
N LEU A 14 -9.26 -5.15 -9.20
CA LEU A 14 -9.25 -6.61 -9.18
C LEU A 14 -8.18 -7.17 -8.25
N THR A 15 -8.58 -8.08 -7.35
CA THR A 15 -7.56 -8.70 -6.52
C THR A 15 -7.11 -10.03 -7.13
N TRP A 16 -5.84 -10.30 -6.91
CA TRP A 16 -5.16 -11.55 -7.21
C TRP A 16 -3.93 -11.63 -6.32
N GLN A 17 -3.18 -12.75 -6.43
CA GLN A 17 -2.04 -12.82 -5.51
C GLN A 17 -0.93 -13.73 -6.05
N ARG A 18 0.16 -13.71 -5.30
CA ARG A 18 1.30 -14.60 -5.50
C ARG A 18 1.43 -15.50 -4.28
N CYS A 19 1.86 -16.74 -4.48
CA CYS A 19 2.01 -17.66 -3.37
C CYS A 19 3.42 -18.25 -3.33
N THR A 20 4.20 -17.91 -2.32
CA THR A 20 5.57 -18.42 -2.35
C THR A 20 5.61 -19.91 -1.99
N ALA A 21 4.68 -20.33 -1.14
CA ALA A 21 4.60 -21.72 -0.69
C ALA A 21 3.15 -22.12 -0.46
N PRO A 22 2.83 -23.41 -0.33
CA PRO A 22 1.44 -23.87 -0.32
C PRO A 22 0.48 -23.24 0.67
N GLY A 23 0.89 -22.49 1.68
CA GLY A 23 -0.10 -21.86 2.56
C GLY A 23 0.23 -20.38 2.67
N ASN A 24 1.02 -19.92 1.70
CA ASN A 24 1.50 -18.55 1.72
C ASN A 24 1.08 -17.81 0.45
N CYS A 25 0.00 -17.06 0.55
CA CYS A 25 -0.48 -16.22 -0.54
C CYS A 25 -0.80 -14.82 0.01
N GLN A 26 -0.88 -13.82 -0.86
CA GLN A 26 -1.15 -12.45 -0.40
C GLN A 26 -1.45 -11.56 -1.60
N THR A 27 -2.43 -10.67 -1.46
CA THR A 27 -3.07 -9.94 -2.53
C THR A 27 -2.17 -8.94 -3.25
N VAL A 28 -2.55 -8.72 -4.50
CA VAL A 28 -2.09 -7.75 -5.46
C VAL A 28 -3.30 -6.92 -5.88
N ASN A 29 -3.39 -5.70 -5.32
CA ASN A 29 -4.59 -4.97 -5.76
C ASN A 29 -4.35 -4.59 -7.20
N ALA A 30 -5.21 -5.06 -8.12
CA ALA A 30 -4.83 -4.70 -9.50
C ALA A 30 -5.96 -3.91 -10.15
N GLU A 31 -6.30 -4.30 -11.37
CA GLU A 31 -7.34 -3.65 -12.15
C GLU A 31 -7.24 -4.19 -13.58
N VAL A 32 -8.36 -4.21 -14.30
CA VAL A 32 -8.32 -4.79 -15.63
C VAL A 32 -8.69 -3.71 -16.65
N VAL A 33 -8.33 -4.04 -17.90
CA VAL A 33 -8.66 -3.13 -18.98
C VAL A 33 -9.29 -3.88 -20.15
N ILE A 34 -10.08 -3.20 -20.97
CA ILE A 34 -10.62 -3.85 -22.16
C ILE A 34 -9.75 -3.54 -23.37
N ASP A 35 -9.58 -4.59 -24.17
CA ASP A 35 -8.91 -4.48 -25.47
C ASP A 35 -9.49 -3.28 -26.21
N ALA A 36 -8.60 -2.57 -26.89
CA ALA A 36 -8.90 -1.32 -27.57
C ALA A 36 -9.81 -1.54 -28.76
N ASN A 37 -10.05 -2.78 -29.18
CA ASN A 37 -10.91 -2.94 -30.35
C ASN A 37 -12.37 -2.69 -30.02
N TRP A 38 -12.70 -2.33 -28.78
CA TRP A 38 -14.10 -2.16 -28.40
C TRP A 38 -14.46 -0.69 -28.23
N ARG A 39 -13.45 0.15 -28.48
CA ARG A 39 -13.56 1.56 -28.14
C ARG A 39 -14.08 2.41 -29.29
N TRP A 40 -14.64 3.54 -28.87
CA TRP A 40 -14.98 4.58 -29.84
C TRP A 40 -13.72 5.32 -30.25
N LEU A 41 -13.60 5.50 -31.55
CA LEU A 41 -12.57 6.19 -32.30
C LEU A 41 -13.11 7.41 -33.03
N HIS A 42 -12.60 8.61 -32.76
CA HIS A 42 -13.18 9.76 -33.45
C HIS A 42 -12.19 10.90 -33.57
N ASP A 43 -12.36 11.70 -34.63
CA ASP A 43 -11.54 12.91 -34.65
C ASP A 43 -12.03 13.94 -33.64
N ASP A 44 -11.74 15.20 -33.94
CA ASP A 44 -12.04 16.31 -33.06
C ASP A 44 -13.41 16.91 -33.35
N ASN A 45 -14.25 16.18 -34.05
CA ASN A 45 -15.64 16.55 -34.27
C ASN A 45 -16.55 15.43 -33.79
N MET A 46 -15.93 14.37 -33.29
CA MET A 46 -16.69 13.21 -32.79
C MET A 46 -17.31 12.44 -33.94
N GLN A 47 -16.84 12.78 -35.15
CA GLN A 47 -17.12 12.01 -36.34
C GLN A 47 -16.27 10.74 -36.24
N ASN A 48 -16.94 9.60 -36.36
CA ASN A 48 -16.19 8.35 -36.26
C ASN A 48 -15.02 8.27 -37.23
N CYS A 49 -14.16 7.32 -36.94
CA CYS A 49 -13.12 6.86 -37.86
C CYS A 49 -13.43 5.40 -38.21
N TYR A 50 -14.46 4.92 -37.54
CA TYR A 50 -15.01 3.57 -37.55
C TYR A 50 -16.46 3.59 -37.08
N ASP A 51 -17.25 2.68 -37.62
CA ASP A 51 -18.68 2.58 -37.30
C ASP A 51 -19.27 1.39 -38.04
N GLY A 52 -20.03 0.55 -37.33
CA GLY A 52 -20.49 -0.71 -37.93
C GLY A 52 -19.35 -1.71 -37.95
N ASN A 53 -18.86 -2.03 -39.14
CA ASN A 53 -17.60 -2.78 -39.23
C ASN A 53 -16.67 -2.06 -40.19
N GLN A 54 -16.85 -0.74 -40.33
CA GLN A 54 -16.00 -0.09 -41.34
C GLN A 54 -15.63 1.36 -41.02
N TRP A 55 -14.50 1.75 -41.60
CA TRP A 55 -13.95 3.08 -41.58
C TRP A 55 -14.78 4.04 -42.43
N THR A 56 -14.88 5.26 -41.95
CA THR A 56 -15.46 6.49 -42.42
C THR A 56 -14.43 7.41 -43.07
N ASN A 57 -14.86 8.52 -43.68
CA ASN A 57 -13.91 9.45 -44.27
C ASN A 57 -13.34 10.42 -43.24
N ALA A 58 -13.43 10.13 -41.95
CA ALA A 58 -12.68 10.94 -40.99
C ALA A 58 -11.18 10.60 -41.13
N CYS A 59 -10.93 9.47 -41.74
CA CYS A 59 -9.68 8.80 -42.06
C CYS A 59 -9.37 8.76 -43.55
N SER A 60 -8.43 7.88 -43.92
CA SER A 60 -8.06 7.70 -45.32
C SER A 60 -6.90 6.73 -45.49
N THR A 61 -5.74 7.08 -44.96
CA THR A 61 -4.54 6.26 -45.09
C THR A 61 -4.15 5.62 -43.75
N ALA A 62 -3.16 4.75 -43.82
CA ALA A 62 -2.62 4.03 -42.68
C ALA A 62 -2.22 4.97 -41.55
N THR A 63 -1.24 5.79 -41.90
CA THR A 63 -0.59 6.74 -41.03
C THR A 63 -1.50 7.82 -40.48
N ASP A 64 -2.19 8.54 -41.37
CA ASP A 64 -2.96 9.72 -40.95
C ASP A 64 -4.06 9.31 -39.96
N CYS A 65 -4.61 8.12 -40.12
CA CYS A 65 -5.63 7.61 -39.20
C CYS A 65 -5.15 7.73 -37.76
N ALA A 66 -3.93 7.25 -37.56
CA ALA A 66 -3.26 7.23 -36.25
C ALA A 66 -2.95 8.65 -35.77
N GLU A 67 -2.86 9.59 -36.71
CA GLU A 67 -2.66 10.99 -36.40
C GLU A 67 -3.98 11.74 -36.26
N LYS A 68 -5.10 11.19 -36.75
CA LYS A 68 -6.32 12.00 -36.67
C LYS A 68 -7.35 11.48 -35.69
N CYS A 69 -7.33 10.18 -35.42
CA CYS A 69 -8.32 9.58 -34.54
C CYS A 69 -7.84 9.39 -33.12
N MET A 70 -8.77 9.28 -32.17
CA MET A 70 -8.40 8.82 -30.83
C MET A 70 -9.40 7.77 -30.36
N ILE A 71 -8.98 6.73 -29.63
CA ILE A 71 -9.98 5.83 -29.06
C ILE A 71 -10.46 6.39 -27.72
N GLU A 72 -11.53 5.86 -27.13
CA GLU A 72 -11.92 6.51 -25.88
C GLU A 72 -12.06 5.54 -24.71
N GLY A 73 -12.47 6.10 -23.57
CA GLY A 73 -12.80 5.34 -22.37
C GLY A 73 -14.06 4.55 -22.70
N ALA A 74 -14.38 3.51 -21.95
CA ALA A 74 -15.53 2.67 -22.29
C ALA A 74 -16.77 3.01 -21.49
N GLY A 75 -16.80 4.15 -20.81
CA GLY A 75 -17.96 4.43 -19.97
C GLY A 75 -17.99 3.57 -18.72
N ASP A 76 -19.08 2.83 -18.56
CA ASP A 76 -19.30 1.93 -17.43
C ASP A 76 -19.31 0.48 -17.89
N TYR A 77 -18.44 -0.35 -17.30
CA TYR A 77 -18.16 -1.67 -17.85
C TYR A 77 -19.34 -2.61 -17.69
N LEU A 78 -20.38 -2.24 -16.95
CA LEU A 78 -21.56 -3.12 -17.03
C LEU A 78 -22.42 -2.67 -18.21
N GLY A 79 -22.53 -1.35 -18.31
CA GLY A 79 -23.38 -0.70 -19.29
C GLY A 79 -23.24 -1.28 -20.68
N THR A 80 -22.18 -0.87 -21.40
CA THR A 80 -22.06 -1.37 -22.76
C THR A 80 -21.39 -2.73 -22.85
N TYR A 81 -20.68 -3.19 -21.81
CA TYR A 81 -19.81 -4.35 -21.98
C TYR A 81 -20.07 -5.55 -21.08
N GLY A 82 -20.99 -5.48 -20.13
CA GLY A 82 -21.36 -6.64 -19.34
C GLY A 82 -20.33 -7.15 -18.37
N ALA A 83 -19.19 -6.46 -18.26
CA ALA A 83 -18.16 -6.85 -17.31
C ALA A 83 -18.46 -6.31 -15.92
N SER A 84 -18.47 -7.23 -14.98
CA SER A 84 -18.76 -7.09 -13.56
C SER A 84 -17.57 -7.49 -12.71
N THR A 85 -17.14 -6.59 -11.83
CA THR A 85 -16.02 -6.91 -10.94
C THR A 85 -16.40 -6.67 -9.48
N SER A 86 -16.04 -7.63 -8.65
CA SER A 86 -16.22 -7.59 -7.22
C SER A 86 -15.09 -8.35 -6.53
N GLY A 87 -14.17 -7.65 -5.89
CA GLY A 87 -13.06 -8.28 -5.19
C GLY A 87 -12.06 -8.93 -6.12
N ASP A 88 -11.97 -10.26 -6.04
CA ASP A 88 -11.03 -10.92 -6.94
C ASP A 88 -11.71 -11.29 -8.26
N ALA A 89 -13.01 -11.51 -8.20
CA ALA A 89 -13.85 -12.08 -9.23
C ALA A 89 -14.21 -11.20 -10.43
N LEU A 90 -13.69 -11.52 -11.62
CA LEU A 90 -14.16 -10.87 -12.83
C LEU A 90 -15.30 -11.67 -13.45
N THR A 91 -16.37 -10.94 -13.74
CA THR A 91 -17.56 -11.44 -14.42
C THR A 91 -17.49 -10.98 -15.87
N LEU A 92 -18.19 -11.65 -16.77
CA LEU A 92 -18.22 -11.22 -18.17
C LEU A 92 -19.55 -11.71 -18.77
N LYS A 93 -20.42 -10.81 -19.17
CA LYS A 93 -21.72 -11.09 -19.77
C LYS A 93 -21.59 -11.18 -21.29
N PHE A 94 -21.86 -12.34 -21.85
CA PHE A 94 -21.77 -12.64 -23.26
C PHE A 94 -22.33 -11.53 -24.13
N VAL A 95 -23.65 -11.49 -24.20
CA VAL A 95 -24.32 -10.44 -24.95
C VAL A 95 -24.78 -9.34 -24.02
N THR A 96 -24.47 -8.09 -24.38
CA THR A 96 -25.06 -7.09 -23.48
C THR A 96 -26.00 -6.22 -24.29
N LYS A 97 -27.20 -6.03 -23.74
CA LYS A 97 -28.19 -5.12 -24.31
C LYS A 97 -28.24 -3.85 -23.45
N HIS A 98 -27.95 -2.72 -24.05
CA HIS A 98 -27.93 -1.39 -23.47
C HIS A 98 -28.71 -0.39 -24.33
N GLU A 99 -29.06 0.75 -23.73
CA GLU A 99 -29.93 1.73 -24.34
C GLU A 99 -29.50 2.06 -25.78
N TYR A 100 -28.20 2.01 -26.05
CA TYR A 100 -27.72 2.24 -27.40
C TYR A 100 -27.04 1.03 -28.05
N GLY A 101 -27.36 -0.22 -27.77
CA GLY A 101 -26.75 -1.28 -28.55
C GLY A 101 -26.56 -2.62 -27.88
N THR A 102 -26.25 -3.63 -28.68
CA THR A 102 -25.97 -5.01 -28.33
C THR A 102 -24.49 -5.34 -28.54
N ASN A 103 -23.69 -5.49 -27.49
CA ASN A 103 -22.29 -5.90 -27.64
C ASN A 103 -22.18 -7.37 -27.29
N VAL A 104 -21.18 -8.07 -27.86
CA VAL A 104 -21.09 -9.51 -27.65
C VAL A 104 -19.64 -9.96 -27.48
N GLY A 105 -19.43 -10.67 -26.38
CA GLY A 105 -18.10 -11.14 -26.02
C GLY A 105 -17.18 -9.97 -25.74
N SER A 106 -16.22 -10.20 -24.85
CA SER A 106 -15.18 -9.20 -24.61
C SER A 106 -13.87 -9.97 -24.42
N ARG A 107 -12.80 -9.20 -24.39
CA ARG A 107 -11.44 -9.47 -24.06
C ARG A 107 -10.95 -8.50 -22.98
N PHE A 108 -10.63 -9.05 -21.82
CA PHE A 108 -10.02 -8.29 -20.73
C PHE A 108 -8.57 -8.70 -20.50
N TYR A 109 -7.70 -7.75 -20.25
CA TYR A 109 -6.32 -7.92 -19.85
C TYR A 109 -6.14 -7.59 -18.37
N LEU A 110 -5.28 -8.34 -17.69
CA LEU A 110 -4.93 -7.99 -16.31
C LEU A 110 -3.81 -6.96 -16.33
N MET A 111 -3.85 -5.98 -15.44
CA MET A 111 -2.92 -4.86 -15.43
C MET A 111 -2.04 -4.80 -14.19
N ASN A 112 -1.34 -3.68 -14.07
CA ASN A 112 -0.34 -3.51 -13.01
C ASN A 112 -0.13 -2.00 -12.80
N GLY A 113 -1.26 -1.34 -12.59
CA GLY A 113 -1.35 0.11 -12.62
C GLY A 113 -1.89 0.55 -13.98
N PRO A 114 -2.60 1.66 -14.04
CA PRO A 114 -3.41 1.98 -15.22
C PRO A 114 -2.64 2.27 -16.50
N ASP A 115 -1.36 1.96 -16.57
CA ASP A 115 -0.54 2.40 -17.70
C ASP A 115 0.18 1.23 -18.36
N LYS A 116 0.32 0.12 -17.64
CA LYS A 116 1.10 -0.99 -18.13
C LYS A 116 0.56 -2.31 -17.57
N TYR A 117 0.49 -3.31 -18.45
CA TYR A 117 -0.02 -4.62 -18.14
C TYR A 117 0.85 -5.31 -17.10
N GLN A 118 0.22 -6.10 -16.25
CA GLN A 118 1.01 -6.98 -15.39
C GLN A 118 1.61 -8.04 -16.32
N MET A 119 2.87 -8.39 -16.08
CA MET A 119 3.56 -9.33 -16.95
C MET A 119 4.04 -10.51 -16.11
N PHE A 120 3.71 -11.72 -16.56
CA PHE A 120 3.98 -12.96 -15.86
C PHE A 120 5.18 -13.71 -16.42
N ASN A 121 6.02 -14.21 -15.51
CA ASN A 121 7.11 -15.08 -15.94
C ASN A 121 6.66 -16.52 -15.85
N LEU A 122 6.53 -17.20 -16.99
CA LEU A 122 5.88 -18.50 -16.98
C LEU A 122 6.70 -19.70 -16.51
N MET A 123 7.91 -19.82 -17.07
CA MET A 123 8.71 -21.02 -16.85
C MET A 123 9.17 -21.08 -15.40
N GLY A 124 8.94 -22.25 -14.81
CA GLY A 124 9.15 -22.58 -13.42
C GLY A 124 7.98 -22.11 -12.56
N ASN A 125 6.82 -21.94 -13.21
CA ASN A 125 5.66 -21.32 -12.61
C ASN A 125 4.34 -22.02 -12.93
N GLU A 126 3.42 -21.92 -11.97
CA GLU A 126 2.04 -22.31 -12.20
C GLU A 126 1.09 -21.12 -11.99
N LEU A 127 -0.04 -21.22 -12.69
CA LEU A 127 -1.17 -20.34 -12.52
C LEU A 127 -2.40 -21.10 -12.00
N ALA A 128 -3.10 -20.50 -11.06
CA ALA A 128 -4.34 -21.01 -10.51
C ALA A 128 -5.46 -19.97 -10.48
N PHE A 129 -6.63 -20.42 -10.92
CA PHE A 129 -7.79 -19.56 -10.76
C PHE A 129 -9.02 -20.38 -10.41
N ASP A 130 -10.12 -19.66 -10.23
CA ASP A 130 -11.44 -20.23 -10.04
C ASP A 130 -12.25 -19.96 -11.30
N VAL A 131 -13.09 -20.91 -11.68
CA VAL A 131 -13.99 -20.60 -12.81
C VAL A 131 -15.36 -21.19 -12.57
N ASP A 132 -16.37 -20.32 -12.71
CA ASP A 132 -17.74 -20.83 -12.76
C ASP A 132 -18.23 -20.57 -14.19
N LEU A 133 -18.32 -21.64 -14.98
CA LEU A 133 -18.69 -21.55 -16.38
C LEU A 133 -19.91 -22.42 -16.65
N SER A 134 -20.81 -22.45 -15.69
CA SER A 134 -21.96 -23.34 -15.71
C SER A 134 -22.96 -22.93 -16.80
N THR A 135 -22.90 -21.66 -17.21
CA THR A 135 -23.87 -21.19 -18.20
C THR A 135 -23.23 -20.89 -19.53
N VAL A 136 -21.99 -21.36 -19.72
CA VAL A 136 -21.38 -21.13 -21.04
C VAL A 136 -21.84 -22.23 -22.00
N GLU A 137 -22.48 -21.85 -23.11
CA GLU A 137 -23.11 -22.89 -23.94
C GLU A 137 -22.26 -23.21 -25.17
N CYS A 138 -22.65 -24.30 -25.83
CA CYS A 138 -21.97 -24.64 -27.09
C CYS A 138 -22.03 -23.40 -27.99
N GLY A 139 -20.97 -23.15 -28.73
CA GLY A 139 -20.88 -21.97 -29.56
C GLY A 139 -20.30 -20.76 -28.86
N ILE A 140 -19.90 -20.87 -27.61
CA ILE A 140 -19.30 -19.82 -26.80
C ILE A 140 -17.95 -20.24 -26.23
N ASN A 141 -16.89 -19.45 -26.42
CA ASN A 141 -15.62 -19.84 -25.82
C ASN A 141 -15.19 -18.92 -24.68
N SER A 142 -15.38 -19.37 -23.43
CA SER A 142 -14.89 -18.59 -22.30
C SER A 142 -13.42 -18.92 -22.06
N ALA A 143 -12.50 -18.09 -22.55
CA ALA A 143 -11.09 -18.43 -22.37
C ALA A 143 -10.40 -17.58 -21.31
N LEU A 144 -9.30 -18.12 -20.79
CA LEU A 144 -8.33 -17.44 -19.92
C LEU A 144 -6.96 -17.82 -20.48
N TYR A 145 -5.97 -16.93 -20.58
CA TYR A 145 -4.73 -17.37 -21.21
C TYR A 145 -3.63 -16.32 -21.20
N PHE A 146 -2.47 -16.72 -21.77
CA PHE A 146 -1.28 -15.89 -21.83
C PHE A 146 -0.95 -15.45 -23.25
N VAL A 147 -0.51 -14.21 -23.45
CA VAL A 147 -0.05 -13.78 -24.78
C VAL A 147 1.06 -12.75 -24.65
N ALA A 148 2.20 -13.01 -25.27
CA ALA A 148 3.38 -12.15 -25.14
C ALA A 148 3.20 -10.77 -25.77
N MET A 149 2.23 -10.05 -25.24
CA MET A 149 2.00 -8.63 -25.41
C MET A 149 3.13 -7.80 -24.80
N GLU A 150 3.22 -6.54 -25.21
CA GLU A 150 4.20 -5.62 -24.62
C GLU A 150 3.61 -4.87 -23.44
N GLU A 151 4.41 -4.67 -22.41
CA GLU A 151 4.00 -4.09 -21.15
C GLU A 151 3.13 -2.85 -21.32
N ASP A 152 3.69 -1.85 -21.98
CA ASP A 152 3.01 -0.59 -22.21
C ASP A 152 2.00 -0.68 -23.34
N GLY A 153 1.60 -1.90 -23.71
CA GLY A 153 0.68 -2.05 -24.81
C GLY A 153 1.22 -1.53 -26.12
N GLY A 154 2.52 -1.26 -26.23
CA GLY A 154 3.20 -0.88 -27.43
C GLY A 154 3.69 0.54 -27.53
N MET A 155 3.44 1.36 -26.53
CA MET A 155 3.74 2.79 -26.50
C MET A 155 5.22 3.10 -26.44
N ALA A 156 6.11 2.11 -26.47
CA ALA A 156 7.51 2.50 -26.66
C ALA A 156 7.91 2.13 -28.09
N SER A 157 7.57 0.91 -28.45
CA SER A 157 7.99 0.31 -29.71
C SER A 157 7.33 0.97 -30.92
N TYR A 158 6.13 1.47 -30.72
CA TYR A 158 5.34 2.13 -31.76
C TYR A 158 4.71 3.39 -31.17
N PRO A 159 5.50 4.45 -31.08
CA PRO A 159 5.04 5.74 -30.56
C PRO A 159 3.93 6.45 -31.33
N SER A 160 3.31 5.85 -32.34
CA SER A 160 2.19 6.46 -33.05
C SER A 160 0.89 6.22 -32.28
N ASN A 161 1.05 5.44 -31.23
CA ASN A 161 0.07 5.07 -30.23
C ASN A 161 0.34 5.87 -28.96
N GLN A 162 -0.40 6.96 -28.82
CA GLN A 162 -0.45 7.76 -27.60
C GLN A 162 -1.61 7.29 -26.72
N ALA A 163 -1.98 6.03 -26.88
CA ALA A 163 -3.05 5.47 -26.06
C ALA A 163 -2.50 4.42 -25.09
N GLY A 164 -1.97 3.32 -25.63
CA GLY A 164 -1.24 2.28 -24.96
C GLY A 164 -2.07 1.37 -24.08
N ALA A 165 -1.36 0.55 -23.29
CA ALA A 165 -1.97 -0.40 -22.37
C ALA A 165 -3.10 0.23 -21.60
N ARG A 166 -2.92 1.49 -21.21
CA ARG A 166 -3.93 2.29 -20.53
C ARG A 166 -5.32 2.09 -21.12
N TYR A 167 -5.39 1.97 -22.45
CA TYR A 167 -6.66 1.70 -23.13
C TYR A 167 -6.55 0.35 -23.87
N GLY A 168 -5.91 -0.62 -23.24
CA GLY A 168 -5.74 -1.98 -23.70
C GLY A 168 -5.29 -2.12 -25.14
N THR A 169 -4.30 -1.31 -25.54
CA THR A 169 -3.74 -1.41 -26.87
C THR A 169 -2.82 -2.64 -26.91
N GLY A 170 -2.32 -2.94 -28.10
CA GLY A 170 -1.27 -3.85 -28.34
C GLY A 170 -1.46 -5.33 -28.42
N TYR A 171 -2.68 -5.82 -28.41
CA TYR A 171 -2.97 -7.25 -28.46
C TYR A 171 -2.23 -7.99 -29.57
N CYS A 172 -2.07 -9.29 -29.38
CA CYS A 172 -1.51 -10.22 -30.35
C CYS A 172 -1.80 -11.64 -29.84
N ASP A 173 -1.41 -12.65 -30.59
CA ASP A 173 -1.69 -14.04 -30.27
C ASP A 173 -1.28 -14.90 -31.45
N ALA A 174 -1.19 -16.23 -31.31
CA ALA A 174 -0.69 -17.02 -32.43
C ALA A 174 -1.68 -17.18 -33.59
N GLN A 175 -2.68 -16.33 -33.68
CA GLN A 175 -3.61 -16.22 -34.78
C GLN A 175 -3.26 -14.98 -35.62
N CYS A 176 -2.44 -14.11 -35.04
CA CYS A 176 -1.91 -12.92 -35.68
C CYS A 176 -2.99 -11.88 -36.01
N ALA A 177 -3.83 -11.60 -35.04
CA ALA A 177 -4.95 -10.74 -34.83
C ALA A 177 -5.26 -9.73 -35.92
N ARG A 178 -5.62 -10.10 -37.13
CA ARG A 178 -5.86 -9.11 -38.18
C ARG A 178 -7.19 -8.40 -38.02
N ASP A 179 -7.91 -8.64 -36.92
CA ASP A 179 -9.23 -7.99 -36.84
C ASP A 179 -9.10 -6.65 -36.14
N LEU A 180 -7.89 -6.37 -35.65
CA LEU A 180 -7.68 -5.13 -34.89
C LEU A 180 -7.71 -3.90 -35.78
N LYS A 181 -8.01 -2.73 -35.22
CA LYS A 181 -8.20 -1.55 -36.07
C LYS A 181 -6.91 -0.74 -36.17
N PHE A 182 -6.03 -1.00 -35.21
CA PHE A 182 -4.65 -0.56 -35.24
C PHE A 182 -3.72 -1.73 -34.97
N VAL A 183 -2.57 -1.72 -35.62
CA VAL A 183 -1.47 -2.63 -35.37
C VAL A 183 -0.15 -1.88 -35.47
N GLY A 184 0.73 -2.15 -34.50
CA GLY A 184 2.04 -1.52 -34.50
C GLY A 184 1.92 -0.03 -34.26
N GLY A 185 0.82 0.38 -33.64
CA GLY A 185 0.47 1.75 -33.37
C GLY A 185 0.03 2.47 -34.65
N LYS A 186 -0.32 1.66 -35.64
CA LYS A 186 -0.70 2.04 -36.98
C LYS A 186 -2.07 1.49 -37.36
N ALA A 187 -2.73 2.11 -38.33
CA ALA A 187 -4.06 1.71 -38.78
C ALA A 187 -4.03 0.56 -39.80
N ASN A 188 -5.12 -0.18 -39.83
CA ASN A 188 -5.43 -1.27 -40.74
C ASN A 188 -6.57 -0.89 -41.69
N ILE A 189 -6.69 0.40 -41.99
CA ILE A 189 -7.83 0.78 -42.84
C ILE A 189 -7.67 0.14 -44.22
N GLU A 190 -6.91 0.77 -45.08
CA GLU A 190 -6.58 0.42 -46.44
C GLU A 190 -6.70 -1.07 -46.77
N GLY A 191 -7.92 -1.59 -46.88
CA GLY A 191 -8.08 -3.01 -47.17
C GLY A 191 -8.97 -3.70 -46.16
N TRP A 192 -9.54 -2.90 -45.27
CA TRP A 192 -10.45 -3.38 -44.25
C TRP A 192 -11.59 -4.20 -44.84
N LYS A 193 -11.52 -5.48 -44.55
CA LYS A 193 -12.42 -6.52 -45.00
C LYS A 193 -13.45 -6.87 -43.91
N SER A 194 -14.56 -6.17 -44.00
CA SER A 194 -15.79 -6.27 -43.24
C SER A 194 -16.26 -7.72 -43.17
N SER A 195 -16.98 -8.09 -42.11
CA SER A 195 -17.50 -9.45 -42.11
C SER A 195 -18.89 -9.50 -42.71
N THR A 196 -19.18 -10.66 -43.33
CA THR A 196 -20.55 -10.85 -43.79
C THR A 196 -21.44 -11.27 -42.62
N SER A 197 -20.79 -11.67 -41.52
CA SER A 197 -21.52 -12.21 -40.38
C SER A 197 -21.73 -11.18 -39.29
N ASP A 198 -20.65 -10.85 -38.57
CA ASP A 198 -20.73 -9.87 -37.49
C ASP A 198 -20.68 -8.46 -38.05
N PRO A 199 -21.71 -7.69 -37.69
CA PRO A 199 -21.79 -6.28 -38.07
C PRO A 199 -20.79 -5.40 -37.37
N ASN A 200 -19.91 -5.91 -36.49
CA ASN A 200 -19.04 -4.90 -35.88
C ASN A 200 -17.57 -5.26 -36.03
N ALA A 201 -17.21 -5.98 -37.09
CA ALA A 201 -15.78 -6.32 -37.18
C ALA A 201 -15.30 -6.44 -38.62
N GLY A 202 -13.98 -6.38 -38.72
CA GLY A 202 -13.24 -6.50 -39.94
C GLY A 202 -11.87 -7.12 -39.73
N VAL A 203 -11.03 -6.95 -40.72
CA VAL A 203 -9.77 -7.53 -41.06
C VAL A 203 -9.03 -6.59 -42.01
N GLY A 204 -7.89 -6.07 -41.60
CA GLY A 204 -7.03 -5.27 -42.44
C GLY A 204 -5.86 -6.09 -42.96
N PRO A 205 -4.87 -5.38 -43.46
CA PRO A 205 -3.68 -6.01 -44.05
C PRO A 205 -2.59 -6.24 -43.01
N TYR A 206 -2.89 -5.90 -41.76
CA TYR A 206 -1.87 -6.03 -40.72
C TYR A 206 -2.36 -6.92 -39.57
N GLY A 207 -1.52 -7.86 -39.15
CA GLY A 207 -1.97 -8.70 -38.03
C GLY A 207 -1.06 -8.46 -36.84
N SER A 208 -1.49 -8.86 -35.65
CA SER A 208 -0.60 -8.81 -34.49
C SER A 208 -0.37 -10.26 -34.03
N CYS A 209 0.89 -10.66 -34.05
CA CYS A 209 1.48 -11.94 -33.73
C CYS A 209 2.29 -11.93 -32.44
N CYS A 210 2.54 -13.12 -31.91
CA CYS A 210 3.27 -13.40 -30.69
C CYS A 210 2.89 -14.79 -30.19
N ALA A 211 3.63 -15.26 -29.19
CA ALA A 211 3.36 -16.57 -28.60
C ALA A 211 1.99 -16.57 -27.96
N GLU A 212 1.37 -17.76 -27.93
CA GLU A 212 0.03 -17.83 -27.36
C GLU A 212 -0.15 -19.10 -26.56
N ILE A 213 -0.49 -18.90 -25.29
CA ILE A 213 -0.72 -20.03 -24.40
C ILE A 213 -2.17 -19.94 -23.93
N ASP A 214 -2.95 -20.80 -24.59
CA ASP A 214 -4.34 -20.99 -24.25
C ASP A 214 -4.44 -21.92 -23.05
N VAL A 215 -4.17 -21.39 -21.87
CA VAL A 215 -4.35 -22.18 -20.65
C VAL A 215 -5.75 -22.80 -20.66
N TRP A 216 -6.72 -21.89 -20.77
CA TRP A 216 -8.12 -22.23 -20.68
C TRP A 216 -8.93 -21.70 -21.85
N GLU A 217 -9.22 -22.58 -22.80
CA GLU A 217 -10.27 -22.26 -23.80
C GLU A 217 -11.47 -23.12 -23.42
N SER A 218 -12.72 -22.68 -23.48
CA SER A 218 -13.78 -23.53 -22.95
C SER A 218 -15.22 -23.03 -22.99
N ASN A 219 -16.08 -23.95 -22.60
CA ASN A 219 -17.49 -23.91 -22.26
C ASN A 219 -17.73 -24.99 -21.19
N ALA A 220 -18.98 -25.14 -20.77
CA ALA A 220 -19.33 -26.18 -19.81
C ALA A 220 -19.48 -27.54 -20.47
N TYR A 221 -19.00 -27.73 -21.70
CA TYR A 221 -19.03 -29.07 -22.30
C TYR A 221 -17.70 -29.54 -22.84
N ALA A 222 -16.65 -28.72 -22.77
CA ALA A 222 -15.33 -29.21 -23.19
C ALA A 222 -14.29 -28.12 -22.95
N PHE A 223 -13.05 -28.54 -22.70
CA PHE A 223 -12.01 -27.53 -22.57
C PHE A 223 -10.84 -27.96 -23.44
N ALA A 224 -9.73 -27.24 -23.28
CA ALA A 224 -8.57 -27.48 -24.11
C ALA A 224 -7.41 -26.63 -23.60
N PHE A 225 -6.33 -27.31 -23.27
CA PHE A 225 -5.05 -26.66 -23.02
C PHE A 225 -4.38 -26.53 -24.39
N THR A 226 -3.91 -25.36 -24.76
CA THR A 226 -3.24 -25.29 -26.06
C THR A 226 -2.02 -24.40 -26.04
N PRO A 227 -0.80 -24.88 -25.88
CA PRO A 227 0.32 -23.95 -26.03
C PRO A 227 0.63 -23.61 -27.48
N HIS A 228 1.23 -22.45 -27.76
CA HIS A 228 1.56 -22.16 -29.15
C HIS A 228 2.82 -21.32 -29.26
N ALA A 229 3.91 -21.78 -29.90
CA ALA A 229 4.96 -20.77 -30.08
C ALA A 229 4.98 -20.36 -31.56
N CYS A 230 5.87 -19.46 -31.91
CA CYS A 230 6.18 -18.82 -33.16
C CYS A 230 7.67 -18.81 -33.44
N THR A 231 8.17 -18.51 -34.64
CA THR A 231 9.62 -18.46 -34.82
C THR A 231 10.20 -17.12 -34.38
N THR A 232 9.33 -16.21 -33.98
CA THR A 232 9.56 -15.01 -33.22
C THR A 232 8.43 -14.94 -32.20
N ASN A 233 8.74 -15.09 -30.92
CA ASN A 233 7.64 -15.27 -29.97
C ASN A 233 7.10 -13.94 -29.46
N GLU A 234 7.94 -12.93 -29.45
CA GLU A 234 7.68 -11.54 -29.14
C GLU A 234 6.76 -10.93 -30.21
N TYR A 235 5.79 -10.14 -29.81
CA TYR A 235 4.87 -9.39 -30.63
C TYR A 235 5.57 -8.95 -31.93
N HIS A 236 4.86 -9.06 -33.04
CA HIS A 236 5.44 -8.61 -34.30
C HIS A 236 4.37 -8.56 -35.39
N VAL A 237 4.51 -7.58 -36.25
CA VAL A 237 3.59 -7.31 -37.35
C VAL A 237 3.98 -8.10 -38.61
N CYS A 238 3.07 -8.94 -39.07
CA CYS A 238 3.17 -9.77 -40.25
C CYS A 238 2.51 -9.15 -41.48
N GLU A 239 2.89 -9.56 -42.69
CA GLU A 239 2.35 -8.88 -43.87
C GLU A 239 1.45 -9.76 -44.72
N THR A 240 0.17 -9.41 -44.71
CA THR A 240 -0.98 -10.08 -45.28
C THR A 240 -0.72 -11.56 -45.51
N THR A 241 -0.19 -11.91 -46.68
CA THR A 241 0.05 -13.30 -47.02
C THR A 241 1.15 -13.94 -46.17
N ASN A 242 1.80 -13.18 -45.30
CA ASN A 242 2.82 -13.65 -44.37
C ASN A 242 2.28 -13.57 -42.95
N CYS A 243 0.95 -13.55 -42.93
CA CYS A 243 0.15 -13.73 -41.74
C CYS A 243 -0.59 -15.07 -41.90
N GLY A 244 -0.42 -15.98 -40.95
CA GLY A 244 -1.19 -17.22 -40.96
C GLY A 244 -2.50 -17.02 -40.20
N GLY A 245 -3.03 -18.06 -39.55
CA GLY A 245 -4.17 -17.97 -38.67
C GLY A 245 -5.55 -18.24 -39.23
N THR A 246 -6.56 -17.73 -38.52
CA THR A 246 -7.96 -17.96 -38.85
C THR A 246 -8.48 -16.90 -39.82
N TYR A 247 -8.05 -15.66 -39.67
CA TYR A 247 -8.61 -14.56 -40.46
C TYR A 247 -7.94 -14.46 -41.83
N SER A 248 -7.14 -15.46 -42.18
CA SER A 248 -6.28 -15.33 -43.35
C SER A 248 -6.61 -16.36 -44.43
N GLU A 249 -5.99 -16.22 -45.60
CA GLU A 249 -6.17 -17.13 -46.71
C GLU A 249 -5.47 -18.45 -46.44
N ASP A 250 -4.30 -18.37 -45.80
CA ASP A 250 -3.50 -19.52 -45.45
C ASP A 250 -3.29 -19.61 -43.94
N ARG A 251 -3.95 -20.56 -43.30
CA ARG A 251 -3.82 -20.79 -41.87
C ARG A 251 -2.37 -21.02 -41.46
N PHE A 252 -1.61 -21.58 -42.40
CA PHE A 252 -0.26 -22.05 -42.09
C PHE A 252 0.86 -21.26 -42.74
N ALA A 253 0.53 -20.30 -43.61
CA ALA A 253 1.56 -19.41 -44.11
C ALA A 253 1.74 -18.24 -43.15
N GLY A 254 2.85 -18.28 -42.40
CA GLY A 254 3.23 -17.24 -41.47
C GLY A 254 4.39 -17.69 -40.57
N LYS A 255 4.55 -16.98 -39.46
CA LYS A 255 5.61 -17.25 -38.50
C LYS A 255 5.11 -18.10 -37.33
N CYS A 256 3.83 -18.00 -36.99
CA CYS A 256 3.22 -18.73 -35.89
C CYS A 256 2.36 -19.94 -36.28
N ASP A 257 2.31 -20.90 -35.36
CA ASP A 257 1.48 -22.10 -35.44
C ASP A 257 0.08 -21.85 -34.92
N ALA A 258 -0.89 -21.47 -35.76
CA ALA A 258 -2.23 -21.20 -35.24
C ALA A 258 -2.88 -22.36 -34.52
N ASN A 259 -2.41 -23.60 -34.66
CA ASN A 259 -3.15 -24.73 -34.09
C ASN A 259 -2.51 -25.24 -32.80
N GLY A 260 -1.19 -25.05 -32.66
CA GLY A 260 -0.54 -25.52 -31.45
C GLY A 260 -0.77 -27.03 -31.26
N CYS A 261 -0.46 -27.48 -30.07
CA CYS A 261 -0.51 -28.80 -29.47
C CYS A 261 -1.53 -28.81 -28.34
N ASP A 262 -2.73 -29.32 -28.60
CA ASP A 262 -3.82 -29.17 -27.64
C ASP A 262 -4.12 -30.40 -26.80
N TYR A 263 -4.42 -30.17 -25.51
CA TYR A 263 -4.95 -31.28 -24.73
C TYR A 263 -6.42 -30.95 -24.44
N ASN A 264 -7.27 -31.42 -25.34
CA ASN A 264 -8.71 -31.49 -25.12
C ASN A 264 -9.02 -32.97 -24.82
N PRO A 265 -9.54 -33.17 -23.62
CA PRO A 265 -10.01 -34.50 -23.19
C PRO A 265 -10.89 -35.21 -24.20
N TYR A 266 -11.99 -34.57 -24.60
CA TYR A 266 -12.92 -35.23 -25.52
C TYR A 266 -12.22 -35.63 -26.80
N ARG A 267 -11.47 -34.67 -27.34
CA ARG A 267 -10.70 -34.94 -28.55
C ARG A 267 -9.72 -36.08 -28.31
N MET A 268 -9.25 -36.22 -27.06
CA MET A 268 -8.23 -37.23 -26.81
C MET A 268 -8.74 -38.55 -26.27
N GLY A 269 -10.04 -38.80 -26.04
CA GLY A 269 -10.34 -40.17 -25.67
C GLY A 269 -11.32 -40.37 -24.53
N ASN A 270 -11.72 -39.33 -23.80
CA ASN A 270 -12.60 -39.50 -22.66
C ASN A 270 -13.76 -38.50 -22.68
N PRO A 271 -14.91 -38.95 -23.18
CA PRO A 271 -16.06 -38.11 -23.49
C PRO A 271 -17.06 -37.96 -22.35
N ASP A 272 -16.71 -38.57 -21.22
CA ASP A 272 -17.52 -38.52 -20.01
C ASP A 272 -16.75 -37.84 -18.88
N PHE A 273 -15.67 -37.14 -19.22
CA PHE A 273 -14.85 -36.55 -18.17
C PHE A 273 -15.42 -35.20 -17.72
N TYR A 274 -15.35 -34.25 -18.62
CA TYR A 274 -15.78 -32.87 -18.48
C TYR A 274 -17.17 -32.67 -19.08
N GLY A 275 -17.99 -31.80 -18.48
CA GLY A 275 -19.31 -31.52 -19.00
C GLY A 275 -20.34 -31.39 -17.89
N LYS A 276 -21.58 -31.08 -18.25
CA LYS A 276 -22.64 -31.04 -17.26
C LYS A 276 -22.68 -32.31 -16.44
N GLY A 277 -22.30 -32.21 -15.17
CA GLY A 277 -22.27 -33.26 -14.19
C GLY A 277 -21.43 -34.46 -14.46
N LYS A 278 -20.17 -34.28 -14.89
CA LYS A 278 -19.30 -35.43 -15.13
C LYS A 278 -18.22 -35.54 -14.06
N THR A 279 -17.14 -36.25 -14.38
CA THR A 279 -16.01 -36.38 -13.48
C THR A 279 -15.58 -34.99 -13.00
N LEU A 280 -15.41 -34.14 -14.00
CA LEU A 280 -15.19 -32.71 -13.87
C LEU A 280 -16.52 -31.97 -14.07
N ASP A 281 -17.43 -32.12 -13.12
CA ASP A 281 -18.77 -31.52 -13.22
C ASP A 281 -18.64 -30.00 -13.41
N THR A 282 -19.07 -29.53 -14.57
CA THR A 282 -18.96 -28.14 -14.97
C THR A 282 -20.02 -27.23 -14.37
N SER A 283 -21.04 -27.84 -13.79
CA SER A 283 -22.24 -27.20 -13.27
C SER A 283 -22.09 -26.75 -11.82
N ARG A 284 -20.91 -26.31 -11.47
CA ARG A 284 -20.62 -25.46 -10.32
C ARG A 284 -19.27 -24.81 -10.59
N LYS A 285 -18.65 -24.22 -9.57
CA LYS A 285 -17.34 -23.61 -9.86
C LYS A 285 -16.26 -24.62 -9.60
N PHE A 286 -15.06 -24.50 -10.16
CA PHE A 286 -14.02 -25.47 -9.80
C PHE A 286 -12.66 -24.79 -9.85
N THR A 287 -11.58 -25.43 -9.40
CA THR A 287 -10.29 -24.73 -9.49
C THR A 287 -9.43 -25.28 -10.62
N VAL A 288 -8.79 -24.41 -11.40
CA VAL A 288 -7.87 -24.95 -12.40
C VAL A 288 -6.46 -24.48 -12.17
N VAL A 289 -5.51 -25.41 -12.25
CA VAL A 289 -4.12 -24.94 -12.17
C VAL A 289 -3.39 -25.47 -13.41
N SER A 290 -2.34 -24.80 -13.83
CA SER A 290 -1.67 -25.10 -15.10
C SER A 290 -0.19 -24.80 -14.98
N ARG A 291 0.66 -25.76 -15.32
CA ARG A 291 2.08 -25.65 -14.97
C ARG A 291 3.01 -25.67 -16.17
N PHE A 292 3.94 -24.71 -16.21
CA PHE A 292 4.78 -24.43 -17.35
C PHE A 292 6.27 -24.64 -17.10
N GLU A 293 6.78 -25.80 -17.37
CA GLU A 293 8.15 -26.25 -17.16
C GLU A 293 8.87 -26.43 -18.49
N GLU A 294 10.08 -26.98 -18.43
CA GLU A 294 10.78 -27.31 -19.69
C GLU A 294 10.20 -28.60 -20.25
N ASN A 295 9.60 -28.53 -21.44
CA ASN A 295 9.10 -29.77 -22.04
C ASN A 295 8.04 -30.46 -21.17
N LYS A 296 7.46 -29.78 -20.21
CA LYS A 296 6.37 -30.23 -19.36
C LYS A 296 5.45 -29.07 -18.95
N LEU A 297 4.28 -29.06 -19.58
CA LEU A 297 3.15 -28.21 -19.26
C LEU A 297 2.05 -29.08 -18.67
N SER A 298 1.61 -28.83 -17.44
CA SER A 298 0.68 -29.75 -16.80
C SER A 298 -0.53 -29.07 -16.20
N GLN A 299 -1.67 -29.74 -16.31
CA GLN A 299 -2.96 -29.22 -15.87
C GLN A 299 -3.68 -30.20 -14.94
N TYR A 300 -4.27 -29.68 -13.87
CA TYR A 300 -5.09 -30.46 -12.94
C TYR A 300 -6.20 -29.59 -12.36
N PHE A 301 -7.24 -30.22 -11.81
CA PHE A 301 -8.31 -29.45 -11.19
C PHE A 301 -8.52 -29.72 -9.71
N ILE A 302 -9.20 -28.75 -9.10
CA ILE A 302 -9.78 -28.93 -7.77
C ILE A 302 -11.25 -28.58 -7.78
N GLN A 303 -12.15 -29.57 -7.67
CA GLN A 303 -13.57 -29.24 -7.57
C GLN A 303 -14.17 -29.86 -6.31
N ASP A 304 -14.54 -28.94 -5.44
CA ASP A 304 -15.08 -29.25 -4.12
C ASP A 304 -14.09 -30.11 -3.34
N GLY A 305 -12.93 -29.51 -3.09
CA GLY A 305 -11.91 -29.98 -2.20
C GLY A 305 -10.98 -31.03 -2.74
N ARG A 306 -11.45 -31.78 -3.73
CA ARG A 306 -10.80 -32.93 -4.34
C ARG A 306 -9.94 -32.60 -5.55
N LYS A 307 -8.76 -33.20 -5.59
CA LYS A 307 -7.86 -33.14 -6.72
C LYS A 307 -8.44 -34.06 -7.80
N ILE A 308 -8.43 -33.54 -9.01
CA ILE A 308 -8.85 -34.19 -10.23
C ILE A 308 -7.73 -34.05 -11.25
N GLU A 309 -7.34 -35.18 -11.84
CA GLU A 309 -6.30 -35.07 -12.88
C GLU A 309 -6.95 -35.36 -14.22
N ILE A 310 -6.36 -34.95 -15.32
CA ILE A 310 -6.99 -35.29 -16.61
C ILE A 310 -6.55 -36.67 -17.05
N PRO A 311 -7.50 -37.54 -17.39
CA PRO A 311 -7.18 -38.89 -17.86
C PRO A 311 -6.25 -38.89 -19.06
N PRO A 312 -5.37 -39.89 -19.19
CA PRO A 312 -4.55 -40.01 -20.40
C PRO A 312 -5.43 -40.34 -21.61
N PRO A 313 -4.86 -40.15 -22.81
CA PRO A 313 -5.55 -40.39 -24.08
C PRO A 313 -5.80 -41.87 -24.35
N THR A 314 -6.79 -42.17 -25.20
CA THR A 314 -7.03 -43.60 -25.47
C THR A 314 -6.57 -43.95 -26.88
N TRP A 315 -5.91 -43.02 -27.57
CA TRP A 315 -5.50 -43.20 -28.96
C TRP A 315 -4.23 -44.04 -29.13
N GLU A 316 -4.31 -45.16 -29.84
CA GLU A 316 -3.12 -46.00 -29.98
C GLU A 316 -2.02 -45.23 -30.70
N GLY A 317 -0.88 -45.13 -30.01
CA GLY A 317 0.29 -44.41 -30.44
C GLY A 317 0.50 -43.11 -29.71
N MET A 318 -0.35 -42.79 -28.72
CA MET A 318 -0.04 -41.65 -27.88
C MET A 318 0.39 -42.15 -26.48
N PRO A 319 1.23 -41.38 -25.84
CA PRO A 319 1.76 -41.78 -24.54
C PRO A 319 0.63 -42.05 -23.56
N ASN A 320 0.97 -42.73 -22.46
CA ASN A 320 -0.08 -42.88 -21.44
C ASN A 320 0.06 -41.77 -20.41
N SER A 321 -0.23 -40.55 -20.84
CA SER A 321 -0.30 -39.41 -19.95
C SER A 321 -0.87 -38.17 -20.66
N SER A 322 -1.56 -37.42 -19.82
CA SER A 322 -2.32 -36.21 -20.00
C SER A 322 -1.51 -34.94 -19.79
N GLU A 323 -0.27 -34.99 -20.25
CA GLU A 323 0.68 -33.89 -20.12
C GLU A 323 1.02 -33.31 -21.48
N ILE A 324 1.63 -32.12 -21.48
CA ILE A 324 2.11 -31.60 -22.75
C ILE A 324 3.65 -31.69 -22.72
N THR A 325 4.11 -32.64 -23.50
CA THR A 325 5.47 -33.07 -23.62
C THR A 325 5.83 -33.30 -25.09
N PRO A 326 7.12 -33.22 -25.44
CA PRO A 326 7.60 -33.64 -26.76
C PRO A 326 6.98 -34.95 -27.23
N GLU A 327 6.79 -35.88 -26.29
CA GLU A 327 6.17 -37.16 -26.54
C GLU A 327 4.74 -36.98 -27.03
N LEU A 328 3.93 -36.25 -26.27
CA LEU A 328 2.54 -36.01 -26.65
C LEU A 328 2.48 -35.46 -28.08
N CYS A 329 2.84 -34.20 -28.19
CA CYS A 329 2.86 -33.36 -29.37
C CYS A 329 3.30 -34.10 -30.62
N SER A 330 4.32 -34.95 -30.52
CA SER A 330 4.64 -35.71 -31.73
C SER A 330 3.45 -36.58 -32.16
N THR A 331 3.24 -37.65 -31.43
CA THR A 331 2.43 -38.81 -31.72
C THR A 331 0.95 -38.58 -31.98
N MET A 332 0.40 -37.44 -31.58
CA MET A 332 -0.99 -37.09 -31.79
C MET A 332 -1.24 -36.67 -33.24
N PHE A 333 -0.18 -36.70 -34.04
CA PHE A 333 -0.19 -36.30 -35.44
C PHE A 333 -0.04 -37.47 -36.38
N ASP A 334 0.46 -38.60 -35.87
CA ASP A 334 0.30 -39.83 -36.65
C ASP A 334 -1.11 -40.33 -36.33
N VAL A 335 -1.61 -39.79 -35.21
CA VAL A 335 -3.00 -40.06 -34.83
C VAL A 335 -3.98 -39.18 -35.61
N PHE A 336 -4.01 -37.87 -35.33
CA PHE A 336 -4.99 -37.02 -36.02
C PHE A 336 -4.66 -36.85 -37.49
N ASN A 337 -3.43 -37.19 -37.81
CA ASN A 337 -2.75 -37.15 -39.08
C ASN A 337 -3.26 -36.05 -40.01
N ASP A 338 -2.46 -35.01 -40.04
CA ASP A 338 -2.52 -33.76 -40.76
C ASP A 338 -1.43 -32.81 -40.21
N ARG A 339 -1.27 -31.71 -40.88
CA ARG A 339 -0.32 -30.63 -40.78
C ARG A 339 0.23 -30.40 -39.37
N ASN A 340 1.42 -30.94 -39.16
CA ASN A 340 2.25 -30.74 -37.98
C ASN A 340 2.80 -29.33 -37.95
N ARG A 341 1.94 -28.33 -37.73
CA ARG A 341 2.52 -26.99 -37.74
C ARG A 341 3.47 -26.78 -36.56
N PHE A 342 3.01 -27.26 -35.42
CA PHE A 342 3.67 -27.17 -34.13
C PHE A 342 5.18 -27.36 -34.30
N GLU A 343 5.54 -28.52 -34.79
CA GLU A 343 6.89 -28.83 -35.24
C GLU A 343 7.43 -27.83 -36.25
N GLU A 344 6.64 -27.42 -37.23
CA GLU A 344 7.11 -26.59 -38.34
C GLU A 344 7.90 -25.38 -37.89
N VAL A 345 7.51 -24.87 -36.73
CA VAL A 345 8.12 -23.63 -36.25
C VAL A 345 9.18 -23.88 -35.19
N GLY A 346 9.57 -25.14 -35.02
CA GLY A 346 10.66 -25.53 -34.15
C GLY A 346 10.29 -26.38 -32.95
N GLY A 347 9.22 -27.16 -33.03
CA GLY A 347 8.78 -28.09 -32.01
C GLY A 347 8.62 -27.44 -30.64
N PHE A 348 8.64 -28.23 -29.59
CA PHE A 348 8.49 -27.96 -28.19
C PHE A 348 9.62 -27.10 -27.63
N GLU A 349 10.80 -27.36 -28.15
CA GLU A 349 11.98 -26.57 -27.83
C GLU A 349 11.65 -25.07 -27.95
N GLN A 350 11.08 -24.67 -29.07
CA GLN A 350 10.54 -23.39 -29.43
C GLN A 350 9.42 -22.99 -28.47
N LEU A 351 8.57 -23.98 -28.18
CA LEU A 351 7.57 -23.63 -27.15
C LEU A 351 8.29 -23.41 -25.83
N ASN A 352 9.45 -24.05 -25.58
CA ASN A 352 10.10 -23.73 -24.30
C ASN A 352 10.62 -22.30 -24.32
N ASN A 353 11.02 -21.84 -25.51
CA ASN A 353 11.45 -20.43 -25.58
C ASN A 353 10.27 -19.54 -25.20
N ALA A 354 9.09 -19.74 -25.78
CA ALA A 354 7.92 -18.93 -25.53
C ALA A 354 7.63 -18.82 -24.04
N LEU A 355 7.87 -19.92 -23.33
CA LEU A 355 7.68 -19.97 -21.89
C LEU A 355 8.66 -19.02 -21.19
N ARG A 356 9.71 -18.63 -21.90
CA ARG A 356 10.70 -17.72 -21.31
C ARG A 356 10.47 -16.30 -21.82
N VAL A 357 9.23 -16.06 -22.21
CA VAL A 357 8.68 -14.82 -22.68
C VAL A 357 7.58 -14.30 -21.76
N PRO A 358 7.90 -13.30 -20.95
CA PRO A 358 6.90 -12.62 -20.14
C PRO A 358 5.63 -12.32 -20.93
N MET A 359 4.50 -12.82 -20.49
CA MET A 359 3.26 -12.61 -21.25
C MET A 359 2.27 -11.78 -20.46
N VAL A 360 1.20 -11.30 -21.11
CA VAL A 360 0.10 -10.61 -20.43
C VAL A 360 -0.99 -11.64 -20.11
N LEU A 361 -1.68 -11.47 -19.00
CA LEU A 361 -2.81 -12.30 -18.63
C LEU A 361 -4.09 -11.71 -19.23
N VAL A 362 -4.89 -12.61 -19.79
CA VAL A 362 -6.12 -12.27 -20.48
C VAL A 362 -7.28 -13.20 -20.11
N MET A 363 -8.46 -12.59 -20.06
CA MET A 363 -9.72 -13.29 -19.82
C MET A 363 -10.67 -12.91 -20.95
N SER A 364 -11.60 -13.76 -21.37
CA SER A 364 -12.37 -13.32 -22.53
C SER A 364 -13.51 -14.24 -22.92
N ILE A 365 -14.60 -13.64 -23.43
CA ILE A 365 -15.70 -14.45 -23.94
C ILE A 365 -16.03 -13.96 -25.36
N TRP A 366 -16.64 -14.85 -26.11
CA TRP A 366 -17.00 -14.55 -27.49
C TRP A 366 -17.62 -15.78 -28.16
N ASP A 367 -18.06 -15.56 -29.38
CA ASP A 367 -18.56 -16.54 -30.33
C ASP A 367 -17.68 -16.50 -31.58
N ASP A 368 -17.94 -17.43 -32.48
CA ASP A 368 -17.07 -17.82 -33.57
C ASP A 368 -17.71 -17.77 -34.95
N HIS A 369 -17.63 -16.60 -35.59
CA HIS A 369 -18.21 -16.47 -36.91
C HIS A 369 -17.43 -17.22 -37.99
N TYR A 370 -16.35 -17.90 -37.61
CA TYR A 370 -15.57 -18.62 -38.62
C TYR A 370 -15.86 -20.11 -38.55
N ALA A 371 -15.82 -20.60 -37.31
CA ALA A 371 -15.93 -22.02 -37.04
C ALA A 371 -17.05 -22.34 -36.05
N ASN A 372 -17.72 -21.32 -35.51
CA ASN A 372 -18.87 -21.60 -34.65
C ASN A 372 -18.49 -22.49 -33.46
N MET A 373 -17.23 -22.34 -33.02
CA MET A 373 -16.71 -23.06 -31.88
C MET A 373 -16.77 -24.58 -32.01
N LEU A 374 -17.00 -25.07 -33.21
CA LEU A 374 -17.01 -26.50 -33.46
C LEU A 374 -15.72 -27.12 -32.93
N TRP A 375 -14.65 -26.39 -33.24
CA TRP A 375 -13.31 -26.92 -32.99
C TRP A 375 -13.07 -27.11 -31.49
N LEU A 376 -13.87 -26.46 -30.64
CA LEU A 376 -13.77 -26.65 -29.20
C LEU A 376 -14.64 -27.78 -28.68
N ASP A 377 -15.90 -27.82 -29.12
CA ASP A 377 -16.90 -28.57 -28.38
C ASP A 377 -17.65 -29.58 -29.20
N SER A 378 -17.34 -29.73 -30.48
CA SER A 378 -18.08 -30.78 -31.20
C SER A 378 -17.17 -31.46 -32.22
N ILE A 379 -17.73 -31.69 -33.38
CA ILE A 379 -17.15 -32.38 -34.51
C ILE A 379 -16.63 -31.39 -35.54
N TYR A 380 -15.33 -31.33 -35.67
CA TYR A 380 -14.49 -30.48 -36.49
C TYR A 380 -13.22 -31.22 -36.94
N PRO A 381 -12.89 -31.05 -38.21
CA PRO A 381 -13.79 -30.39 -39.16
C PRO A 381 -14.86 -31.35 -39.67
N PRO A 382 -15.98 -30.79 -40.09
CA PRO A 382 -17.18 -31.53 -40.48
C PRO A 382 -16.94 -32.79 -41.31
N GLU A 383 -16.00 -32.66 -42.20
CA GLU A 383 -15.51 -33.22 -43.42
C GLU A 383 -15.18 -34.70 -43.37
N LYS A 384 -15.16 -35.29 -42.19
CA LYS A 384 -15.24 -36.75 -42.13
C LYS A 384 -16.07 -37.17 -40.92
N GLU A 385 -15.71 -36.73 -39.72
CA GLU A 385 -16.49 -37.22 -38.57
C GLU A 385 -16.37 -38.74 -38.50
N GLY A 386 -15.88 -39.24 -37.37
CA GLY A 386 -15.65 -40.67 -37.20
C GLY A 386 -14.16 -40.97 -37.26
N GLN A 387 -13.40 -39.89 -37.18
CA GLN A 387 -11.94 -39.96 -37.32
C GLN A 387 -11.23 -39.44 -36.06
N PRO A 388 -10.19 -40.14 -35.61
CA PRO A 388 -9.45 -39.80 -34.38
C PRO A 388 -9.25 -38.31 -34.16
N GLY A 389 -9.90 -37.79 -33.12
CA GLY A 389 -9.85 -36.39 -32.79
C GLY A 389 -10.81 -35.49 -33.53
N ALA A 390 -11.53 -35.99 -34.54
CA ALA A 390 -12.55 -35.12 -35.15
C ALA A 390 -13.54 -34.73 -34.07
N ALA A 391 -13.78 -35.66 -33.14
CA ALA A 391 -14.68 -35.36 -32.03
C ALA A 391 -13.97 -34.52 -30.98
N ARG A 392 -14.52 -33.34 -30.71
CA ARG A 392 -13.92 -32.45 -29.73
C ARG A 392 -14.84 -32.29 -28.52
N GLY A 393 -16.09 -32.71 -28.73
CA GLY A 393 -17.10 -32.48 -27.71
C GLY A 393 -18.44 -33.09 -28.05
N ASP A 394 -19.33 -33.09 -27.06
CA ASP A 394 -20.64 -33.70 -27.11
C ASP A 394 -21.66 -32.86 -27.88
N CYS A 395 -21.38 -31.56 -27.93
CA CYS A 395 -22.28 -30.58 -28.51
C CYS A 395 -22.50 -30.92 -29.99
N PRO A 396 -23.64 -30.48 -30.50
CA PRO A 396 -24.05 -30.67 -31.90
C PRO A 396 -23.34 -29.68 -32.81
N THR A 397 -23.26 -30.04 -34.08
CA THR A 397 -22.53 -29.39 -35.15
C THR A 397 -23.41 -28.39 -35.90
N ASP A 398 -24.55 -28.18 -35.28
CA ASP A 398 -25.59 -27.22 -35.60
C ASP A 398 -25.18 -25.88 -34.98
N SER A 399 -25.05 -25.95 -33.68
CA SER A 399 -24.61 -25.00 -32.71
C SER A 399 -23.40 -24.19 -33.19
N GLY A 400 -23.12 -23.12 -32.47
CA GLY A 400 -22.01 -22.23 -32.65
C GLY A 400 -22.31 -21.02 -33.50
N VAL A 401 -23.51 -20.95 -34.09
CA VAL A 401 -23.77 -19.81 -34.96
C VAL A 401 -24.14 -18.56 -34.16
N PRO A 402 -23.39 -17.49 -34.42
CA PRO A 402 -23.50 -16.21 -33.72
C PRO A 402 -24.93 -15.80 -33.36
N ALA A 403 -25.68 -15.28 -34.33
CA ALA A 403 -27.03 -14.77 -34.11
C ALA A 403 -27.91 -15.71 -33.30
N GLU A 404 -27.68 -17.01 -33.36
CA GLU A 404 -28.59 -17.96 -32.73
C GLU A 404 -28.25 -18.19 -31.27
N VAL A 405 -26.98 -18.35 -30.94
CA VAL A 405 -26.57 -18.50 -29.54
C VAL A 405 -26.76 -17.18 -28.78
N GLU A 406 -26.67 -16.09 -29.55
CA GLU A 406 -26.61 -14.73 -29.04
C GLU A 406 -27.94 -14.25 -28.49
N ALA A 407 -29.04 -14.74 -29.06
CA ALA A 407 -30.34 -14.42 -28.49
C ALA A 407 -30.96 -15.69 -27.90
N GLN A 408 -30.16 -16.75 -27.82
CA GLN A 408 -30.66 -17.99 -27.24
C GLN A 408 -30.24 -18.10 -25.77
N PHE A 409 -29.13 -17.45 -25.47
CA PHE A 409 -28.58 -17.33 -24.14
C PHE A 409 -27.72 -16.08 -24.06
N PRO A 410 -28.34 -14.93 -23.87
CA PRO A 410 -27.59 -13.67 -23.89
C PRO A 410 -26.78 -13.53 -22.61
N ASP A 411 -27.41 -14.08 -21.56
CA ASP A 411 -26.92 -13.93 -20.19
C ASP A 411 -25.77 -14.89 -19.92
N ALA A 412 -25.39 -15.62 -20.98
CA ALA A 412 -24.17 -16.39 -20.99
C ALA A 412 -23.06 -15.46 -20.46
N GLN A 413 -22.25 -16.03 -19.59
CA GLN A 413 -21.25 -15.26 -18.87
C GLN A 413 -20.26 -16.20 -18.19
N VAL A 414 -19.04 -15.74 -17.95
CA VAL A 414 -18.11 -16.54 -17.17
C VAL A 414 -17.73 -15.83 -15.87
N VAL A 415 -17.56 -16.66 -14.86
CA VAL A 415 -17.12 -16.31 -13.53
C VAL A 415 -15.64 -16.64 -13.34
N TRP A 416 -14.78 -15.66 -13.56
CA TRP A 416 -13.35 -15.78 -13.31
C TRP A 416 -13.02 -15.33 -11.90
N SER A 417 -12.06 -15.95 -11.21
CA SER A 417 -11.78 -15.45 -9.86
C SER A 417 -10.57 -16.13 -9.24
N ASN A 418 -10.19 -15.62 -8.09
CA ASN A 418 -9.10 -16.13 -7.26
C ASN A 418 -7.89 -16.49 -8.10
N ILE A 419 -7.41 -15.56 -8.93
CA ILE A 419 -6.22 -15.86 -9.72
C ILE A 419 -4.96 -15.81 -8.87
N ARG A 420 -4.31 -16.97 -8.74
CA ARG A 420 -3.05 -17.08 -8.01
C ARG A 420 -1.99 -17.61 -8.97
N PHE A 421 -0.75 -17.31 -8.65
CA PHE A 421 0.41 -17.72 -9.44
C PHE A 421 1.65 -17.69 -8.56
N GLY A 422 2.61 -18.54 -8.88
CA GLY A 422 3.88 -18.63 -8.19
C GLY A 422 4.63 -19.89 -8.61
N PRO A 423 5.72 -20.26 -7.94
CA PRO A 423 6.43 -21.49 -8.27
C PRO A 423 5.50 -22.68 -8.30
N ILE A 424 5.92 -23.78 -8.93
CA ILE A 424 4.99 -24.92 -8.86
C ILE A 424 4.93 -25.36 -7.40
N GLY A 425 3.80 -25.84 -6.95
CA GLY A 425 3.55 -26.40 -5.63
C GLY A 425 3.03 -25.36 -4.65
N SER A 426 3.20 -24.12 -5.07
CA SER A 426 2.96 -22.90 -4.33
C SER A 426 1.56 -22.32 -4.43
N THR A 427 0.77 -22.54 -5.47
CA THR A 427 -0.58 -21.96 -5.53
C THR A 427 -1.56 -22.83 -4.75
N TYR A 428 -1.77 -24.09 -5.17
CA TYR A 428 -2.55 -24.97 -4.30
C TYR A 428 -1.64 -26.05 -3.72
N ASP A 429 -2.04 -26.55 -2.57
CA ASP A 429 -1.43 -27.55 -1.71
C ASP A 429 -1.46 -28.95 -2.32
N PHE A 430 -1.36 -29.04 -3.64
CA PHE A 430 -1.46 -30.32 -4.32
C PHE A 430 -0.43 -30.43 -5.43
N PCA B 1 11.31 -22.32 21.22
CA PCA B 1 11.19 -21.17 22.12
CB PCA B 1 12.60 -20.59 22.08
CG PCA B 1 13.20 -21.03 20.80
CD PCA B 1 12.31 -22.05 20.17
OE PCA B 1 12.73 -22.89 19.38
C PCA B 1 10.20 -20.14 21.60
O PCA B 1 10.07 -19.91 20.41
N ARG B 2 9.47 -19.51 22.53
CA ARG B 2 8.52 -18.47 22.17
C ARG B 2 9.22 -17.38 21.37
N ALA B 3 8.44 -16.44 20.83
CA ALA B 3 9.05 -15.42 19.99
C ALA B 3 9.02 -14.03 20.62
N GLY B 4 9.99 -13.70 21.43
CA GLY B 4 10.37 -12.41 21.99
C GLY B 4 9.36 -11.33 21.83
N ASN B 5 9.20 -10.34 22.73
CA ASN B 5 8.44 -9.19 22.24
C ASN B 5 9.27 -7.90 22.31
N GLU B 6 10.37 -7.93 23.04
CA GLU B 6 11.25 -6.83 23.39
C GLU B 6 11.98 -6.19 22.22
N THR B 7 12.36 -6.98 21.21
CA THR B 7 13.02 -6.37 20.06
C THR B 7 12.38 -6.85 18.76
N PRO B 8 11.98 -5.92 17.90
CA PRO B 8 11.38 -6.31 16.63
C PRO B 8 12.39 -7.16 15.86
N GLU B 9 11.87 -7.98 14.97
CA GLU B 9 12.62 -8.81 14.04
C GLU B 9 12.22 -8.38 12.62
N ASN B 10 13.18 -7.81 11.93
CA ASN B 10 13.09 -7.26 10.60
C ASN B 10 14.13 -7.85 9.67
N HIS B 11 13.81 -8.97 9.04
CA HIS B 11 14.68 -9.55 8.04
C HIS B 11 15.09 -8.51 7.02
N PRO B 12 16.40 -8.30 6.89
CA PRO B 12 16.95 -7.46 5.83
C PRO B 12 16.76 -8.15 4.47
N PRO B 13 16.01 -7.49 3.61
CA PRO B 13 15.70 -8.07 2.31
C PRO B 13 16.99 -8.25 1.48
N LEU B 14 16.95 -9.23 0.60
CA LEU B 14 17.95 -9.65 -0.34
C LEU B 14 17.34 -9.95 -1.71
N THR B 15 17.89 -9.38 -2.78
CA THR B 15 17.40 -9.71 -4.12
C THR B 15 18.32 -10.72 -4.78
N TRP B 16 17.76 -11.84 -5.24
CA TRP B 16 18.59 -12.88 -5.86
C TRP B 16 18.01 -13.27 -7.21
N GLN B 17 18.53 -14.26 -7.96
CA GLN B 17 17.91 -14.44 -9.27
C GLN B 17 17.64 -15.88 -9.64
N ARG B 18 16.37 -16.20 -9.97
CA ARG B 18 16.12 -17.54 -10.51
C ARG B 18 16.59 -17.55 -11.97
N CYS B 19 16.97 -18.72 -12.47
CA CYS B 19 17.37 -18.79 -13.88
C CYS B 19 16.76 -20.03 -14.52
N THR B 20 16.36 -19.85 -15.78
CA THR B 20 15.78 -21.02 -16.45
C THR B 20 16.56 -21.39 -17.70
N ALA B 21 17.61 -20.60 -17.96
CA ALA B 21 18.39 -20.75 -19.18
C ALA B 21 19.37 -19.59 -19.34
N PRO B 22 20.43 -19.85 -20.10
CA PRO B 22 21.45 -18.84 -20.43
C PRO B 22 20.83 -17.49 -20.79
N GLY B 23 21.12 -16.52 -19.93
CA GLY B 23 20.55 -15.18 -19.99
C GLY B 23 19.03 -15.28 -19.98
N ASN B 24 18.45 -15.19 -18.79
CA ASN B 24 17.04 -15.38 -18.56
C ASN B 24 16.71 -15.61 -17.08
N CYS B 25 16.96 -14.59 -16.25
CA CYS B 25 16.90 -14.76 -14.82
C CYS B 25 16.07 -13.69 -14.11
N GLN B 26 14.95 -14.16 -13.56
CA GLN B 26 13.98 -13.36 -12.84
C GLN B 26 14.47 -13.06 -11.43
N THR B 27 14.57 -11.80 -11.02
CA THR B 27 15.01 -11.63 -9.62
C THR B 27 13.83 -11.89 -8.68
N VAL B 28 14.10 -12.57 -7.59
CA VAL B 28 13.10 -12.91 -6.59
C VAL B 28 13.40 -12.23 -5.25
N ASN B 29 12.83 -11.04 -5.14
CA ASN B 29 12.79 -10.17 -3.99
C ASN B 29 12.61 -10.98 -2.72
N ALA B 30 13.75 -11.32 -2.10
CA ALA B 30 13.72 -12.20 -0.94
C ALA B 30 14.19 -11.48 0.32
N GLU B 31 14.60 -12.29 1.29
CA GLU B 31 14.97 -11.80 2.61
C GLU B 31 15.76 -12.85 3.38
N VAL B 32 16.62 -12.35 4.25
CA VAL B 32 17.59 -13.16 4.98
C VAL B 32 17.43 -12.97 6.48
N VAL B 33 17.77 -13.99 7.24
CA VAL B 33 17.63 -13.94 8.69
C VAL B 33 18.86 -14.47 9.41
N ILE B 34 19.29 -13.86 10.50
CA ILE B 34 20.41 -14.43 11.25
C ILE B 34 19.99 -15.65 12.05
N ASP B 35 20.86 -16.64 12.17
CA ASP B 35 20.65 -17.82 13.00
C ASP B 35 20.28 -17.44 14.44
N ALA B 36 19.40 -18.20 15.08
CA ALA B 36 18.89 -17.97 16.42
C ALA B 36 19.99 -17.92 17.47
N ASN B 37 20.92 -18.86 17.44
CA ASN B 37 21.95 -19.04 18.47
C ASN B 37 22.60 -17.73 18.85
N TRP B 38 22.73 -16.80 17.91
CA TRP B 38 23.22 -15.46 18.13
C TRP B 38 22.26 -14.56 18.89
N ARG B 39 21.08 -15.02 19.29
CA ARG B 39 20.01 -14.20 19.81
C ARG B 39 19.82 -14.21 21.32
N TRP B 40 19.38 -13.05 21.84
CA TRP B 40 19.07 -12.86 23.24
C TRP B 40 17.99 -13.83 23.72
N LEU B 41 18.28 -14.64 24.73
CA LEU B 41 17.30 -15.48 25.38
C LEU B 41 17.11 -14.95 26.82
N HIS B 42 15.91 -14.46 27.06
CA HIS B 42 15.34 -13.83 28.23
C HIS B 42 14.09 -14.59 28.65
N ASP B 43 13.57 -14.36 29.86
CA ASP B 43 12.39 -15.11 30.32
C ASP B 43 11.16 -14.23 30.41
N ASP B 44 10.05 -14.71 30.98
CA ASP B 44 8.87 -13.82 31.01
C ASP B 44 9.02 -12.67 32.01
N ASN B 45 10.14 -12.61 32.72
CA ASN B 45 10.44 -11.53 33.64
C ASN B 45 11.88 -11.04 33.41
N MET B 46 12.23 -10.98 32.15
CA MET B 46 13.39 -10.49 31.45
C MET B 46 14.72 -10.98 31.99
N GLN B 47 14.79 -11.70 33.12
CA GLN B 47 16.13 -12.16 33.53
C GLN B 47 16.70 -13.11 32.48
N ASN B 48 18.00 -13.01 32.21
CA ASN B 48 18.50 -13.84 31.10
C ASN B 48 18.36 -15.33 31.36
N CYS B 49 18.22 -16.06 30.26
CA CYS B 49 17.95 -17.48 30.26
C CYS B 49 19.22 -18.31 30.14
N TYR B 50 20.23 -17.67 29.59
CA TYR B 50 21.57 -18.02 29.22
C TYR B 50 22.45 -16.76 29.27
N ASP B 51 23.75 -16.95 29.47
CA ASP B 51 24.68 -15.83 29.65
C ASP B 51 26.14 -16.27 29.70
N GLY B 52 26.96 -15.54 28.95
CA GLY B 52 28.35 -15.93 28.80
C GLY B 52 28.33 -17.26 28.04
N ASN B 53 29.27 -18.14 28.33
CA ASN B 53 29.21 -19.46 27.72
C ASN B 53 28.30 -20.37 28.53
N GLN B 54 27.29 -19.81 29.22
CA GLN B 54 26.50 -20.76 30.02
C GLN B 54 25.11 -20.25 30.37
N TRP B 55 24.29 -21.21 30.77
CA TRP B 55 22.91 -21.12 31.19
C TRP B 55 22.68 -20.54 32.57
N THR B 56 22.08 -19.35 32.60
CA THR B 56 21.70 -18.72 33.86
C THR B 56 20.73 -19.59 34.63
N ASN B 57 20.83 -19.59 35.97
CA ASN B 57 19.93 -20.46 36.72
C ASN B 57 18.61 -19.76 36.99
N ALA B 58 18.01 -19.41 35.87
CA ALA B 58 16.72 -18.90 35.53
C ALA B 58 16.01 -19.96 34.66
N CYS B 59 16.62 -21.13 34.64
CA CYS B 59 16.20 -22.31 33.89
C CYS B 59 16.79 -23.59 34.45
N SER B 60 16.31 -24.77 34.03
CA SER B 60 16.90 -25.97 34.63
C SER B 60 16.90 -27.22 33.77
N THR B 61 15.91 -27.46 32.92
CA THR B 61 15.88 -28.70 32.14
C THR B 61 15.66 -28.46 30.65
N ALA B 62 16.07 -29.43 29.84
CA ALA B 62 16.01 -29.31 28.38
C ALA B 62 14.59 -29.08 27.86
N THR B 63 13.58 -29.34 28.68
CA THR B 63 12.21 -29.02 28.30
C THR B 63 11.72 -27.68 28.84
N ASP B 64 11.79 -27.41 30.14
CA ASP B 64 11.26 -26.15 30.66
C ASP B 64 11.89 -24.93 30.01
N CYS B 65 13.18 -24.98 29.71
CA CYS B 65 13.84 -23.85 29.05
C CYS B 65 13.09 -23.41 27.81
N ALA B 66 12.70 -24.40 27.00
CA ALA B 66 11.87 -24.08 25.84
C ALA B 66 10.50 -23.58 26.27
N GLU B 67 10.14 -23.79 27.54
CA GLU B 67 8.87 -23.34 28.09
C GLU B 67 8.93 -21.87 28.47
N LYS B 68 9.78 -21.54 29.41
CA LYS B 68 9.89 -20.23 30.02
C LYS B 68 10.76 -19.24 29.24
N CYS B 69 11.60 -19.73 28.33
CA CYS B 69 12.49 -18.86 27.59
C CYS B 69 11.96 -18.38 26.23
N MET B 70 12.20 -17.10 25.99
CA MET B 70 11.87 -16.41 24.74
C MET B 70 13.08 -15.88 23.98
N ILE B 71 13.00 -15.87 22.64
CA ILE B 71 14.06 -15.29 21.83
C ILE B 71 13.60 -13.94 21.24
N GLU B 72 14.59 -13.06 21.10
CA GLU B 72 14.39 -11.70 20.66
C GLU B 72 14.92 -11.44 19.24
N GLY B 73 14.44 -10.35 18.65
CA GLY B 73 14.66 -9.81 17.34
C GLY B 73 16.08 -9.39 17.07
N ALA B 74 16.43 -9.12 15.81
CA ALA B 74 17.79 -8.66 15.59
C ALA B 74 17.94 -7.14 15.64
N GLY B 75 16.96 -6.40 16.13
CA GLY B 75 16.97 -4.95 16.19
C GLY B 75 17.52 -4.29 14.93
N ASP B 76 18.57 -3.52 15.10
CA ASP B 76 19.47 -2.88 14.15
C ASP B 76 20.60 -3.86 13.85
N TYR B 77 20.28 -4.82 12.99
CA TYR B 77 21.10 -5.93 12.52
C TYR B 77 22.57 -5.54 12.48
N LEU B 78 22.82 -4.51 11.68
CA LEU B 78 24.06 -3.81 11.47
C LEU B 78 24.84 -3.52 12.74
N GLY B 79 24.22 -2.89 13.73
CA GLY B 79 24.95 -2.55 14.96
C GLY B 79 25.07 -3.74 15.89
N THR B 80 23.99 -4.53 16.01
CA THR B 80 24.11 -5.73 16.84
C THR B 80 25.15 -6.65 16.25
N TYR B 81 25.02 -6.77 14.93
CA TYR B 81 25.67 -7.85 14.20
C TYR B 81 26.67 -7.43 13.16
N GLY B 82 26.47 -6.29 12.52
CA GLY B 82 27.44 -5.84 11.51
C GLY B 82 27.05 -6.39 10.15
N ALA B 83 25.91 -7.09 10.09
CA ALA B 83 25.50 -7.58 8.78
C ALA B 83 24.62 -6.50 8.16
N SER B 84 25.07 -5.79 7.13
CA SER B 84 24.04 -4.91 6.55
C SER B 84 23.72 -5.48 5.17
N THR B 85 22.59 -5.07 4.63
CA THR B 85 22.20 -5.60 3.31
C THR B 85 21.89 -4.45 2.38
N SER B 86 21.95 -4.69 1.07
CA SER B 86 21.70 -3.60 0.11
C SER B 86 21.73 -4.13 -1.31
N GLY B 87 20.61 -4.02 -2.01
CA GLY B 87 20.44 -4.52 -3.36
C GLY B 87 20.43 -6.04 -3.35
N ASP B 88 21.53 -6.62 -3.83
CA ASP B 88 21.73 -8.06 -3.89
C ASP B 88 22.91 -8.50 -3.03
N ALA B 89 23.46 -7.52 -2.32
CA ALA B 89 24.65 -7.73 -1.49
C ALA B 89 24.31 -7.76 -0.01
N LEU B 90 24.47 -8.92 0.60
CA LEU B 90 24.32 -9.14 2.04
C LEU B 90 25.69 -8.95 2.67
N THR B 91 25.94 -7.86 3.36
CA THR B 91 27.31 -7.57 3.82
C THR B 91 27.53 -8.05 5.24
N LEU B 92 28.69 -8.58 5.59
CA LEU B 92 28.85 -9.09 6.95
C LEU B 92 30.26 -8.89 7.51
N LYS B 93 30.35 -8.00 8.50
CA LYS B 93 31.60 -7.71 9.18
C LYS B 93 32.03 -8.89 10.05
N PHE B 94 33.32 -9.00 10.29
CA PHE B 94 33.89 -9.97 11.21
C PHE B 94 33.47 -9.59 12.62
N VAL B 95 34.17 -8.59 13.15
CA VAL B 95 33.90 -8.15 14.51
C VAL B 95 33.05 -6.88 14.58
N THR B 96 32.10 -6.94 15.51
CA THR B 96 31.26 -5.82 15.91
C THR B 96 31.58 -5.48 17.36
N LYS B 97 32.66 -4.71 17.59
CA LYS B 97 32.95 -4.33 18.97
C LYS B 97 32.00 -3.20 19.35
N HIS B 98 30.96 -3.50 20.13
CA HIS B 98 29.99 -2.46 20.41
C HIS B 98 30.14 -1.89 21.84
N GLU B 99 29.19 -1.03 22.08
CA GLU B 99 28.83 -0.18 23.20
C GLU B 99 28.56 -1.00 24.46
N TYR B 100 28.37 -2.31 24.26
CA TYR B 100 28.14 -3.26 25.34
C TYR B 100 28.90 -4.54 25.03
N GLY B 101 29.97 -4.38 24.25
CA GLY B 101 30.81 -5.51 23.93
C GLY B 101 31.40 -5.52 22.53
N THR B 102 31.16 -6.65 21.85
CA THR B 102 31.81 -7.09 20.64
C THR B 102 31.22 -8.41 20.14
N ASN B 103 30.91 -8.56 18.87
CA ASN B 103 30.23 -9.74 18.34
C ASN B 103 31.10 -10.74 17.59
N VAL B 104 30.87 -12.03 17.80
CA VAL B 104 31.61 -13.08 17.10
C VAL B 104 30.90 -13.52 15.81
N GLY B 105 31.34 -12.99 14.68
CA GLY B 105 30.88 -13.37 13.36
C GLY B 105 29.39 -13.54 13.27
N SER B 106 28.89 -14.44 12.41
CA SER B 106 27.44 -14.53 12.25
C SER B 106 27.07 -15.60 11.23
N ARG B 107 25.90 -16.20 11.37
CA ARG B 107 25.38 -17.16 10.41
C ARG B 107 24.06 -16.63 9.85
N PHE B 108 23.83 -16.76 8.55
CA PHE B 108 22.59 -16.22 7.97
C PHE B 108 21.85 -17.25 7.14
N TYR B 109 20.56 -16.98 6.92
CA TYR B 109 19.80 -17.87 6.03
C TYR B 109 19.09 -17.03 4.98
N LEU B 110 18.92 -17.55 3.78
CA LEU B 110 18.04 -16.83 2.85
C LEU B 110 16.64 -17.42 2.93
N MET B 111 15.61 -16.61 3.19
CA MET B 111 14.31 -17.24 3.35
C MET B 111 13.42 -16.98 2.12
N ASN B 112 12.21 -17.46 2.26
CA ASN B 112 11.15 -17.52 1.29
C ASN B 112 9.88 -16.96 1.90
N GLY B 113 9.86 -15.66 2.21
CA GLY B 113 8.71 -15.27 3.04
C GLY B 113 9.21 -15.30 4.49
N PRO B 114 8.68 -14.40 5.30
CA PRO B 114 9.21 -14.12 6.63
C PRO B 114 9.07 -15.28 7.63
N ASP B 115 8.71 -16.46 7.20
CA ASP B 115 8.46 -17.65 7.97
C ASP B 115 8.97 -18.97 7.39
N LYS B 116 9.71 -18.97 6.28
CA LYS B 116 10.21 -20.20 5.69
C LYS B 116 11.56 -19.94 5.02
N TYR B 117 12.47 -20.90 5.12
CA TYR B 117 13.76 -20.82 4.44
C TYR B 117 13.59 -21.13 2.96
N GLN B 118 14.15 -20.32 2.06
CA GLN B 118 14.01 -20.67 0.65
C GLN B 118 14.69 -22.02 0.43
N MET B 119 13.92 -23.02 0.01
CA MET B 119 14.55 -24.32 -0.26
C MET B 119 15.03 -24.37 -1.70
N PHE B 120 16.15 -25.02 -1.95
CA PHE B 120 16.67 -25.12 -3.32
C PHE B 120 16.68 -26.59 -3.75
N ASN B 121 16.92 -26.81 -5.03
CA ASN B 121 16.94 -28.13 -5.64
C ASN B 121 18.24 -28.37 -6.38
N LEU B 122 19.21 -28.98 -5.72
CA LEU B 122 20.57 -29.05 -6.21
C LEU B 122 20.81 -30.05 -7.34
N MET B 123 20.12 -31.19 -7.28
CA MET B 123 20.46 -32.21 -8.28
C MET B 123 20.18 -31.70 -9.69
N GLY B 124 21.26 -31.60 -10.45
CA GLY B 124 21.26 -31.13 -11.82
C GLY B 124 21.40 -29.62 -11.89
N ASN B 125 21.36 -28.95 -10.76
CA ASN B 125 21.37 -27.48 -10.74
C ASN B 125 22.70 -26.88 -10.33
N GLU B 126 22.73 -25.56 -10.20
CA GLU B 126 23.94 -24.80 -9.92
C GLU B 126 23.59 -23.44 -9.30
N LEU B 127 24.52 -23.06 -8.42
CA LEU B 127 24.52 -21.85 -7.63
C LEU B 127 25.69 -20.94 -8.03
N ALA B 128 25.33 -19.78 -8.56
CA ALA B 128 26.28 -18.73 -8.87
C ALA B 128 26.14 -17.55 -7.91
N PHE B 129 27.27 -17.03 -7.46
CA PHE B 129 27.28 -15.81 -6.63
C PHE B 129 28.55 -15.02 -6.89
N ASP B 130 28.63 -13.78 -6.44
CA ASP B 130 29.85 -13.00 -6.36
C ASP B 130 30.24 -12.82 -4.89
N VAL B 131 31.51 -12.57 -4.64
CA VAL B 131 32.03 -12.39 -3.29
C VAL B 131 33.30 -11.53 -3.30
N ASP B 132 33.35 -10.51 -2.44
CA ASP B 132 34.63 -9.87 -2.19
C ASP B 132 35.08 -10.26 -0.78
N LEU B 133 36.25 -10.88 -0.71
CA LEU B 133 36.74 -11.44 0.55
C LEU B 133 38.17 -11.00 0.85
N SER B 134 38.60 -9.95 0.16
CA SER B 134 39.95 -9.45 0.23
C SER B 134 40.37 -9.11 1.66
N THR B 135 39.43 -8.82 2.54
CA THR B 135 39.70 -8.38 3.90
C THR B 135 39.36 -9.47 4.94
N VAL B 136 39.35 -10.70 4.48
CA VAL B 136 39.08 -11.92 5.24
C VAL B 136 40.37 -12.68 5.49
N GLU B 137 41.11 -12.31 6.53
CA GLU B 137 42.46 -12.82 6.76
C GLU B 137 42.55 -14.30 7.11
N CYS B 138 43.80 -14.78 7.22
CA CYS B 138 44.12 -16.10 7.75
C CYS B 138 43.27 -16.35 8.99
N GLY B 139 42.64 -17.50 9.18
CA GLY B 139 41.88 -17.61 10.42
C GLY B 139 40.70 -16.64 10.40
N ILE B 140 39.83 -16.90 9.45
CA ILE B 140 38.54 -16.33 9.15
C ILE B 140 37.96 -17.17 7.99
N ASN B 141 36.67 -17.43 8.05
CA ASN B 141 36.05 -18.27 7.01
C ASN B 141 34.80 -17.55 6.49
N SER B 142 34.99 -16.95 5.32
CA SER B 142 33.97 -16.45 4.43
C SER B 142 33.27 -17.68 3.82
N ALA B 143 32.19 -18.04 4.47
CA ALA B 143 31.40 -19.23 4.28
C ALA B 143 30.05 -18.99 3.63
N LEU B 144 29.79 -19.77 2.59
CA LEU B 144 28.45 -19.83 2.01
C LEU B 144 28.17 -21.30 1.71
N TYR B 145 26.97 -21.81 1.92
CA TYR B 145 26.72 -23.23 1.72
C TYR B 145 25.24 -23.60 1.82
N PHE B 146 24.95 -24.88 1.63
CA PHE B 146 23.63 -25.47 1.63
C PHE B 146 23.43 -26.50 2.73
N VAL B 147 22.55 -26.23 3.71
CA VAL B 147 22.40 -27.33 4.67
C VAL B 147 20.96 -27.82 4.67
N ALA B 148 20.77 -29.12 4.75
CA ALA B 148 19.41 -29.65 4.74
C ALA B 148 18.75 -29.67 6.13
N MET B 149 18.36 -28.50 6.55
CA MET B 149 17.52 -27.81 7.47
C MET B 149 16.06 -27.87 7.02
N GLU B 150 15.08 -27.98 7.91
CA GLU B 150 13.71 -28.01 7.36
C GLU B 150 13.35 -26.70 6.72
N GLU B 151 12.28 -26.63 5.93
CA GLU B 151 11.88 -25.33 5.40
C GLU B 151 11.26 -24.49 6.51
N ASP B 152 10.77 -25.14 7.57
CA ASP B 152 10.14 -24.30 8.61
C ASP B 152 11.02 -24.07 9.84
N GLY B 153 12.31 -24.37 9.84
CA GLY B 153 13.13 -24.17 11.04
C GLY B 153 12.96 -25.34 11.99
N GLY B 154 12.04 -26.24 11.69
CA GLY B 154 11.73 -27.39 12.53
C GLY B 154 10.51 -27.12 13.39
N MET B 155 9.68 -26.22 12.90
CA MET B 155 8.45 -25.72 13.45
C MET B 155 7.44 -26.84 13.70
N ALA B 156 7.11 -27.58 12.65
CA ALA B 156 6.17 -28.69 12.65
C ALA B 156 6.73 -29.95 13.29
N SER B 157 7.92 -30.34 12.85
CA SER B 157 8.58 -31.51 13.42
C SER B 157 8.68 -31.39 14.94
N TYR B 158 8.82 -30.17 15.43
CA TYR B 158 9.12 -29.78 16.80
C TYR B 158 8.25 -28.65 17.30
N PRO B 159 7.00 -28.92 17.65
CA PRO B 159 6.11 -27.89 18.20
C PRO B 159 6.59 -27.20 19.46
N SER B 160 7.70 -27.60 20.06
CA SER B 160 8.16 -26.94 21.28
C SER B 160 9.06 -25.75 20.94
N ASN B 161 9.17 -25.52 19.63
CA ASN B 161 9.99 -24.44 19.09
C ASN B 161 9.03 -23.40 18.51
N GLN B 162 8.74 -22.35 19.25
CA GLN B 162 7.77 -21.34 18.83
C GLN B 162 8.37 -20.23 17.98
N ALA B 163 9.58 -20.38 17.44
CA ALA B 163 10.10 -19.25 16.65
C ALA B 163 10.23 -19.60 15.18
N GLY B 164 10.71 -20.80 14.88
CA GLY B 164 10.86 -21.24 13.49
C GLY B 164 11.69 -20.24 12.68
N ALA B 165 11.61 -20.37 11.38
CA ALA B 165 12.37 -19.78 10.31
C ALA B 165 12.58 -18.28 10.45
N ARG B 166 11.53 -17.60 10.92
CA ARG B 166 11.58 -16.15 11.08
C ARG B 166 12.55 -15.76 12.20
N TYR B 167 12.81 -16.70 13.13
CA TYR B 167 13.82 -16.38 14.14
C TYR B 167 15.08 -17.21 13.90
N GLY B 168 15.13 -17.84 12.74
CA GLY B 168 16.34 -18.49 12.28
C GLY B 168 16.78 -19.64 13.14
N THR B 169 15.89 -20.63 13.36
CA THR B 169 16.37 -21.72 14.21
C THR B 169 16.62 -22.99 13.42
N GLY B 170 17.00 -24.06 14.12
CA GLY B 170 17.08 -25.39 13.58
C GLY B 170 18.22 -25.67 12.63
N TYR B 171 19.29 -24.88 12.79
CA TYR B 171 20.49 -25.12 12.01
C TYR B 171 20.90 -26.58 12.09
N CYS B 172 21.55 -27.06 11.04
CA CYS B 172 22.04 -28.44 10.98
C CYS B 172 23.10 -28.55 9.89
N ASP B 173 24.23 -29.12 10.26
CA ASP B 173 25.29 -29.48 9.32
C ASP B 173 25.88 -30.85 9.62
N ALA B 174 27.11 -31.12 9.16
CA ALA B 174 27.55 -32.52 9.21
C ALA B 174 28.57 -32.74 10.31
N GLN B 175 29.06 -31.68 10.93
CA GLN B 175 29.86 -31.88 12.15
C GLN B 175 28.89 -31.92 13.34
N CYS B 176 27.62 -31.71 13.04
CA CYS B 176 26.56 -31.66 14.05
C CYS B 176 26.71 -30.39 14.89
N ALA B 177 25.60 -29.76 15.28
CA ALA B 177 25.71 -28.52 16.06
C ALA B 177 25.52 -28.70 17.56
N ARG B 178 26.54 -29.15 18.27
CA ARG B 178 26.43 -29.26 19.72
C ARG B 178 26.71 -27.93 20.39
N ASP B 179 26.86 -26.91 19.55
CA ASP B 179 27.04 -25.53 19.96
C ASP B 179 25.71 -24.78 20.00
N LEU B 180 24.64 -25.44 19.57
CA LEU B 180 23.33 -24.84 19.51
C LEU B 180 22.64 -24.82 20.88
N LYS B 181 22.24 -23.61 21.25
CA LYS B 181 21.55 -23.37 22.51
C LYS B 181 20.30 -24.22 22.57
N PHE B 182 19.72 -24.39 21.38
CA PHE B 182 18.49 -25.13 21.18
C PHE B 182 18.63 -26.13 20.05
N VAL B 183 18.40 -27.40 20.33
CA VAL B 183 18.48 -28.45 19.31
C VAL B 183 17.23 -29.34 19.37
N GLY B 184 16.76 -29.80 18.22
CA GLY B 184 15.55 -30.58 18.10
C GLY B 184 14.43 -30.09 18.99
N GLY B 185 14.31 -28.77 19.11
CA GLY B 185 13.37 -28.05 19.93
C GLY B 185 13.77 -27.93 21.37
N LYS B 186 14.91 -28.49 21.79
CA LYS B 186 15.20 -28.39 23.22
C LYS B 186 16.50 -27.64 23.51
N ALA B 187 16.54 -27.11 24.73
CA ALA B 187 17.67 -26.31 25.17
C ALA B 187 18.81 -27.20 25.65
N ASN B 188 20.02 -26.95 25.19
CA ASN B 188 21.15 -27.75 25.64
C ASN B 188 21.61 -27.33 27.01
N ILE B 189 20.72 -26.96 27.93
CA ILE B 189 21.24 -26.47 29.22
C ILE B 189 21.89 -27.59 30.02
N GLU B 190 21.25 -28.76 30.07
CA GLU B 190 21.86 -29.89 30.79
C GLU B 190 23.11 -30.38 30.08
N GLY B 191 24.09 -30.83 30.87
CA GLY B 191 25.37 -31.20 30.29
C GLY B 191 26.11 -30.03 29.67
N TRP B 192 25.64 -28.79 29.81
CA TRP B 192 26.34 -27.69 29.14
C TRP B 192 27.68 -27.39 29.82
N LYS B 193 28.69 -27.45 28.97
CA LYS B 193 30.10 -27.18 29.23
C LYS B 193 30.49 -25.88 28.54
N SER B 194 30.74 -24.84 29.31
CA SER B 194 31.09 -23.52 28.82
C SER B 194 32.32 -23.59 27.91
N SER B 195 32.31 -22.75 26.88
CA SER B 195 33.47 -22.71 26.00
C SER B 195 34.73 -22.35 26.80
N THR B 196 35.83 -22.98 26.38
CA THR B 196 37.12 -22.61 26.90
C THR B 196 37.34 -21.10 26.67
N SER B 197 37.78 -20.83 25.47
CA SER B 197 38.20 -19.57 24.89
C SER B 197 37.05 -18.66 24.47
N ASP B 198 36.27 -19.05 23.47
CA ASP B 198 35.16 -18.21 23.02
C ASP B 198 34.19 -17.96 24.17
N PRO B 199 34.05 -16.71 24.57
CA PRO B 199 33.39 -16.37 25.82
C PRO B 199 31.88 -16.54 25.74
N ASN B 200 31.36 -16.65 24.51
CA ASN B 200 29.92 -16.84 24.34
C ASN B 200 29.65 -18.04 23.42
N ALA B 201 30.41 -19.10 23.65
CA ALA B 201 30.37 -20.37 22.96
C ALA B 201 30.15 -21.53 23.93
N GLY B 202 29.62 -22.67 23.51
CA GLY B 202 29.45 -23.80 24.40
C GLY B 202 29.13 -25.11 23.69
N VAL B 203 29.06 -26.20 24.45
CA VAL B 203 28.70 -27.52 23.98
C VAL B 203 27.80 -28.25 24.98
N GLY B 204 26.61 -28.65 24.51
CA GLY B 204 25.72 -29.45 25.35
C GLY B 204 25.71 -30.91 24.95
N PRO B 205 24.68 -31.64 25.36
CA PRO B 205 24.53 -33.06 25.05
C PRO B 205 23.85 -33.32 23.72
N TYR B 206 23.31 -32.30 23.04
CA TYR B 206 22.65 -32.67 21.77
C TYR B 206 23.19 -31.92 20.58
N GLY B 207 23.25 -32.54 19.40
CA GLY B 207 23.69 -31.80 18.22
C GLY B 207 22.74 -31.99 17.05
N SER B 208 22.67 -31.00 16.14
CA SER B 208 21.68 -31.07 15.07
C SER B 208 22.30 -31.46 13.76
N CYS B 209 22.09 -32.72 13.32
CA CYS B 209 22.90 -33.00 12.12
C CYS B 209 21.97 -33.02 10.90
N CYS B 210 22.59 -33.28 9.75
CA CYS B 210 21.96 -33.33 8.43
C CYS B 210 23.03 -33.14 7.37
N ALA B 211 22.78 -33.52 6.12
CA ALA B 211 23.85 -33.43 5.11
C ALA B 211 24.31 -32.01 4.92
N GLU B 212 25.42 -31.82 4.19
CA GLU B 212 25.97 -30.47 4.04
C GLU B 212 26.91 -30.38 2.85
N ILE B 213 26.47 -29.60 1.87
CA ILE B 213 27.13 -29.34 0.59
C ILE B 213 27.87 -28.01 0.57
N ASP B 214 29.08 -28.05 1.08
CA ASP B 214 29.99 -26.95 1.29
C ASP B 214 30.42 -26.25 0.01
N VAL B 215 29.51 -25.46 -0.54
CA VAL B 215 29.76 -24.65 -1.72
C VAL B 215 31.03 -23.81 -1.59
N TRP B 216 31.30 -23.26 -0.41
CA TRP B 216 32.43 -22.35 -0.27
C TRP B 216 32.81 -22.04 1.17
N GLU B 217 33.96 -22.53 1.62
CA GLU B 217 34.66 -22.09 2.83
C GLU B 217 36.01 -21.52 2.42
N SER B 218 36.43 -20.36 2.91
CA SER B 218 37.66 -19.77 2.36
C SER B 218 38.00 -18.43 3.02
N ASN B 219 39.21 -17.98 2.78
CA ASN B 219 39.75 -16.67 3.10
C ASN B 219 40.36 -16.08 1.81
N ALA B 220 41.17 -15.04 1.94
CA ALA B 220 41.88 -14.50 0.79
C ALA B 220 43.15 -15.33 0.52
N TYR B 221 43.34 -16.39 1.30
CA TYR B 221 44.50 -17.24 1.07
C TYR B 221 44.14 -18.61 0.51
N ALA B 222 43.08 -19.25 1.01
CA ALA B 222 42.70 -20.59 0.57
C ALA B 222 41.18 -20.80 0.61
N PHE B 223 40.67 -21.59 -0.33
CA PHE B 223 39.29 -22.02 -0.44
C PHE B 223 39.19 -23.55 -0.43
N ALA B 224 37.99 -24.08 -0.21
CA ALA B 224 37.70 -25.49 -0.37
C ALA B 224 36.23 -25.77 -0.72
N PHE B 225 36.05 -26.55 -1.78
CA PHE B 225 34.71 -27.03 -2.13
C PHE B 225 34.51 -28.39 -1.47
N THR B 226 33.41 -28.73 -0.80
CA THR B 226 33.46 -30.01 -0.08
C THR B 226 32.13 -30.56 0.40
N PRO B 227 31.58 -31.50 -0.36
CA PRO B 227 30.30 -32.11 -0.01
C PRO B 227 30.43 -32.99 1.24
N HIS B 228 29.36 -33.07 2.03
CA HIS B 228 29.28 -33.80 3.28
C HIS B 228 27.99 -34.63 3.26
N ALA B 229 28.13 -35.94 3.39
CA ALA B 229 26.95 -36.81 3.37
C ALA B 229 26.76 -37.52 4.71
N CYS B 230 25.54 -37.95 5.01
CA CYS B 230 25.26 -38.69 6.25
C CYS B 230 24.52 -40.01 6.02
N THR B 231 24.54 -40.89 7.03
CA THR B 231 23.75 -42.11 6.90
C THR B 231 22.29 -41.84 7.28
N THR B 232 22.02 -40.58 7.55
CA THR B 232 20.75 -39.90 7.65
C THR B 232 20.94 -38.48 7.11
N ASN B 233 20.33 -38.14 5.98
CA ASN B 233 20.79 -36.86 5.42
C ASN B 233 19.85 -35.73 5.82
N GLU B 234 18.62 -36.08 6.14
CA GLU B 234 17.67 -35.05 6.59
C GLU B 234 18.00 -34.70 8.03
N TYR B 235 17.50 -33.58 8.56
CA TYR B 235 17.76 -33.13 9.92
C TYR B 235 17.59 -34.31 10.87
N HIS B 236 18.36 -34.35 11.95
CA HIS B 236 18.20 -35.47 12.87
C HIS B 236 19.01 -35.21 14.13
N VAL B 237 18.60 -35.76 15.27
CA VAL B 237 19.32 -35.34 16.48
C VAL B 237 20.25 -36.43 16.96
N CYS B 238 21.49 -36.03 17.27
CA CYS B 238 22.38 -36.97 17.93
C CYS B 238 22.47 -36.57 19.42
N GLU B 239 22.58 -37.60 20.23
CA GLU B 239 22.66 -37.62 21.67
C GLU B 239 24.05 -37.93 22.20
N THR B 240 24.83 -36.92 22.55
CA THR B 240 26.06 -37.13 23.30
C THR B 240 27.03 -38.11 22.66
N THR B 241 27.28 -39.28 23.26
CA THR B 241 28.34 -40.15 22.76
C THR B 241 28.16 -40.52 21.29
N ASN B 242 26.91 -40.53 20.81
CA ASN B 242 26.74 -40.94 19.41
C ASN B 242 26.72 -39.74 18.47
N CYS B 243 27.31 -38.68 19.00
CA CYS B 243 27.67 -37.49 18.27
C CYS B 243 29.17 -37.56 17.97
N GLY B 244 29.58 -36.70 17.04
CA GLY B 244 30.95 -36.62 16.56
C GLY B 244 31.26 -35.28 15.95
N GLY B 245 31.87 -35.28 14.75
CA GLY B 245 32.22 -33.97 14.21
C GLY B 245 33.21 -33.25 15.10
N THR B 246 32.96 -31.97 15.35
CA THR B 246 33.93 -31.07 15.94
C THR B 246 33.77 -30.87 17.43
N TYR B 247 32.54 -30.84 17.97
CA TYR B 247 32.51 -30.58 19.42
C TYR B 247 32.62 -31.88 20.21
N SER B 248 32.50 -33.02 19.53
CA SER B 248 32.48 -34.30 20.21
C SER B 248 33.86 -34.96 20.28
N GLU B 249 34.08 -35.66 21.38
CA GLU B 249 35.21 -36.55 21.63
C GLU B 249 35.69 -37.21 20.33
N ASP B 250 34.91 -38.16 19.85
CA ASP B 250 35.13 -38.87 18.61
C ASP B 250 34.58 -38.07 17.44
N ARG B 251 35.44 -37.59 16.55
CA ARG B 251 34.90 -36.81 15.43
C ARG B 251 34.27 -37.76 14.41
N PHE B 252 34.50 -39.06 14.61
CA PHE B 252 33.93 -40.07 13.72
C PHE B 252 32.87 -40.89 14.44
N ALA B 253 32.02 -40.24 15.23
CA ALA B 253 30.93 -41.01 15.85
C ALA B 253 29.59 -40.53 15.32
N GLY B 254 29.59 -39.48 14.50
CA GLY B 254 28.33 -39.07 13.88
C GLY B 254 27.81 -40.16 12.96
N LYS B 255 26.69 -39.93 12.28
CA LYS B 255 26.23 -40.81 11.21
C LYS B 255 26.57 -40.10 9.88
N CYS B 256 27.16 -38.94 10.11
CA CYS B 256 27.66 -37.97 9.17
C CYS B 256 29.20 -37.98 9.19
N ASP B 257 29.66 -37.43 8.10
CA ASP B 257 31.07 -37.23 7.79
C ASP B 257 31.46 -35.82 8.18
N ALA B 258 32.24 -35.67 9.25
CA ALA B 258 32.68 -34.32 9.57
C ALA B 258 33.84 -33.91 8.65
N ASN B 259 34.29 -34.84 7.83
CA ASN B 259 35.43 -34.76 6.92
C ASN B 259 35.07 -34.36 5.50
N GLY B 260 34.07 -34.99 4.89
CA GLY B 260 33.72 -34.77 3.51
C GLY B 260 34.75 -35.21 2.46
N CYS B 261 34.54 -34.80 1.21
CA CYS B 261 35.40 -34.98 0.05
C CYS B 261 35.74 -33.60 -0.56
N ASP B 262 36.67 -32.94 0.10
CA ASP B 262 37.13 -31.61 -0.19
C ASP B 262 38.03 -31.52 -1.41
N TYR B 263 37.80 -30.45 -2.16
CA TYR B 263 38.67 -30.07 -3.26
C TYR B 263 39.16 -28.64 -3.06
N ASN B 264 40.29 -28.53 -2.40
CA ASN B 264 41.02 -27.26 -2.31
C ASN B 264 42.20 -27.43 -3.26
N PRO B 265 42.34 -26.57 -4.25
CA PRO B 265 43.42 -26.80 -5.23
C PRO B 265 44.78 -26.44 -4.65
N TYR B 266 44.83 -25.76 -3.49
CA TYR B 266 46.16 -25.64 -2.85
C TYR B 266 46.51 -27.03 -2.31
N ARG B 267 45.63 -27.57 -1.48
CA ARG B 267 45.79 -28.94 -0.98
C ARG B 267 46.01 -29.93 -2.12
N MET B 268 45.46 -29.65 -3.29
CA MET B 268 45.50 -30.49 -4.47
C MET B 268 46.73 -30.30 -5.33
N GLY B 269 47.39 -29.16 -5.38
CA GLY B 269 48.66 -29.14 -6.12
C GLY B 269 49.11 -27.83 -6.69
N ASN B 270 48.24 -26.84 -6.69
CA ASN B 270 48.54 -25.54 -7.29
C ASN B 270 48.60 -24.43 -6.26
N PRO B 271 49.70 -24.30 -5.53
CA PRO B 271 49.89 -23.22 -4.56
C PRO B 271 49.93 -21.82 -5.15
N ASP B 272 49.82 -21.71 -6.47
CA ASP B 272 49.90 -20.39 -7.08
C ASP B 272 48.59 -20.06 -7.80
N PHE B 273 47.46 -20.65 -7.39
CA PHE B 273 46.23 -20.41 -8.15
C PHE B 273 45.33 -19.36 -7.51
N TYR B 274 44.72 -19.68 -6.38
CA TYR B 274 43.82 -18.76 -5.69
C TYR B 274 44.57 -18.01 -4.60
N GLY B 275 44.28 -16.72 -4.45
CA GLY B 275 44.99 -15.94 -3.45
C GLY B 275 45.35 -14.55 -3.94
N LYS B 276 45.88 -13.72 -3.04
CA LYS B 276 46.14 -12.33 -3.43
C LYS B 276 47.11 -12.25 -4.61
N GLY B 277 46.63 -11.71 -5.73
CA GLY B 277 47.49 -11.41 -6.85
C GLY B 277 47.74 -12.55 -7.80
N LYS B 278 47.08 -13.66 -7.52
CA LYS B 278 47.27 -14.87 -8.31
C LYS B 278 46.38 -14.94 -9.53
N THR B 279 46.43 -16.11 -10.15
CA THR B 279 45.55 -16.50 -11.24
C THR B 279 44.13 -16.08 -10.89
N LEU B 280 43.67 -16.51 -9.72
CA LEU B 280 42.44 -16.02 -9.12
C LEU B 280 42.87 -15.01 -8.04
N ASP B 281 42.47 -13.76 -8.24
CA ASP B 281 42.89 -12.68 -7.33
C ASP B 281 41.84 -12.47 -6.25
N THR B 282 42.19 -12.88 -5.04
CA THR B 282 41.32 -12.78 -3.87
C THR B 282 41.21 -11.37 -3.30
N SER B 283 41.95 -10.44 -3.90
CA SER B 283 41.91 -9.03 -3.51
C SER B 283 40.92 -8.27 -4.40
N ARG B 284 40.20 -9.02 -5.21
CA ARG B 284 39.33 -8.62 -6.29
C ARG B 284 38.08 -9.49 -6.35
N LYS B 285 36.91 -8.88 -6.35
CA LYS B 285 35.63 -9.57 -6.46
C LYS B 285 35.70 -10.65 -7.53
N PHE B 286 34.88 -11.70 -7.44
CA PHE B 286 34.87 -12.73 -8.49
C PHE B 286 33.59 -13.56 -8.42
N THR B 287 33.49 -14.53 -9.33
CA THR B 287 32.28 -15.35 -9.40
C THR B 287 32.55 -16.82 -9.13
N VAL B 288 31.80 -17.40 -8.18
CA VAL B 288 31.93 -18.82 -7.91
C VAL B 288 30.69 -19.57 -8.44
N VAL B 289 30.87 -20.32 -9.52
CA VAL B 289 29.77 -21.07 -10.12
C VAL B 289 29.92 -22.54 -9.73
N SER B 290 28.83 -23.14 -9.24
CA SER B 290 28.92 -24.53 -8.78
C SER B 290 27.69 -25.31 -9.26
N ARG B 291 27.90 -26.47 -9.87
CA ARG B 291 26.88 -27.35 -10.40
C ARG B 291 26.85 -28.70 -9.70
N PHE B 292 25.65 -29.30 -9.61
CA PHE B 292 25.55 -30.57 -8.92
C PHE B 292 24.87 -31.64 -9.77
N GLU B 293 25.56 -32.75 -10.02
CA GLU B 293 24.97 -33.88 -10.76
C GLU B 293 25.40 -35.21 -10.15
N GLU B 294 24.84 -36.30 -10.68
CA GLU B 294 25.23 -37.62 -10.20
C GLU B 294 26.73 -37.82 -10.34
N ASN B 295 27.39 -38.15 -9.25
CA ASN B 295 28.80 -38.50 -9.26
C ASN B 295 29.67 -37.49 -10.01
N LYS B 296 29.57 -36.21 -9.67
CA LYS B 296 30.38 -35.15 -10.24
C LYS B 296 29.95 -33.76 -9.79
N LEU B 297 30.71 -33.21 -8.85
CA LEU B 297 30.54 -31.82 -8.44
C LEU B 297 31.66 -30.99 -9.05
N SER B 298 31.31 -30.01 -9.87
CA SER B 298 32.32 -29.12 -10.45
C SER B 298 32.13 -27.68 -9.99
N GLN B 299 33.05 -26.81 -10.41
CA GLN B 299 32.97 -25.42 -9.95
C GLN B 299 33.88 -24.52 -10.75
N TYR B 300 33.40 -23.41 -11.33
CA TYR B 300 34.43 -22.55 -11.93
C TYR B 300 34.36 -21.15 -11.34
N PHE B 301 35.25 -20.29 -11.82
CA PHE B 301 35.32 -18.89 -11.48
C PHE B 301 34.97 -17.98 -12.65
N ILE B 302 34.56 -16.75 -12.36
CA ILE B 302 34.46 -15.69 -13.33
C ILE B 302 35.11 -14.42 -12.76
N GLN B 303 36.11 -13.88 -13.42
CA GLN B 303 36.70 -12.63 -12.92
C GLN B 303 37.16 -11.75 -14.07
N ASP B 304 36.87 -10.45 -13.96
CA ASP B 304 37.23 -9.55 -15.05
C ASP B 304 36.46 -9.92 -16.31
N GLY B 305 35.32 -10.58 -16.14
CA GLY B 305 34.44 -10.93 -17.23
C GLY B 305 35.04 -12.05 -18.08
N ARG B 306 35.95 -12.79 -17.47
CA ARG B 306 36.72 -13.87 -18.04
C ARG B 306 36.63 -15.14 -17.21
N LYS B 307 36.43 -16.30 -17.85
CA LYS B 307 36.28 -17.56 -17.13
C LYS B 307 37.62 -18.08 -16.59
N ILE B 308 37.55 -18.70 -15.42
CA ILE B 308 38.73 -19.22 -14.75
C ILE B 308 38.42 -20.59 -14.16
N GLU B 309 38.97 -21.65 -14.74
CA GLU B 309 38.68 -23.01 -14.30
C GLU B 309 39.62 -23.44 -13.18
N ILE B 310 39.32 -24.53 -12.50
CA ILE B 310 40.17 -24.96 -11.38
C ILE B 310 41.14 -26.07 -11.79
N PRO B 311 42.43 -25.83 -11.55
CA PRO B 311 43.47 -26.77 -11.98
C PRO B 311 43.33 -28.14 -11.32
N PRO B 312 43.80 -29.15 -12.03
CA PRO B 312 43.70 -30.54 -11.57
C PRO B 312 44.75 -30.83 -10.50
N PRO B 313 44.63 -31.92 -9.77
CA PRO B 313 45.68 -32.30 -8.82
C PRO B 313 46.98 -32.69 -9.50
N THR B 314 48.12 -32.37 -8.87
CA THR B 314 49.40 -32.81 -9.42
C THR B 314 49.80 -34.17 -8.83
N TRP B 315 49.01 -34.59 -7.85
CA TRP B 315 49.24 -35.77 -7.05
C TRP B 315 49.06 -37.05 -7.86
N GLU B 316 50.16 -37.77 -8.05
CA GLU B 316 50.35 -38.95 -8.84
C GLU B 316 49.35 -40.04 -8.44
N GLY B 317 48.51 -40.43 -9.40
CA GLY B 317 47.48 -41.44 -9.24
C GLY B 317 46.15 -40.79 -8.89
N MET B 318 45.88 -39.66 -9.55
CA MET B 318 44.69 -38.86 -9.29
C MET B 318 43.99 -38.50 -10.61
N PRO B 319 42.68 -38.41 -10.61
CA PRO B 319 41.95 -37.99 -11.81
C PRO B 319 42.53 -36.72 -12.42
N ASN B 320 42.51 -36.62 -13.76
CA ASN B 320 43.07 -35.41 -14.36
C ASN B 320 41.99 -34.33 -14.47
N SER B 321 41.25 -34.18 -13.37
CA SER B 321 40.12 -33.28 -13.30
C SER B 321 39.95 -32.65 -11.92
N SER B 322 39.54 -31.40 -11.91
CA SER B 322 39.32 -30.70 -10.64
C SER B 322 37.93 -30.96 -10.10
N GLU B 323 37.23 -31.95 -10.65
CA GLU B 323 35.84 -32.25 -10.37
C GLU B 323 35.65 -33.25 -9.24
N ILE B 324 34.71 -33.01 -8.34
CA ILE B 324 34.51 -33.95 -7.24
C ILE B 324 33.60 -35.10 -7.69
N THR B 325 34.23 -36.24 -7.96
CA THR B 325 33.64 -37.47 -8.48
C THR B 325 34.08 -38.69 -7.67
N PRO B 326 33.42 -39.83 -7.84
CA PRO B 326 33.86 -41.07 -7.19
C PRO B 326 35.32 -41.39 -7.48
N GLU B 327 35.84 -41.04 -8.65
CA GLU B 327 37.24 -41.27 -8.96
C GLU B 327 38.14 -40.49 -8.01
N LEU B 328 37.89 -39.18 -7.93
CA LEU B 328 38.66 -38.32 -7.04
C LEU B 328 38.51 -38.85 -5.61
N CYS B 329 37.28 -38.96 -5.11
CA CYS B 329 37.02 -39.28 -3.71
C CYS B 329 37.27 -40.75 -3.38
N SER B 330 37.82 -41.48 -4.33
CA SER B 330 38.40 -42.79 -4.10
C SER B 330 39.89 -42.61 -3.90
N THR B 331 40.58 -42.19 -4.97
CA THR B 331 42.04 -42.07 -4.90
C THR B 331 42.51 -41.06 -3.86
N MET B 332 41.62 -40.22 -3.38
CA MET B 332 41.82 -39.17 -2.41
C MET B 332 42.40 -39.67 -1.08
N PHE B 333 42.29 -40.97 -0.87
CA PHE B 333 42.85 -41.60 0.32
C PHE B 333 43.83 -42.68 -0.11
N ASP B 334 44.19 -42.52 -1.39
CA ASP B 334 45.26 -43.30 -2.02
C ASP B 334 46.55 -42.48 -1.90
N VAL B 335 46.35 -41.24 -1.46
CA VAL B 335 47.42 -40.25 -1.37
C VAL B 335 47.45 -39.53 -0.03
N PHE B 336 46.31 -39.05 0.47
CA PHE B 336 46.39 -38.25 1.70
C PHE B 336 46.60 -39.08 2.97
N ASN B 337 46.17 -40.34 2.92
CA ASN B 337 46.21 -41.29 4.00
C ASN B 337 45.42 -40.80 5.22
N ASP B 338 44.26 -40.24 4.93
CA ASP B 338 43.30 -39.78 5.94
C ASP B 338 42.24 -40.86 6.16
N ARG B 339 41.67 -40.92 7.37
CA ARG B 339 40.59 -41.89 7.61
C ARG B 339 39.46 -41.61 6.61
N ASN B 340 38.99 -42.61 5.87
CA ASN B 340 38.01 -42.38 4.80
C ASN B 340 36.58 -42.46 5.28
N ARG B 341 36.12 -41.45 6.04
CA ARG B 341 34.74 -41.50 6.52
C ARG B 341 33.75 -41.50 5.35
N PHE B 342 33.99 -40.66 4.36
CA PHE B 342 33.10 -40.48 3.22
C PHE B 342 32.71 -41.82 2.61
N GLU B 343 33.68 -42.71 2.51
CA GLU B 343 33.44 -44.10 2.13
C GLU B 343 32.55 -44.78 3.17
N GLU B 344 32.92 -44.58 4.43
CA GLU B 344 32.30 -45.26 5.56
C GLU B 344 30.82 -44.94 5.69
N VAL B 345 30.40 -43.68 5.52
CA VAL B 345 28.98 -43.39 5.72
C VAL B 345 28.13 -43.60 4.49
N GLY B 346 28.70 -43.97 3.34
CA GLY B 346 27.90 -44.27 2.18
C GLY B 346 28.49 -43.91 0.84
N GLY B 347 29.74 -43.45 0.80
CA GLY B 347 30.40 -43.17 -0.45
C GLY B 347 29.92 -41.97 -1.24
N PHE B 348 29.91 -42.05 -2.57
CA PHE B 348 29.40 -41.01 -3.44
C PHE B 348 27.91 -41.21 -3.69
N GLU B 349 27.51 -42.48 -3.58
CA GLU B 349 26.10 -42.78 -3.81
C GLU B 349 25.25 -42.12 -2.73
N GLN B 350 25.56 -42.39 -1.47
CA GLN B 350 24.97 -41.73 -0.31
C GLN B 350 24.92 -40.22 -0.56
N LEU B 351 26.02 -39.62 -0.97
CA LEU B 351 26.02 -38.20 -1.30
C LEU B 351 25.02 -37.93 -2.43
N ASN B 352 24.92 -38.89 -3.36
CA ASN B 352 23.90 -38.75 -4.40
C ASN B 352 22.54 -38.60 -3.70
N ASN B 353 22.31 -39.40 -2.66
CA ASN B 353 21.12 -39.35 -1.83
C ASN B 353 20.97 -38.00 -1.12
N ALA B 354 22.10 -37.44 -0.71
CA ALA B 354 22.17 -36.16 -0.03
C ALA B 354 21.93 -35.02 -1.00
N LEU B 355 22.28 -35.18 -2.30
CA LEU B 355 22.03 -34.03 -3.19
C LEU B 355 20.54 -33.91 -3.47
N ARG B 356 19.81 -34.96 -3.11
CA ARG B 356 18.35 -34.92 -3.29
C ARG B 356 17.69 -34.63 -1.95
N VAL B 357 18.34 -33.77 -1.14
CA VAL B 357 17.56 -33.37 0.05
C VAL B 357 17.37 -31.87 -0.03
N PRO B 358 16.18 -31.38 0.30
CA PRO B 358 15.90 -29.95 0.30
C PRO B 358 16.99 -29.23 1.09
N MET B 359 17.68 -28.25 0.51
CA MET B 359 18.81 -27.59 1.15
C MET B 359 18.46 -26.15 1.54
N VAL B 360 19.33 -25.56 2.35
CA VAL B 360 19.15 -24.18 2.82
C VAL B 360 20.41 -23.35 2.60
N LEU B 361 20.28 -22.25 1.86
CA LEU B 361 21.47 -21.48 1.49
C LEU B 361 21.91 -20.61 2.67
N VAL B 362 23.19 -20.76 3.00
CA VAL B 362 23.83 -20.21 4.19
C VAL B 362 25.03 -19.34 3.83
N MET B 363 25.19 -18.29 4.62
CA MET B 363 26.20 -17.28 4.50
C MET B 363 26.72 -16.88 5.88
N SER B 364 28.05 -16.91 6.06
CA SER B 364 28.56 -16.64 7.40
C SER B 364 29.99 -16.15 7.43
N ILE B 365 30.42 -15.75 8.63
CA ILE B 365 31.81 -15.36 8.84
C ILE B 365 32.29 -15.82 10.22
N TRP B 366 33.27 -16.72 10.17
CA TRP B 366 33.69 -17.37 11.41
C TRP B 366 35.16 -17.77 11.41
N ASP B 367 35.67 -18.11 12.59
CA ASP B 367 37.00 -18.60 12.86
C ASP B 367 36.91 -19.88 13.71
N ASP B 368 37.83 -20.82 13.58
CA ASP B 368 37.63 -22.04 14.38
C ASP B 368 38.38 -22.00 15.70
N HIS B 369 37.60 -21.93 16.78
CA HIS B 369 38.23 -21.99 18.10
C HIS B 369 38.85 -23.35 18.37
N TYR B 370 38.50 -24.34 17.56
CA TYR B 370 38.99 -25.71 17.69
C TYR B 370 40.28 -25.91 16.91
N ALA B 371 40.28 -25.42 15.66
CA ALA B 371 41.44 -25.70 14.80
C ALA B 371 42.06 -24.44 14.24
N ASN B 372 41.63 -23.27 14.67
CA ASN B 372 42.26 -22.01 14.24
C ASN B 372 42.24 -21.84 12.73
N MET B 373 41.31 -22.52 12.07
CA MET B 373 41.25 -22.40 10.61
C MET B 373 42.51 -22.92 9.95
N LEU B 374 43.24 -23.86 10.58
CA LEU B 374 44.53 -24.23 9.98
C LEU B 374 44.32 -25.33 8.95
N TRP B 375 43.11 -25.90 8.98
CA TRP B 375 42.84 -26.98 8.04
C TRP B 375 42.40 -26.42 6.70
N LEU B 376 42.23 -25.09 6.65
CA LEU B 376 41.76 -24.47 5.42
C LEU B 376 42.79 -23.50 4.86
N ASP B 377 43.69 -22.97 5.69
CA ASP B 377 44.65 -22.03 5.12
C ASP B 377 46.08 -22.39 5.47
N SER B 378 46.33 -23.49 6.18
CA SER B 378 47.69 -23.67 6.66
C SER B 378 48.10 -25.13 6.72
N ILE B 379 49.19 -25.41 7.43
CA ILE B 379 49.56 -26.83 7.56
C ILE B 379 48.67 -27.49 8.61
N TYR B 380 48.03 -28.57 8.20
CA TYR B 380 47.14 -29.33 9.06
C TYR B 380 47.01 -30.78 8.60
N PRO B 381 47.11 -31.73 9.53
CA PRO B 381 47.55 -31.55 10.92
C PRO B 381 49.02 -31.19 11.09
N PRO B 382 49.44 -30.81 12.30
CA PRO B 382 50.81 -30.30 12.44
C PRO B 382 51.83 -31.38 12.72
N GLU B 383 51.38 -32.61 12.96
CA GLU B 383 52.15 -33.78 13.32
C GLU B 383 53.28 -34.08 12.36
N LYS B 384 53.30 -33.48 11.16
CA LYS B 384 54.49 -33.77 10.33
C LYS B 384 54.66 -32.77 9.20
N GLU B 385 53.63 -32.33 8.46
CA GLU B 385 53.91 -31.39 7.39
C GLU B 385 54.88 -31.97 6.36
N GLY B 386 54.68 -31.64 5.08
CA GLY B 386 55.57 -32.12 4.03
C GLY B 386 55.04 -33.37 3.35
N GLN B 387 53.85 -33.79 3.73
CA GLN B 387 53.07 -34.85 3.16
C GLN B 387 51.95 -34.30 2.28
N PRO B 388 51.73 -34.95 1.15
CA PRO B 388 50.61 -34.63 0.26
C PRO B 388 49.34 -34.51 1.09
N GLY B 389 48.74 -33.33 1.01
CA GLY B 389 47.57 -32.96 1.78
C GLY B 389 47.92 -31.99 2.90
N ALA B 390 49.10 -32.17 3.47
CA ALA B 390 49.57 -31.31 4.56
C ALA B 390 49.47 -29.84 4.14
N ALA B 391 49.85 -29.58 2.88
CA ALA B 391 49.77 -28.26 2.31
C ALA B 391 48.37 -27.92 1.79
N ARG B 392 47.68 -26.99 2.43
CA ARG B 392 46.36 -26.50 2.14
C ARG B 392 46.27 -24.98 2.03
N GLY B 393 47.19 -24.20 2.60
CA GLY B 393 47.23 -22.76 2.42
C GLY B 393 48.57 -22.14 2.81
N ASP B 394 48.87 -20.93 2.34
CA ASP B 394 50.12 -20.25 2.62
C ASP B 394 50.17 -19.61 4.00
N CYS B 395 49.14 -19.73 4.84
CA CYS B 395 49.14 -19.04 6.12
C CYS B 395 50.19 -19.55 7.09
N PRO B 396 50.72 -18.69 7.95
CA PRO B 396 51.56 -19.12 9.06
C PRO B 396 50.89 -20.06 10.06
N THR B 397 51.66 -21.07 10.44
CA THR B 397 51.43 -22.00 11.52
C THR B 397 50.64 -21.33 12.65
N ASP B 398 51.23 -20.26 13.07
CA ASP B 398 51.08 -19.11 13.90
C ASP B 398 49.63 -18.63 14.02
N SER B 399 49.14 -18.23 12.87
CA SER B 399 47.88 -17.59 12.55
C SER B 399 46.67 -18.32 13.08
N GLY B 400 45.54 -17.62 13.04
CA GLY B 400 44.24 -18.19 13.28
C GLY B 400 43.78 -18.26 14.72
N VAL B 401 44.69 -18.01 15.65
CA VAL B 401 44.26 -17.99 17.07
C VAL B 401 43.17 -16.93 17.20
N PRO B 402 41.98 -17.45 17.47
CA PRO B 402 40.74 -16.66 17.55
C PRO B 402 40.92 -15.29 18.20
N ALA B 403 41.62 -15.24 19.33
CA ALA B 403 41.80 -13.97 20.02
C ALA B 403 42.72 -13.06 19.21
N GLU B 404 43.65 -13.70 18.48
CA GLU B 404 44.64 -12.88 17.77
C GLU B 404 43.98 -12.16 16.60
N VAL B 405 43.10 -12.90 15.92
CA VAL B 405 42.50 -12.36 14.70
C VAL B 405 41.50 -11.26 14.98
N GLU B 406 40.57 -11.49 15.91
CA GLU B 406 39.60 -10.46 16.28
C GLU B 406 40.31 -9.17 16.65
N ALA B 407 41.46 -9.35 17.29
CA ALA B 407 42.27 -8.24 17.79
C ALA B 407 43.12 -7.64 16.69
N GLN B 408 43.34 -8.38 15.60
CA GLN B 408 44.18 -7.83 14.52
C GLN B 408 43.30 -7.25 13.41
N PHE B 409 42.72 -8.06 12.53
CA PHE B 409 41.84 -7.50 11.51
C PHE B 409 40.38 -7.68 11.91
N PRO B 410 39.82 -6.67 12.56
CA PRO B 410 38.46 -6.72 13.10
C PRO B 410 37.44 -6.12 12.13
N ASP B 411 37.95 -5.33 11.19
CA ASP B 411 37.09 -4.74 10.17
C ASP B 411 37.07 -5.64 8.94
N ALA B 412 37.76 -6.77 9.05
CA ALA B 412 37.60 -7.89 8.13
C ALA B 412 36.13 -8.07 7.76
N GLN B 413 35.84 -8.56 6.55
CA GLN B 413 34.42 -8.74 6.24
C GLN B 413 34.24 -9.41 4.88
N VAL B 414 33.00 -9.80 4.64
CA VAL B 414 32.66 -10.49 3.41
C VAL B 414 31.43 -9.82 2.79
N VAL B 415 31.46 -9.63 1.48
CA VAL B 415 30.25 -9.08 0.85
C VAL B 415 29.87 -10.12 -0.20
N TRP B 416 28.72 -10.72 0.09
CA TRP B 416 28.16 -11.68 -0.86
C TRP B 416 27.30 -10.92 -1.85
N SER B 417 27.12 -11.43 -3.07
CA SER B 417 26.25 -10.69 -4.00
C SER B 417 25.80 -11.57 -5.15
N ASN B 418 25.02 -10.98 -6.04
CA ASN B 418 24.38 -11.53 -7.22
C ASN B 418 24.22 -13.04 -7.15
N ILE B 419 23.55 -13.55 -6.14
CA ILE B 419 23.25 -14.99 -6.14
C ILE B 419 22.29 -15.33 -7.29
N ARG B 420 22.62 -16.41 -7.98
CA ARG B 420 21.84 -17.00 -9.06
C ARG B 420 21.72 -18.50 -8.83
N PHE B 421 20.63 -19.14 -9.27
CA PHE B 421 20.47 -20.58 -9.15
C PHE B 421 19.60 -21.18 -10.24
N GLY B 422 20.08 -22.15 -11.03
CA GLY B 422 19.19 -22.66 -12.09
C GLY B 422 19.82 -23.84 -12.81
N PRO B 423 19.25 -24.21 -13.95
CA PRO B 423 19.72 -25.40 -14.69
C PRO B 423 21.23 -25.30 -14.87
N ILE B 424 21.93 -26.42 -15.05
CA ILE B 424 23.38 -26.31 -15.22
C ILE B 424 23.64 -25.40 -16.43
N GLY B 425 24.49 -24.41 -16.23
CA GLY B 425 24.84 -23.45 -17.24
C GLY B 425 23.80 -22.38 -17.53
N SER B 426 22.86 -22.12 -16.63
CA SER B 426 21.92 -21.04 -16.93
C SER B 426 22.37 -19.74 -16.28
N THR B 427 23.25 -19.76 -15.27
CA THR B 427 23.59 -18.48 -14.64
C THR B 427 24.36 -17.62 -15.64
N TYR B 428 25.51 -18.10 -16.09
CA TYR B 428 26.39 -17.47 -17.05
C TYR B 428 26.81 -18.50 -18.11
N ASP B 429 26.33 -18.31 -19.33
CA ASP B 429 26.57 -19.14 -20.48
C ASP B 429 27.99 -19.69 -20.55
N PHE B 430 28.27 -20.77 -19.84
CA PHE B 430 29.61 -21.37 -19.83
C PHE B 430 29.51 -22.87 -19.57
N PCA C 1 35.05 15.71 24.70
CA PCA C 1 35.39 14.31 24.50
CB PCA C 1 34.13 13.58 25.00
CG PCA C 1 33.03 14.56 24.93
CD PCA C 1 33.62 15.94 24.98
OE PCA C 1 32.99 16.93 24.62
C PCA C 1 35.64 13.97 23.03
O PCA C 1 35.17 14.64 22.12
N ARG C 2 36.40 12.89 22.83
CA ARG C 2 36.61 12.42 21.46
C ARG C 2 35.47 11.48 21.03
N ALA C 3 35.54 11.07 19.77
CA ALA C 3 34.67 10.07 19.18
C ALA C 3 35.20 8.67 19.45
N GLY C 4 34.36 7.70 19.79
CA GLY C 4 34.80 6.33 19.97
C GLY C 4 34.84 5.64 18.61
N ASN C 5 35.83 4.80 18.43
CA ASN C 5 36.12 4.00 17.25
C ASN C 5 35.85 2.53 17.50
N GLU C 6 35.15 2.22 18.60
CA GLU C 6 34.71 0.86 18.86
C GLU C 6 33.39 0.53 18.14
N THR C 7 32.43 1.41 18.31
CA THR C 7 31.09 1.28 17.75
C THR C 7 30.90 2.22 16.56
N PRO C 8 30.39 1.68 15.47
CA PRO C 8 29.95 2.56 14.39
C PRO C 8 28.78 3.40 14.87
N GLU C 9 28.84 4.70 14.62
CA GLU C 9 27.65 5.54 14.79
C GLU C 9 26.87 5.49 13.48
N ASN C 10 25.65 4.97 13.45
CA ASN C 10 24.88 4.91 12.21
C ASN C 10 23.53 5.62 12.36
N HIS C 11 23.43 6.84 11.83
CA HIS C 11 22.20 7.59 12.11
C HIS C 11 21.03 7.10 11.24
N PRO C 12 19.94 6.74 11.90
CA PRO C 12 18.74 6.35 11.15
C PRO C 12 18.36 7.43 10.16
N PRO C 13 18.14 7.05 8.92
CA PRO C 13 17.67 8.05 7.96
C PRO C 13 16.22 8.47 8.19
N LEU C 14 15.98 9.77 7.91
CA LEU C 14 14.62 10.26 8.04
C LEU C 14 14.37 11.34 7.00
N THR C 15 13.22 11.33 6.30
CA THR C 15 13.00 12.43 5.38
C THR C 15 12.11 13.48 6.04
N TRP C 16 12.10 14.67 5.48
CA TRP C 16 11.16 15.70 5.91
C TRP C 16 10.85 16.55 4.67
N GLN C 17 10.02 17.59 4.74
CA GLN C 17 9.67 18.35 3.55
C GLN C 17 9.88 19.85 3.66
N ARG C 18 10.70 20.36 2.72
CA ARG C 18 10.83 21.81 2.72
C ARG C 18 9.77 22.39 1.78
N CYS C 19 8.87 23.22 2.26
CA CYS C 19 7.74 23.64 1.43
C CYS C 19 7.89 25.07 0.95
N THR C 20 7.32 25.38 -0.22
CA THR C 20 7.42 26.74 -0.75
C THR C 20 6.06 27.45 -0.74
N ALA C 21 5.04 26.60 -0.70
CA ALA C 21 3.62 26.84 -0.63
C ALA C 21 2.95 25.46 -0.63
N PRO C 22 1.70 25.39 -0.18
CA PRO C 22 0.97 24.13 -0.12
C PRO C 22 0.96 23.41 -1.46
N GLY C 23 1.17 22.11 -1.42
CA GLY C 23 1.21 21.23 -2.56
C GLY C 23 2.61 21.21 -3.17
N ASN C 24 3.32 22.29 -2.92
CA ASN C 24 4.68 22.55 -3.35
C ASN C 24 5.66 22.43 -2.18
N CYS C 25 6.17 21.23 -1.98
CA CYS C 25 7.13 20.87 -0.96
C CYS C 25 8.19 19.97 -1.59
N GLN C 26 9.47 20.14 -1.24
CA GLN C 26 10.38 19.11 -1.79
C GLN C 26 10.78 18.20 -0.63
N THR C 27 11.26 17.03 -1.00
CA THR C 27 11.63 15.97 -0.05
C THR C 27 13.10 16.15 0.30
N VAL C 28 13.40 16.17 1.59
CA VAL C 28 14.82 16.22 1.95
C VAL C 28 15.11 14.90 2.66
N ASN C 29 16.18 14.24 2.26
CA ASN C 29 16.54 12.93 2.79
C ASN C 29 17.59 13.11 3.88
N ALA C 30 17.10 13.16 5.12
CA ALA C 30 17.95 13.53 6.24
C ALA C 30 18.29 12.35 7.12
N GLU C 31 18.71 12.63 8.36
CA GLU C 31 19.05 11.55 9.30
C GLU C 31 18.74 11.99 10.73
N VAL C 32 18.95 11.09 11.69
CA VAL C 32 18.69 11.43 13.09
C VAL C 32 19.77 10.85 14.00
N VAL C 33 20.05 11.60 15.07
CA VAL C 33 21.13 11.13 15.95
C VAL C 33 20.79 11.32 17.42
N ILE C 34 21.04 10.28 18.23
CA ILE C 34 20.76 10.46 19.65
C ILE C 34 21.85 11.27 20.34
N ASP C 35 21.32 12.01 21.29
CA ASP C 35 22.02 12.82 22.26
C ASP C 35 23.15 12.01 22.89
N ALA C 36 24.28 12.70 23.00
CA ALA C 36 25.54 12.13 23.47
C ALA C 36 25.44 11.60 24.89
N ASN C 37 24.49 12.05 25.69
CA ASN C 37 24.47 11.60 27.10
C ASN C 37 24.06 10.15 27.20
N TRP C 38 23.42 9.66 26.14
CA TRP C 38 22.92 8.29 26.14
C TRP C 38 23.99 7.28 25.73
N ARG C 39 25.16 7.73 25.32
CA ARG C 39 26.10 6.73 24.79
C ARG C 39 27.26 6.48 25.76
N TRP C 40 27.87 5.33 25.57
CA TRP C 40 29.07 4.82 26.22
C TRP C 40 30.22 5.82 26.24
N LEU C 41 30.82 6.02 27.40
CA LEU C 41 32.02 6.83 27.57
C LEU C 41 33.16 6.05 28.20
N HIS C 42 34.30 5.94 27.50
CA HIS C 42 35.39 5.13 28.03
C HIS C 42 36.75 5.73 27.73
N ASP C 43 37.79 5.18 28.36
CA ASP C 43 39.14 5.62 28.04
C ASP C 43 39.86 4.63 27.13
N ASP C 44 41.00 5.04 26.59
CA ASP C 44 41.78 4.29 25.61
C ASP C 44 42.22 2.90 26.06
N ASN C 45 41.95 2.49 27.29
CA ASN C 45 42.22 1.07 27.60
C ASN C 45 40.91 0.50 28.19
N MET C 46 39.85 1.11 27.68
CA MET C 46 38.48 0.63 27.77
C MET C 46 37.94 0.67 29.18
N GLN C 47 38.58 1.46 30.05
CA GLN C 47 37.92 1.62 31.35
C GLN C 47 36.81 2.67 31.16
N ASN C 48 35.61 2.29 31.57
CA ASN C 48 34.48 3.19 31.61
C ASN C 48 34.84 4.44 32.42
N CYS C 49 34.67 5.64 31.87
CA CYS C 49 34.83 6.91 32.54
C CYS C 49 33.65 7.28 33.43
N TYR C 50 32.47 6.84 33.03
CA TYR C 50 31.21 7.06 33.74
C TYR C 50 30.49 5.74 33.88
N ASP C 51 30.03 5.35 35.07
CA ASP C 51 29.25 4.11 35.10
C ASP C 51 28.04 4.26 36.02
N GLY C 52 26.89 3.71 35.67
CA GLY C 52 25.74 3.93 36.55
C GLY C 52 25.44 5.41 36.68
N ASN C 53 25.29 5.96 37.89
CA ASN C 53 25.08 7.42 37.89
C ASN C 53 26.32 8.11 38.47
N GLN C 54 27.45 7.46 38.28
CA GLN C 54 28.67 7.86 38.93
C GLN C 54 29.83 7.99 37.95
N TRP C 55 30.60 9.06 38.11
CA TRP C 55 31.84 9.17 37.36
C TRP C 55 32.90 8.20 37.87
N THR C 56 33.79 7.71 37.02
CA THR C 56 34.79 6.73 37.47
C THR C 56 36.08 7.39 37.92
N ASN C 57 36.96 6.57 38.50
CA ASN C 57 38.32 7.05 38.71
C ASN C 57 39.10 7.03 37.40
N ALA C 58 38.48 6.66 36.27
CA ALA C 58 39.17 6.66 34.98
C ALA C 58 39.74 8.02 34.61
N CYS C 59 39.16 9.06 35.19
CA CYS C 59 39.53 10.45 34.95
C CYS C 59 39.10 11.35 36.09
N SER C 60 39.51 12.61 36.22
CA SER C 60 39.26 13.37 37.44
C SER C 60 38.87 14.83 37.32
N THR C 61 39.11 15.46 36.18
CA THR C 61 39.02 16.88 35.96
C THR C 61 38.05 17.24 34.84
N ALA C 62 37.61 18.49 34.74
CA ALA C 62 36.72 18.88 33.64
C ALA C 62 37.39 18.72 32.30
N THR C 63 38.66 19.09 32.18
CA THR C 63 39.38 19.09 30.91
C THR C 63 40.09 17.78 30.61
N ASP C 64 40.39 17.00 31.66
CA ASP C 64 41.13 15.77 31.35
C ASP C 64 40.14 14.65 31.06
N CYS C 65 38.84 14.94 31.27
CA CYS C 65 37.91 13.83 31.02
C CYS C 65 37.53 13.90 29.54
N ALA C 66 37.73 15.11 29.04
CA ALA C 66 37.47 15.45 27.65
C ALA C 66 38.64 15.00 26.80
N GLU C 67 39.86 15.07 27.37
CA GLU C 67 40.93 14.71 26.42
C GLU C 67 41.27 13.22 26.54
N LYS C 68 40.77 12.52 27.54
CA LYS C 68 40.93 11.09 27.72
C LYS C 68 39.73 10.21 27.37
N CYS C 69 38.49 10.66 27.58
CA CYS C 69 37.34 9.80 27.40
C CYS C 69 36.74 10.01 26.00
N MET C 70 36.48 8.89 25.35
CA MET C 70 35.87 8.96 24.01
C MET C 70 34.43 8.51 24.09
N ILE C 71 33.62 8.97 23.12
CA ILE C 71 32.19 8.71 23.23
C ILE C 71 31.69 7.90 22.04
N GLU C 72 31.01 6.79 22.32
CA GLU C 72 30.82 5.72 21.36
C GLU C 72 29.51 5.74 20.59
N GLY C 73 29.50 5.09 19.43
CA GLY C 73 28.35 5.01 18.56
C GLY C 73 27.16 4.36 19.24
N ALA C 74 25.96 4.48 18.67
CA ALA C 74 24.81 3.91 19.38
C ALA C 74 24.32 2.55 18.89
N GLY C 75 25.21 1.71 18.38
CA GLY C 75 24.94 0.37 17.91
C GLY C 75 23.59 0.16 17.25
N ASP C 76 22.83 -0.72 17.87
CA ASP C 76 21.45 -1.10 17.68
C ASP C 76 20.55 -0.06 18.35
N TYR C 77 20.31 0.99 17.57
CA TYR C 77 19.51 2.13 18.01
C TYR C 77 18.17 1.62 18.48
N LEU C 78 17.70 0.66 17.70
CA LEU C 78 16.45 -0.02 17.91
C LEU C 78 16.52 -0.94 19.13
N GLY C 79 17.52 -1.80 19.14
CA GLY C 79 17.66 -2.81 20.18
C GLY C 79 17.96 -2.19 21.54
N THR C 80 18.77 -1.15 21.52
CA THR C 80 19.18 -0.48 22.74
C THR C 80 18.23 0.61 23.22
N TYR C 81 17.96 1.56 22.32
CA TYR C 81 17.20 2.76 22.67
C TYR C 81 15.75 2.81 22.20
N GLY C 82 15.25 1.75 21.56
CA GLY C 82 13.85 1.78 21.13
C GLY C 82 13.52 2.81 20.08
N ALA C 83 14.53 3.21 19.33
CA ALA C 83 14.32 4.16 18.24
C ALA C 83 14.46 3.48 16.90
N SER C 84 13.57 3.89 15.97
CA SER C 84 13.77 3.36 14.63
C SER C 84 13.07 4.29 13.64
N THR C 85 13.48 4.26 12.40
CA THR C 85 12.80 5.12 11.41
C THR C 85 12.21 4.27 10.30
N SER C 86 11.21 4.81 9.64
CA SER C 86 10.60 4.19 8.47
C SER C 86 10.08 5.31 7.58
N GLY C 87 10.82 5.58 6.51
CA GLY C 87 10.50 6.68 5.60
C GLY C 87 10.53 8.03 6.28
N ASP C 88 9.35 8.64 6.44
CA ASP C 88 9.25 9.94 7.07
C ASP C 88 8.87 9.84 8.53
N ALA C 89 9.01 8.66 9.13
CA ALA C 89 8.56 8.55 10.52
C ALA C 89 9.60 7.95 11.45
N LEU C 90 9.68 8.57 12.61
CA LEU C 90 10.56 8.26 13.70
C LEU C 90 9.80 7.74 14.92
N THR C 91 10.02 6.48 15.23
CA THR C 91 9.38 5.86 16.38
C THR C 91 10.34 5.77 17.55
N LEU C 92 9.85 6.30 18.68
CA LEU C 92 10.56 6.30 19.95
C LEU C 92 9.77 5.55 21.03
N LYS C 93 10.37 4.48 21.54
CA LYS C 93 9.77 3.67 22.60
C LYS C 93 10.17 4.21 23.95
N PHE C 94 9.26 4.22 24.92
CA PHE C 94 9.52 4.72 26.27
C PHE C 94 10.60 3.92 27.00
N VAL C 95 10.36 2.64 27.17
CA VAL C 95 11.21 1.68 27.82
C VAL C 95 11.61 0.50 26.94
N THR C 96 12.89 0.27 26.68
CA THR C 96 13.28 -0.95 25.96
C THR C 96 14.43 -1.57 26.75
N LYS C 97 14.41 -2.89 26.86
CA LYS C 97 15.22 -3.59 27.85
C LYS C 97 16.43 -4.27 27.22
N HIS C 98 17.62 -3.88 27.64
CA HIS C 98 18.92 -4.36 27.22
C HIS C 98 19.04 -5.87 27.45
N GLU C 99 20.20 -6.48 27.19
CA GLU C 99 20.36 -7.89 27.55
C GLU C 99 20.69 -7.98 29.05
N TYR C 100 21.46 -6.98 29.46
CA TYR C 100 21.82 -6.62 30.81
C TYR C 100 21.86 -5.08 30.92
N GLY C 101 20.67 -4.51 31.08
CA GLY C 101 20.37 -3.11 31.23
C GLY C 101 18.89 -2.78 31.07
N THR C 102 18.61 -1.54 30.69
CA THR C 102 17.29 -1.00 30.43
C THR C 102 17.38 0.43 29.90
N ASN C 103 16.72 0.82 28.80
CA ASN C 103 16.91 2.23 28.39
C ASN C 103 15.63 2.99 28.65
N VAL C 104 15.74 4.12 29.36
CA VAL C 104 14.50 4.85 29.64
C VAL C 104 14.57 6.23 28.98
N GLY C 105 13.76 6.36 27.94
CA GLY C 105 13.58 7.56 27.15
C GLY C 105 14.62 7.76 26.07
N SER C 106 14.44 8.82 25.28
CA SER C 106 15.42 9.11 24.24
C SER C 106 15.29 10.57 23.80
N ARG C 107 16.36 11.13 23.24
CA ARG C 107 16.37 12.48 22.71
C ARG C 107 17.21 12.54 21.45
N PHE C 108 16.60 12.96 20.35
CA PHE C 108 17.24 12.88 19.05
C PHE C 108 17.29 14.23 18.36
N TYR C 109 18.23 14.39 17.45
CA TYR C 109 18.37 15.63 16.70
C TYR C 109 18.34 15.34 15.20
N LEU C 110 17.60 16.22 14.50
CA LEU C 110 17.55 16.11 13.04
C LEU C 110 18.80 16.71 12.44
N MET C 111 19.45 16.01 11.52
CA MET C 111 20.69 16.42 10.92
C MET C 111 20.57 16.80 9.42
N ASN C 112 21.61 17.48 9.01
CA ASN C 112 21.86 17.87 7.62
C ASN C 112 23.16 17.16 7.24
N GLY C 113 23.05 15.97 6.69
CA GLY C 113 24.22 15.13 6.46
C GLY C 113 24.76 14.62 7.79
N PRO C 114 25.81 13.83 7.80
CA PRO C 114 26.24 13.22 9.07
C PRO C 114 26.97 14.14 10.02
N ASP C 115 27.27 15.36 9.62
CA ASP C 115 28.21 16.23 10.29
C ASP C 115 27.58 17.42 10.98
N LYS C 116 26.32 17.68 10.68
CA LYS C 116 25.64 18.90 11.06
C LYS C 116 24.19 18.67 11.47
N TYR C 117 23.69 19.55 12.35
CA TYR C 117 22.26 19.55 12.58
C TYR C 117 21.57 20.37 11.48
N GLN C 118 20.30 20.06 11.30
CA GLN C 118 19.43 20.83 10.44
C GLN C 118 19.06 22.11 11.18
N MET C 119 19.60 23.23 10.75
CA MET C 119 19.24 24.52 11.35
C MET C 119 17.95 25.09 10.75
N PHE C 120 17.09 25.63 11.59
CA PHE C 120 15.82 26.25 11.20
C PHE C 120 15.75 27.70 11.62
N ASN C 121 15.37 28.61 10.70
CA ASN C 121 15.10 29.93 11.29
C ASN C 121 13.58 30.04 11.42
N LEU C 122 13.17 30.41 12.64
CA LEU C 122 11.73 30.32 12.88
C LEU C 122 10.93 31.52 12.40
N MET C 123 11.41 32.73 12.58
CA MET C 123 10.55 33.90 12.31
C MET C 123 9.91 33.95 10.92
N GLY C 124 8.58 34.02 10.87
CA GLY C 124 7.78 34.13 9.66
C GLY C 124 7.63 32.79 8.98
N ASN C 125 8.12 31.74 9.64
CA ASN C 125 8.03 30.41 9.03
C ASN C 125 7.04 29.59 9.85
N GLU C 126 6.96 28.31 9.51
CA GLU C 126 6.04 27.45 10.22
C GLU C 126 6.52 26.00 10.13
N LEU C 127 6.24 25.27 11.20
CA LEU C 127 6.46 23.85 11.34
C LEU C 127 5.13 23.14 11.49
N ALA C 128 5.07 21.98 10.86
CA ALA C 128 3.99 21.04 10.91
C ALA C 128 4.60 19.66 11.09
N PHE C 129 3.96 18.88 11.93
CA PHE C 129 4.25 17.46 12.10
C PHE C 129 2.99 16.66 12.41
N ASP C 130 3.05 15.37 12.06
CA ASP C 130 2.03 14.41 12.38
C ASP C 130 2.43 13.59 13.62
N VAL C 131 1.50 13.31 14.52
CA VAL C 131 1.96 12.54 15.69
C VAL C 131 0.96 11.49 16.10
N ASP C 132 1.50 10.34 16.50
CA ASP C 132 0.68 9.33 17.16
C ASP C 132 1.12 9.22 18.62
N LEU C 133 0.38 9.82 19.56
CA LEU C 133 0.90 9.65 20.93
C LEU C 133 -0.14 8.88 21.74
N SER C 134 -0.91 8.03 21.07
CA SER C 134 -2.04 7.44 21.76
C SER C 134 -1.56 6.62 22.94
N THR C 135 -0.33 6.08 22.83
CA THR C 135 0.04 5.21 23.94
C THR C 135 0.95 5.94 24.93
N VAL C 136 1.01 7.26 24.77
CA VAL C 136 1.81 8.04 25.72
C VAL C 136 0.92 8.41 26.89
N GLU C 137 0.98 7.61 27.95
CA GLU C 137 0.16 7.76 29.15
C GLU C 137 0.57 8.90 30.06
N CYS C 138 -0.24 9.09 31.11
CA CYS C 138 0.06 10.07 32.14
C CYS C 138 1.48 9.94 32.67
N GLY C 139 2.12 11.06 32.96
CA GLY C 139 3.48 11.12 33.45
C GLY C 139 4.55 11.13 32.39
N ILE C 140 4.25 10.64 31.20
CA ILE C 140 5.22 10.60 30.11
C ILE C 140 5.08 11.85 29.24
N ASN C 141 6.18 12.30 28.68
CA ASN C 141 6.23 13.43 27.76
C ASN C 141 6.79 13.09 26.39
N SER C 142 5.98 13.15 25.31
CA SER C 142 6.56 13.02 23.97
C SER C 142 6.74 14.45 23.44
N ALA C 143 7.99 14.84 23.26
CA ALA C 143 8.26 16.25 23.03
C ALA C 143 8.92 16.54 21.68
N LEU C 144 8.43 17.55 20.98
CA LEU C 144 9.00 18.11 19.76
C LEU C 144 9.14 19.62 19.94
N TYR C 145 10.38 20.08 19.93
CA TYR C 145 10.81 21.42 20.29
C TYR C 145 12.13 21.75 19.57
N PHE C 146 12.37 23.05 19.57
CA PHE C 146 13.52 23.67 18.97
C PHE C 146 14.43 24.26 20.08
N VAL C 147 15.72 23.95 20.04
CA VAL C 147 16.69 24.71 20.85
C VAL C 147 17.78 25.36 20.03
N ALA C 148 18.43 26.39 20.61
CA ALA C 148 19.50 27.13 19.94
C ALA C 148 20.85 26.44 20.01
N MET C 149 20.94 25.14 19.80
CA MET C 149 22.28 24.53 19.76
C MET C 149 23.08 24.98 18.54
N GLU C 150 24.38 24.70 18.59
CA GLU C 150 25.29 25.02 17.48
C GLU C 150 25.23 23.94 16.41
N GLU C 151 25.29 24.41 15.17
CA GLU C 151 25.19 23.57 13.99
C GLU C 151 26.15 22.40 13.98
N ASP C 152 27.35 22.57 14.52
CA ASP C 152 28.33 21.50 14.52
C ASP C 152 28.40 20.75 15.84
N GLY C 153 27.47 21.08 16.75
CA GLY C 153 27.45 20.38 18.04
C GLY C 153 28.37 21.10 19.02
N GLY C 154 29.03 22.18 18.59
CA GLY C 154 29.96 22.84 19.50
C GLY C 154 31.42 22.58 19.32
N MET C 155 31.85 21.85 18.29
CA MET C 155 33.29 21.58 18.17
C MET C 155 34.12 22.82 17.90
N ALA C 156 33.71 23.65 16.93
CA ALA C 156 34.48 24.87 16.71
C ALA C 156 34.50 25.68 17.99
N SER C 157 33.35 25.80 18.69
CA SER C 157 33.39 26.76 19.81
C SER C 157 34.24 26.18 20.95
N TYR C 158 34.26 24.87 21.03
CA TYR C 158 34.91 24.13 22.11
C TYR C 158 35.82 23.06 21.54
N PRO C 159 37.06 23.39 21.25
CA PRO C 159 37.94 22.44 20.55
C PRO C 159 38.13 21.11 21.25
N SER C 160 37.89 21.03 22.56
CA SER C 160 38.10 19.74 23.21
C SER C 160 36.95 18.79 22.90
N ASN C 161 35.90 19.34 22.28
CA ASN C 161 34.81 18.56 21.72
C ASN C 161 35.20 18.23 20.27
N GLN C 162 35.40 16.96 20.00
CA GLN C 162 35.90 16.46 18.72
C GLN C 162 34.94 15.48 18.07
N ALA C 163 33.78 15.36 18.70
CA ALA C 163 32.75 14.40 18.30
C ALA C 163 31.65 15.11 17.52
N GLY C 164 31.14 16.20 18.11
CA GLY C 164 30.19 17.06 17.48
C GLY C 164 28.84 16.45 17.21
N ALA C 165 28.23 17.03 16.19
CA ALA C 165 26.81 16.75 15.95
C ALA C 165 26.60 15.32 15.52
N ARG C 166 27.62 14.68 14.92
CA ARG C 166 27.44 13.29 14.55
C ARG C 166 27.25 12.40 15.77
N TYR C 167 27.62 12.89 16.95
CA TYR C 167 27.45 12.06 18.14
C TYR C 167 26.50 12.72 19.13
N GLY C 168 25.72 13.70 18.66
CA GLY C 168 24.72 14.39 19.41
C GLY C 168 25.25 15.21 20.59
N THR C 169 26.38 15.90 20.41
CA THR C 169 26.84 16.79 21.48
C THR C 169 26.22 18.19 21.35
N GLY C 170 26.41 18.94 22.43
CA GLY C 170 26.06 20.31 22.58
C GLY C 170 24.61 20.61 22.89
N TYR C 171 23.79 19.69 23.42
CA TYR C 171 22.43 20.10 23.72
C TYR C 171 22.40 21.18 24.80
N CYS C 172 21.48 22.11 24.59
CA CYS C 172 21.21 23.22 25.48
C CYS C 172 19.71 23.47 25.52
N ASP C 173 19.22 24.07 26.60
CA ASP C 173 17.79 24.42 26.66
C ASP C 173 17.58 25.51 27.70
N ALA C 174 16.32 25.83 27.99
CA ALA C 174 16.10 27.01 28.82
C ALA C 174 16.20 26.67 30.31
N GLN C 175 16.24 25.39 30.64
CA GLN C 175 16.49 25.07 32.05
C GLN C 175 17.98 25.28 32.36
N CYS C 176 18.82 24.92 31.40
CA CYS C 176 20.26 24.74 31.49
C CYS C 176 20.51 23.25 31.73
N ALA C 177 21.11 22.58 30.78
CA ALA C 177 21.22 21.12 30.87
C ALA C 177 22.44 20.71 31.72
N ARG C 178 22.26 20.82 33.02
CA ARG C 178 23.30 20.43 33.96
C ARG C 178 23.43 18.92 34.09
N ASP C 179 22.48 18.16 33.53
CA ASP C 179 22.45 16.70 33.60
C ASP C 179 23.38 16.05 32.57
N LEU C 180 23.92 16.87 31.69
CA LEU C 180 24.85 16.42 30.67
C LEU C 180 26.21 16.16 31.29
N LYS C 181 26.78 15.01 30.90
CA LYS C 181 28.12 14.69 31.40
C LYS C 181 29.12 15.66 30.80
N PHE C 182 28.86 16.18 29.59
CA PHE C 182 29.81 17.14 29.03
C PHE C 182 29.07 18.42 28.64
N VAL C 183 29.62 19.53 29.09
CA VAL C 183 29.15 20.88 28.80
C VAL C 183 30.30 21.71 28.24
N GLY C 184 30.08 22.36 27.10
CA GLY C 184 31.11 23.12 26.40
C GLY C 184 32.46 22.44 26.42
N GLY C 185 32.52 21.18 26.01
CA GLY C 185 33.75 20.43 25.85
C GLY C 185 34.48 20.16 27.16
N LYS C 186 33.74 20.21 28.26
CA LYS C 186 34.34 19.99 29.58
C LYS C 186 33.49 19.02 30.38
N ALA C 187 34.10 18.09 31.10
CA ALA C 187 33.31 17.11 31.84
C ALA C 187 32.62 17.78 33.02
N ASN C 188 31.48 17.22 33.41
CA ASN C 188 30.75 17.77 34.54
C ASN C 188 31.08 16.93 35.79
N ILE C 189 32.27 16.38 35.77
CA ILE C 189 32.73 15.39 36.75
C ILE C 189 32.86 15.96 38.15
N GLU C 190 33.26 17.21 38.27
CA GLU C 190 33.64 17.84 39.53
C GLU C 190 32.45 18.22 40.40
N GLY C 191 32.24 17.44 41.47
CA GLY C 191 31.12 17.68 42.34
C GLY C 191 29.83 17.10 41.80
N TRP C 192 29.92 16.21 40.83
CA TRP C 192 28.76 15.53 40.25
C TRP C 192 27.98 14.86 41.38
N LYS C 193 26.71 15.15 41.49
CA LYS C 193 25.84 14.49 42.47
C LYS C 193 24.86 13.61 41.72
N SER C 194 24.80 12.36 42.15
CA SER C 194 24.06 11.35 41.44
C SER C 194 22.58 11.38 41.78
N SER C 195 21.74 10.94 40.84
CA SER C 195 20.31 10.85 41.13
C SER C 195 20.04 9.80 42.20
N THR C 196 19.19 10.19 43.13
CA THR C 196 18.59 9.37 44.18
C THR C 196 17.43 8.54 43.64
N SER C 197 16.98 8.80 42.40
CA SER C 197 15.88 7.99 41.89
C SER C 197 16.16 7.48 40.48
N ASP C 198 17.06 8.13 39.79
CA ASP C 198 17.41 7.78 38.42
C ASP C 198 18.86 7.28 38.36
N PRO C 199 18.88 6.02 37.92
CA PRO C 199 20.04 5.14 37.91
C PRO C 199 21.17 5.52 36.97
N ASN C 200 20.98 6.31 35.91
CA ASN C 200 22.18 6.75 35.18
C ASN C 200 22.26 8.27 35.22
N ALA C 201 21.41 8.94 35.99
CA ALA C 201 21.39 10.41 35.91
C ALA C 201 22.07 11.08 37.08
N GLY C 202 22.38 12.37 36.88
CA GLY C 202 23.08 13.14 37.89
C GLY C 202 23.17 14.59 37.49
N VAL C 203 23.73 15.44 38.34
CA VAL C 203 23.80 16.88 38.01
C VAL C 203 25.20 17.42 38.12
N GLY C 204 25.60 18.34 37.23
CA GLY C 204 26.99 18.82 37.30
C GLY C 204 27.14 20.29 37.62
N PRO C 205 28.37 20.81 37.68
CA PRO C 205 28.65 22.22 37.91
C PRO C 205 28.15 23.13 36.79
N TYR C 206 28.42 22.73 35.56
CA TYR C 206 28.11 23.51 34.38
C TYR C 206 26.75 23.10 33.80
N GLY C 207 26.04 24.09 33.30
CA GLY C 207 24.78 23.92 32.59
C GLY C 207 24.93 24.59 31.22
N SER C 208 24.36 23.98 30.19
CA SER C 208 24.39 24.55 28.84
C SER C 208 23.03 25.20 28.63
N CYS C 209 23.02 26.49 28.36
CA CYS C 209 21.80 27.30 28.35
C CYS C 209 21.54 27.97 27.00
N CYS C 210 20.27 27.97 26.57
CA CYS C 210 19.89 28.67 25.34
C CYS C 210 18.38 28.80 25.24
N ALA C 211 17.93 29.62 24.29
CA ALA C 211 16.49 29.68 24.00
C ALA C 211 15.99 28.31 23.57
N GLU C 212 14.67 28.18 23.80
CA GLU C 212 14.04 26.89 23.62
C GLU C 212 12.61 27.09 23.19
N ILE C 213 12.19 26.70 21.98
CA ILE C 213 10.78 26.99 21.72
C ILE C 213 10.01 25.68 21.79
N ASP C 214 9.26 25.49 22.88
CA ASP C 214 8.66 24.18 23.10
C ASP C 214 7.36 24.11 22.30
N VAL C 215 7.53 23.87 21.02
CA VAL C 215 6.46 23.68 20.04
C VAL C 215 5.41 22.72 20.55
N TRP C 216 5.92 21.66 21.20
CA TRP C 216 4.99 20.60 21.55
C TRP C 216 5.43 19.76 22.74
N GLU C 217 4.87 19.98 23.93
CA GLU C 217 5.17 19.01 25.00
C GLU C 217 3.86 18.31 25.24
N SER C 218 3.88 16.98 25.28
CA SER C 218 2.58 16.34 25.24
C SER C 218 2.54 14.88 25.69
N ASN C 219 1.31 14.47 25.89
CA ASN C 219 0.93 13.05 25.94
C ASN C 219 -0.53 12.97 25.49
N ALA C 220 -1.18 11.87 25.80
CA ALA C 220 -2.57 11.62 25.44
C ALA C 220 -3.56 12.27 26.39
N TYR C 221 -3.04 13.00 27.38
CA TYR C 221 -3.88 13.67 28.38
C TYR C 221 -3.72 15.17 28.31
N ALA C 222 -2.57 15.64 27.84
CA ALA C 222 -2.36 17.09 27.79
C ALA C 222 -1.21 17.48 26.86
N PHE C 223 -1.09 18.77 26.58
CA PHE C 223 0.00 19.30 25.76
C PHE C 223 0.22 20.76 26.20
N ALA C 224 1.41 21.30 25.92
CA ALA C 224 1.70 22.72 26.04
C ALA C 224 2.55 23.15 24.82
N PHE C 225 2.34 24.41 24.45
CA PHE C 225 3.12 25.17 23.50
C PHE C 225 3.75 26.31 24.30
N THR C 226 5.08 26.29 24.42
CA THR C 226 5.76 27.17 25.38
C THR C 226 7.10 27.70 24.90
N PRO C 227 7.15 28.91 24.36
CA PRO C 227 8.42 29.60 24.15
C PRO C 227 9.12 29.96 25.46
N HIS C 228 10.42 29.68 25.51
CA HIS C 228 11.34 30.19 26.52
C HIS C 228 12.44 31.09 25.94
N ALA C 229 12.65 32.33 26.38
CA ALA C 229 13.79 33.15 26.00
C ALA C 229 14.87 33.26 27.09
N CYS C 230 16.00 33.84 26.76
CA CYS C 230 17.06 34.15 27.73
C CYS C 230 17.60 35.54 27.42
N THR C 231 18.26 36.20 28.35
CA THR C 231 18.87 37.47 27.90
C THR C 231 19.98 37.24 26.89
N THR C 232 20.57 36.05 26.88
CA THR C 232 21.52 35.56 25.89
C THR C 232 20.85 34.35 25.24
N ASN C 233 20.34 34.48 24.04
CA ASN C 233 19.56 33.41 23.43
C ASN C 233 20.36 32.33 22.76
N GLU C 234 21.63 32.57 22.46
CA GLU C 234 22.55 31.62 21.85
C GLU C 234 23.12 30.72 22.95
N TYR C 235 23.62 29.56 22.60
CA TYR C 235 24.33 28.67 23.52
C TYR C 235 25.25 29.41 24.48
N HIS C 236 25.10 29.22 25.79
CA HIS C 236 26.09 29.79 26.70
C HIS C 236 26.28 28.81 27.86
N VAL C 237 27.35 29.01 28.60
CA VAL C 237 27.60 28.16 29.76
C VAL C 237 27.28 28.87 31.07
N CYS C 238 26.67 28.15 32.00
CA CYS C 238 26.49 28.61 33.38
C CYS C 238 27.25 27.73 34.37
N GLU C 239 27.60 28.26 35.54
CA GLU C 239 28.20 27.47 36.62
C GLU C 239 27.45 27.63 37.93
N THR C 240 27.26 26.50 38.60
CA THR C 240 26.58 26.33 39.86
C THR C 240 25.52 27.39 40.17
N THR C 241 25.85 28.43 40.91
CA THR C 241 24.92 29.40 41.48
C THR C 241 24.52 30.49 40.48
N ASN C 242 25.19 30.42 39.35
CA ASN C 242 24.91 31.29 38.20
C ASN C 242 23.91 30.56 37.29
N CYS C 243 23.53 29.32 37.65
CA CYS C 243 22.61 28.49 36.88
C CYS C 243 21.22 28.53 37.51
N GLY C 244 20.16 28.33 36.72
CA GLY C 244 18.80 28.24 37.20
C GLY C 244 18.10 26.96 36.79
N GLY C 245 16.79 27.02 36.53
CA GLY C 245 16.07 25.89 35.98
C GLY C 245 16.00 24.67 36.87
N THR C 246 15.60 23.53 36.32
CA THR C 246 15.27 22.36 37.11
C THR C 246 16.40 21.81 37.97
N TYR C 247 17.59 21.83 37.40
CA TYR C 247 18.78 21.23 37.98
C TYR C 247 19.60 22.22 38.80
N SER C 248 18.96 23.25 39.35
CA SER C 248 19.70 24.19 40.19
C SER C 248 18.97 24.47 41.51
N GLU C 249 19.66 25.15 42.43
CA GLU C 249 18.97 25.51 43.68
C GLU C 249 18.08 26.72 43.50
N ASP C 250 18.46 27.70 42.65
CA ASP C 250 17.41 28.71 42.39
C ASP C 250 16.97 28.60 40.93
N ARG C 251 15.70 28.22 40.77
CA ARG C 251 15.21 27.97 39.41
C ARG C 251 15.39 29.24 38.55
N PHE C 252 15.14 30.38 39.13
CA PHE C 252 15.21 31.67 38.45
C PHE C 252 16.57 32.33 38.38
N ALA C 253 17.66 31.67 38.76
CA ALA C 253 19.01 32.17 38.74
C ALA C 253 19.79 31.97 37.45
N GLY C 254 19.45 32.51 36.29
CA GLY C 254 20.47 32.47 35.23
C GLY C 254 20.15 33.60 34.27
N LYS C 255 20.35 33.34 32.98
CA LYS C 255 19.94 34.34 31.98
C LYS C 255 18.64 33.90 31.32
N CYS C 256 18.15 32.71 31.69
CA CYS C 256 17.06 32.11 30.96
C CYS C 256 15.76 32.06 31.75
N ASP C 257 14.66 31.96 31.01
CA ASP C 257 13.31 31.80 31.57
C ASP C 257 12.92 30.33 31.62
N ALA C 258 12.96 29.76 32.82
CA ALA C 258 12.72 28.32 32.95
C ALA C 258 11.27 27.93 32.74
N ASN C 259 10.33 28.85 32.94
CA ASN C 259 8.92 28.54 32.77
C ASN C 259 8.37 28.90 31.39
N GLY C 260 8.83 30.02 30.84
CA GLY C 260 8.33 30.40 29.51
C GLY C 260 6.92 30.94 29.60
N CYS C 261 6.30 31.17 28.45
CA CYS C 261 4.92 31.66 28.41
C CYS C 261 4.06 30.57 27.77
N ASP C 262 3.35 29.80 28.56
CA ASP C 262 2.77 28.56 28.06
C ASP C 262 1.31 28.73 27.67
N TYR C 263 0.92 28.02 26.62
CA TYR C 263 -0.46 27.81 26.22
C TYR C 263 -0.76 26.31 26.13
N ASN C 264 -1.41 25.83 27.17
CA ASN C 264 -2.04 24.51 27.31
C ASN C 264 -3.52 24.78 27.50
N PRO C 265 -4.35 24.38 26.55
CA PRO C 265 -5.75 24.81 26.55
C PRO C 265 -6.53 24.29 27.76
N TYR C 266 -6.03 23.18 28.31
CA TYR C 266 -6.67 22.69 29.55
C TYR C 266 -6.40 23.67 30.66
N ARG C 267 -5.15 24.11 30.76
CA ARG C 267 -4.84 24.92 31.93
C ARG C 267 -5.46 26.31 31.79
N MET C 268 -5.66 26.66 30.52
CA MET C 268 -6.27 27.91 30.10
C MET C 268 -7.79 27.87 30.20
N GLY C 269 -8.33 26.83 30.83
CA GLY C 269 -9.73 26.70 31.11
C GLY C 269 -10.53 25.78 30.22
N ASN C 270 -9.95 24.99 29.32
CA ASN C 270 -10.75 24.12 28.44
C ASN C 270 -10.53 22.63 28.61
N PRO C 271 -11.19 21.98 29.57
CA PRO C 271 -10.91 20.59 29.97
C PRO C 271 -11.33 19.49 29.01
N ASP C 272 -12.20 19.76 28.04
CA ASP C 272 -12.64 18.70 27.15
C ASP C 272 -12.30 18.90 25.68
N PHE C 273 -11.37 19.80 25.38
CA PHE C 273 -10.86 20.05 24.05
C PHE C 273 -9.94 18.94 23.54
N TYR C 274 -9.02 18.47 24.38
CA TYR C 274 -7.90 17.64 23.98
C TYR C 274 -7.81 16.39 24.83
N GLY C 275 -8.05 15.25 24.17
CA GLY C 275 -7.91 13.97 24.87
C GLY C 275 -8.42 12.83 24.03
N LYS C 276 -8.37 11.60 24.56
CA LYS C 276 -8.91 10.49 23.78
C LYS C 276 -10.42 10.70 23.61
N GLY C 277 -10.88 10.63 22.36
CA GLY C 277 -12.26 10.85 22.02
C GLY C 277 -12.72 12.28 22.15
N LYS C 278 -11.85 13.21 22.57
CA LYS C 278 -12.30 14.60 22.76
C LYS C 278 -12.27 15.33 21.43
N THR C 279 -12.27 16.66 21.42
CA THR C 279 -12.32 17.38 20.14
C THR C 279 -11.08 17.11 19.32
N LEU C 280 -9.90 17.33 19.91
CA LEU C 280 -8.69 16.71 19.37
C LEU C 280 -8.63 15.34 20.06
N ASP C 281 -8.64 14.26 19.28
CA ASP C 281 -8.78 12.94 19.90
C ASP C 281 -7.45 12.20 19.94
N THR C 282 -6.81 12.17 21.12
CA THR C 282 -5.46 11.62 21.17
C THR C 282 -5.38 10.12 21.01
N SER C 283 -6.51 9.45 20.75
CA SER C 283 -6.33 8.02 20.48
C SER C 283 -5.94 7.80 19.03
N ARG C 284 -5.88 8.86 18.20
CA ARG C 284 -5.39 8.54 16.84
C ARG C 284 -4.55 9.68 16.30
N LYS C 285 -3.81 9.41 15.23
CA LYS C 285 -2.92 10.37 14.60
C LYS C 285 -3.63 11.70 14.36
N PHE C 286 -2.88 12.77 14.57
CA PHE C 286 -3.25 14.15 14.30
C PHE C 286 -1.97 14.89 13.92
N THR C 287 -2.16 16.02 13.26
CA THR C 287 -1.18 16.94 12.76
C THR C 287 -1.17 18.23 13.56
N VAL C 288 0.02 18.70 13.91
CA VAL C 288 0.14 19.97 14.61
C VAL C 288 0.78 20.99 13.71
N VAL C 289 0.18 22.12 13.42
CA VAL C 289 0.83 23.18 12.65
C VAL C 289 1.08 24.40 13.55
N SER C 290 2.35 24.81 13.66
CA SER C 290 2.74 25.97 14.44
C SER C 290 3.54 26.99 13.65
N ARG C 291 3.22 28.25 13.94
CA ARG C 291 3.71 29.38 13.22
C ARG C 291 4.47 30.33 14.14
N PHE C 292 5.55 30.91 13.61
CA PHE C 292 6.33 31.80 14.48
C PHE C 292 6.45 33.19 13.87
N GLU C 293 5.87 34.22 14.47
CA GLU C 293 5.86 35.58 13.95
C GLU C 293 6.21 36.56 15.05
N GLU C 294 6.67 37.75 14.71
CA GLU C 294 6.90 38.78 15.71
C GLU C 294 5.64 38.92 16.56
N ASN C 295 5.81 38.93 17.88
CA ASN C 295 4.72 39.12 18.81
C ASN C 295 3.56 38.16 18.62
N LYS C 296 3.80 37.02 17.99
CA LYS C 296 2.65 36.12 17.97
C LYS C 296 3.04 34.70 17.56
N LEU C 297 2.93 33.81 18.55
CA LEU C 297 3.04 32.38 18.33
C LEU C 297 1.62 31.81 18.23
N SER C 298 1.41 30.94 17.23
CA SER C 298 0.05 30.43 17.03
C SER C 298 0.14 29.00 16.53
N GLN C 299 -0.94 28.28 16.76
CA GLN C 299 -0.89 26.83 16.52
C GLN C 299 -2.27 26.29 16.23
N TYR C 300 -2.33 25.32 15.31
CA TYR C 300 -3.65 24.72 15.08
C TYR C 300 -3.52 23.24 14.83
N PHE C 301 -4.64 22.49 14.82
CA PHE C 301 -4.49 21.11 14.38
C PHE C 301 -5.33 20.86 13.11
N ILE C 302 -4.96 19.79 12.44
CA ILE C 302 -5.77 19.16 11.41
C ILE C 302 -5.98 17.68 11.75
N GLN C 303 -7.22 17.21 11.90
CA GLN C 303 -7.52 15.80 12.16
C GLN C 303 -8.64 15.36 11.21
N ASP C 304 -8.46 14.21 10.57
CA ASP C 304 -9.45 13.76 9.58
C ASP C 304 -9.60 14.80 8.48
N GLY C 305 -8.49 15.49 8.21
CA GLY C 305 -8.46 16.49 7.16
C GLY C 305 -9.31 17.70 7.54
N ARG C 306 -9.56 17.83 8.84
CA ARG C 306 -10.33 19.02 9.26
C ARG C 306 -9.50 19.87 10.20
N LYS C 307 -9.52 21.17 9.96
CA LYS C 307 -8.85 22.16 10.78
C LYS C 307 -9.58 22.28 12.12
N ILE C 308 -8.78 22.16 13.18
CA ILE C 308 -9.35 22.31 14.52
C ILE C 308 -8.63 23.42 15.28
N GLU C 309 -9.35 24.49 15.61
CA GLU C 309 -8.74 25.64 16.26
C GLU C 309 -8.62 25.37 17.77
N ILE C 310 -7.58 25.95 18.37
CA ILE C 310 -7.44 25.78 19.82
C ILE C 310 -8.25 26.86 20.52
N PRO C 311 -9.02 26.47 21.51
CA PRO C 311 -9.91 27.39 22.22
C PRO C 311 -9.23 28.44 23.09
N PRO C 312 -9.85 29.62 23.24
CA PRO C 312 -9.29 30.72 24.00
C PRO C 312 -9.43 30.47 25.50
N PRO C 313 -8.71 31.19 26.35
CA PRO C 313 -8.85 30.92 27.80
C PRO C 313 -10.22 31.30 28.35
N THR C 314 -10.62 30.71 29.48
CA THR C 314 -11.91 30.98 30.08
C THR C 314 -11.78 31.95 31.26
N TRP C 315 -10.53 32.05 31.74
CA TRP C 315 -10.20 32.87 32.89
C TRP C 315 -10.47 34.34 32.66
N GLU C 316 -11.26 34.99 33.53
CA GLU C 316 -11.39 36.44 33.41
C GLU C 316 -10.08 37.20 33.59
N GLY C 317 -9.89 38.23 32.76
CA GLY C 317 -8.71 39.08 32.66
C GLY C 317 -7.81 38.72 31.50
N MET C 318 -7.92 37.51 30.98
CA MET C 318 -7.04 37.05 29.90
C MET C 318 -7.59 37.33 28.51
N PRO C 319 -6.76 37.28 27.47
CA PRO C 319 -7.22 37.61 26.12
C PRO C 319 -8.24 36.66 25.52
N ASN C 320 -9.03 37.20 24.57
CA ASN C 320 -10.01 36.30 23.97
C ASN C 320 -9.40 35.54 22.79
N SER C 321 -8.14 35.16 22.93
CA SER C 321 -7.44 34.43 21.88
C SER C 321 -6.50 33.42 22.51
N SER C 322 -6.35 32.27 21.86
CA SER C 322 -5.33 31.30 22.25
C SER C 322 -3.95 31.59 21.69
N GLU C 323 -3.72 32.67 20.95
CA GLU C 323 -2.38 32.96 20.44
C GLU C 323 -1.45 33.46 21.53
N ILE C 324 -0.20 33.04 21.43
CA ILE C 324 0.80 33.50 22.42
C ILE C 324 1.38 34.82 21.94
N THR C 325 1.01 35.91 22.54
CA THR C 325 1.27 37.31 22.28
C THR C 325 1.75 38.01 23.55
N PRO C 326 2.31 39.20 23.39
CA PRO C 326 2.60 40.07 24.54
C PRO C 326 1.42 40.20 25.48
N GLU C 327 0.22 40.40 24.96
CA GLU C 327 -1.02 40.53 25.72
C GLU C 327 -1.28 39.30 26.59
N LEU C 328 -1.14 38.14 25.94
CA LEU C 328 -1.30 36.87 26.63
C LEU C 328 -0.27 36.78 27.75
N CYS C 329 0.97 37.06 27.40
CA CYS C 329 2.04 36.75 28.35
C CYS C 329 2.09 37.81 29.44
N SER C 330 1.48 38.98 29.21
CA SER C 330 1.46 39.89 30.37
C SER C 330 0.27 39.52 31.25
N THR C 331 -0.87 39.19 30.63
CA THR C 331 -2.06 39.05 31.48
C THR C 331 -2.00 37.77 32.32
N MET C 332 -1.41 36.73 31.78
CA MET C 332 -1.38 35.39 32.28
C MET C 332 -0.96 35.22 33.72
N PHE C 333 0.23 35.79 33.95
CA PHE C 333 0.92 35.56 35.21
C PHE C 333 0.15 36.07 36.42
N ASP C 334 -0.38 37.27 36.30
CA ASP C 334 -1.13 37.89 37.39
C ASP C 334 -2.26 36.96 37.82
N VAL C 335 -2.99 36.44 36.84
CA VAL C 335 -4.16 35.61 37.02
C VAL C 335 -3.81 34.21 37.53
N PHE C 336 -2.75 33.61 36.99
CA PHE C 336 -2.34 32.27 37.34
C PHE C 336 -1.63 32.23 38.69
N ASN C 337 -1.36 33.43 39.17
CA ASN C 337 -0.66 33.68 40.41
C ASN C 337 0.75 33.11 40.39
N ASP C 338 1.51 33.38 39.32
CA ASP C 338 2.85 32.83 39.18
C ASP C 338 3.89 33.90 38.88
N ARG C 339 5.14 33.64 39.24
CA ARG C 339 6.20 34.61 39.01
C ARG C 339 6.44 34.85 37.52
N ASN C 340 6.43 36.11 37.11
CA ASN C 340 6.67 36.46 35.71
C ASN C 340 8.14 36.47 35.30
N ARG C 341 8.75 35.30 35.12
CA ARG C 341 10.12 35.14 34.66
C ARG C 341 10.24 35.65 33.20
N PHE C 342 9.13 35.43 32.51
CA PHE C 342 9.04 35.82 31.10
C PHE C 342 9.38 37.29 30.90
N GLU C 343 8.76 38.18 31.67
CA GLU C 343 9.00 39.60 31.73
C GLU C 343 10.39 39.91 32.28
N GLU C 344 10.83 39.22 33.34
CA GLU C 344 12.17 39.54 33.85
C GLU C 344 13.29 39.41 32.84
N VAL C 345 13.33 38.39 31.99
CA VAL C 345 14.42 38.25 31.01
C VAL C 345 14.15 39.06 29.73
N GLY C 346 13.07 39.83 29.64
CA GLY C 346 12.94 40.72 28.49
C GLY C 346 11.59 40.72 27.80
N GLY C 347 10.66 39.88 28.23
CA GLY C 347 9.33 39.79 27.68
C GLY C 347 9.35 39.31 26.23
N PHE C 348 8.29 39.69 25.51
CA PHE C 348 8.14 39.24 24.14
C PHE C 348 9.20 39.79 23.20
N GLU C 349 9.69 41.00 23.48
CA GLU C 349 10.81 41.43 22.64
C GLU C 349 11.98 40.48 22.72
N GLN C 350 12.30 39.92 23.89
CA GLN C 350 13.37 38.94 23.95
C GLN C 350 13.07 37.66 23.19
N LEU C 351 11.80 37.28 23.20
CA LEU C 351 11.34 36.10 22.47
C LEU C 351 11.49 36.35 20.96
N ASN C 352 11.11 37.56 20.56
CA ASN C 352 11.26 37.90 19.14
C ASN C 352 12.69 37.64 18.70
N ASN C 353 13.63 38.18 19.47
CA ASN C 353 15.05 37.89 19.29
C ASN C 353 15.37 36.41 19.25
N ALA C 354 14.73 35.66 20.14
CA ALA C 354 15.03 34.22 20.18
C ALA C 354 14.54 33.56 18.90
N LEU C 355 13.38 34.03 18.45
CA LEU C 355 12.86 33.46 17.19
C LEU C 355 13.75 33.72 15.99
N ARG C 356 14.72 34.60 16.10
CA ARG C 356 15.64 34.99 15.04
C ARG C 356 17.00 34.32 15.16
N VAL C 357 17.16 33.46 16.16
CA VAL C 357 18.36 32.66 16.31
C VAL C 357 18.15 31.26 15.71
N PRO C 358 19.11 30.77 14.93
CA PRO C 358 18.98 29.48 14.26
C PRO C 358 18.72 28.36 15.28
N MET C 359 17.78 27.49 14.96
CA MET C 359 17.47 26.36 15.82
C MET C 359 17.55 24.98 15.20
N VAL C 360 17.81 24.07 16.12
CA VAL C 360 17.84 22.63 15.96
C VAL C 360 16.54 22.00 16.44
N LEU C 361 16.10 20.95 15.75
CA LEU C 361 14.81 20.37 16.06
C LEU C 361 14.96 19.10 16.90
N VAL C 362 14.26 19.06 18.01
CA VAL C 362 14.49 17.97 18.98
C VAL C 362 13.27 17.05 19.03
N MET C 363 13.43 15.75 18.86
CA MET C 363 12.33 14.82 19.08
C MET C 363 12.70 13.94 20.28
N SER C 364 11.71 13.74 21.15
CA SER C 364 12.08 13.08 22.41
C SER C 364 10.91 12.45 23.13
N ILE C 365 11.19 11.57 24.08
CA ILE C 365 10.14 10.99 24.92
C ILE C 365 10.78 10.68 26.27
N TRP C 366 10.08 11.11 27.34
CA TRP C 366 10.82 11.08 28.61
C TRP C 366 9.91 11.19 29.82
N ASP C 367 10.38 10.61 30.94
CA ASP C 367 9.60 10.77 32.17
C ASP C 367 10.40 11.69 33.09
N ASP C 368 9.78 12.19 34.16
CA ASP C 368 10.27 13.30 34.97
C ASP C 368 10.51 13.00 36.43
N HIS C 369 11.78 12.84 36.83
CA HIS C 369 11.97 12.42 38.23
C HIS C 369 11.66 13.56 39.20
N TYR C 370 11.76 14.79 38.70
CA TYR C 370 11.63 16.01 39.49
C TYR C 370 10.20 16.41 39.77
N ALA C 371 9.25 16.26 38.83
CA ALA C 371 7.90 16.74 39.26
C ALA C 371 6.80 15.83 38.75
N ASN C 372 7.21 14.65 38.25
CA ASN C 372 6.31 13.59 37.81
C ASN C 372 5.44 14.03 36.63
N MET C 373 5.93 15.07 35.98
CA MET C 373 5.25 15.66 34.82
C MET C 373 3.92 16.27 35.24
N LEU C 374 3.80 16.61 36.52
CA LEU C 374 2.51 17.04 37.05
C LEU C 374 2.18 18.42 36.49
N TRP C 375 3.24 19.16 36.18
CA TRP C 375 3.17 20.47 35.57
C TRP C 375 2.53 20.38 34.18
N LEU C 376 2.50 19.18 33.61
CA LEU C 376 2.02 19.02 32.24
C LEU C 376 0.57 18.56 32.21
N ASP C 377 0.25 17.56 33.04
CA ASP C 377 -0.95 16.76 32.77
C ASP C 377 -1.80 16.60 34.00
N SER C 378 -1.45 17.37 35.06
CA SER C 378 -2.21 17.09 36.30
C SER C 378 -2.37 18.36 37.11
N ILE C 379 -2.41 18.29 38.43
CA ILE C 379 -2.48 19.54 39.22
C ILE C 379 -1.12 19.86 39.81
N TYR C 380 -0.72 21.14 39.78
CA TYR C 380 0.67 21.44 40.13
C TYR C 380 0.82 22.91 40.40
N PRO C 381 1.65 23.35 41.32
CA PRO C 381 2.70 22.66 42.06
C PRO C 381 2.30 21.90 43.32
N PRO C 382 3.25 21.28 44.02
CA PRO C 382 2.96 20.76 45.37
C PRO C 382 3.03 21.86 46.42
N GLU C 383 2.18 22.88 46.27
CA GLU C 383 2.21 24.01 47.19
C GLU C 383 0.81 24.55 47.47
N LYS C 384 -0.16 24.19 46.65
CA LYS C 384 -1.56 24.61 46.68
C LYS C 384 -2.18 24.51 45.28
N GLU C 385 -3.37 23.96 45.21
CA GLU C 385 -4.28 23.52 44.18
C GLU C 385 -5.67 24.14 44.27
N GLY C 386 -6.39 24.24 43.13
CA GLY C 386 -7.69 24.91 43.17
C GLY C 386 -7.62 26.33 42.68
N GLN C 387 -6.44 26.92 42.65
CA GLN C 387 -6.31 28.28 42.14
C GLN C 387 -6.05 28.23 40.64
N PRO C 388 -6.28 29.34 39.94
CA PRO C 388 -6.06 29.38 38.50
C PRO C 388 -4.66 28.95 38.10
N GLY C 389 -4.60 28.10 37.09
CA GLY C 389 -3.36 27.68 36.49
C GLY C 389 -2.80 26.40 37.04
N ALA C 390 -3.26 25.99 38.23
CA ALA C 390 -2.68 24.79 38.83
C ALA C 390 -3.10 23.52 38.12
N ALA C 391 -4.34 23.39 37.63
CA ALA C 391 -4.64 22.12 36.93
C ALA C 391 -4.24 22.25 35.46
N ARG C 392 -3.57 21.22 34.95
CA ARG C 392 -3.11 21.25 33.56
C ARG C 392 -3.52 20.00 32.81
N GLY C 393 -4.30 19.15 33.48
CA GLY C 393 -4.78 17.93 32.82
C GLY C 393 -5.51 17.07 33.84
N ASP C 394 -6.17 15.98 33.47
CA ASP C 394 -6.83 15.34 34.64
C ASP C 394 -6.10 14.08 35.04
N CYS C 395 -4.77 14.13 34.86
CA CYS C 395 -4.02 12.95 35.31
C CYS C 395 -4.03 12.93 36.84
N PRO C 396 -4.15 11.73 37.39
CA PRO C 396 -4.15 11.55 38.84
C PRO C 396 -2.99 12.25 39.52
N THR C 397 -3.22 12.92 40.64
CA THR C 397 -2.11 13.65 41.28
C THR C 397 -1.02 12.75 41.77
N ASP C 398 -1.15 11.41 41.71
CA ASP C 398 0.11 10.71 41.92
C ASP C 398 0.43 9.90 40.68
N SER C 399 0.19 10.50 39.51
CA SER C 399 0.71 9.88 38.30
C SER C 399 2.18 10.26 38.18
N GLY C 400 2.85 9.45 37.36
CA GLY C 400 4.14 9.88 36.87
C GLY C 400 5.31 9.59 37.76
N VAL C 401 5.20 8.77 38.81
CA VAL C 401 6.50 8.46 39.45
C VAL C 401 7.26 7.58 38.46
N PRO C 402 8.42 8.04 38.01
CA PRO C 402 9.17 7.34 36.96
C PRO C 402 9.26 5.84 37.15
N ALA C 403 9.65 5.42 38.35
CA ALA C 403 9.72 3.99 38.64
C ALA C 403 8.42 3.29 38.29
N GLU C 404 7.31 3.89 38.71
CA GLU C 404 5.99 3.34 38.55
C GLU C 404 5.57 3.35 37.08
N VAL C 405 5.68 4.51 36.45
CA VAL C 405 5.22 4.70 35.06
C VAL C 405 6.01 3.77 34.13
N GLU C 406 7.30 3.64 34.42
CA GLU C 406 8.18 2.76 33.65
C GLU C 406 7.80 1.29 33.78
N ALA C 407 7.28 0.90 34.94
CA ALA C 407 6.82 -0.48 35.15
C ALA C 407 5.37 -0.66 34.73
N GLN C 408 4.58 0.42 34.68
CA GLN C 408 3.22 0.21 34.16
C GLN C 408 3.19 0.34 32.64
N PHE C 409 3.83 1.34 32.04
CA PHE C 409 3.67 1.51 30.58
C PHE C 409 4.98 1.41 29.85
N PRO C 410 5.78 0.35 29.99
CA PRO C 410 7.12 0.35 29.36
C PRO C 410 7.09 0.31 27.84
N ASP C 411 5.93 -0.01 27.28
CA ASP C 411 5.82 -0.13 25.83
C ASP C 411 5.19 1.09 25.16
N ALA C 412 4.85 2.10 25.97
CA ALA C 412 4.36 3.36 25.44
C ALA C 412 5.29 3.83 24.33
N GLN C 413 4.74 4.56 23.36
CA GLN C 413 5.62 5.07 22.32
C GLN C 413 5.01 6.29 21.65
N VAL C 414 5.90 7.01 20.96
CA VAL C 414 5.40 8.10 20.14
C VAL C 414 5.98 7.87 18.73
N VAL C 415 5.17 8.17 17.73
CA VAL C 415 5.67 8.21 16.36
C VAL C 415 5.46 9.61 15.77
N TRP C 416 6.57 10.23 15.42
CA TRP C 416 6.66 11.52 14.76
C TRP C 416 6.70 11.26 13.26
N SER C 417 5.86 11.93 12.47
CA SER C 417 6.00 11.64 11.02
C SER C 417 5.65 12.89 10.23
N ASN C 418 5.94 12.90 8.95
CA ASN C 418 5.40 13.94 8.07
C ASN C 418 5.76 15.34 8.57
N ILE C 419 7.03 15.49 8.90
CA ILE C 419 7.76 16.70 9.20
C ILE C 419 7.70 17.68 8.03
N ARG C 420 7.18 18.88 8.21
CA ARG C 420 7.16 19.86 7.13
C ARG C 420 7.55 21.26 7.60
N PHE C 421 8.29 22.01 6.78
CA PHE C 421 8.72 23.36 7.10
C PHE C 421 8.88 24.26 5.87
N GLY C 422 8.39 25.49 6.06
CA GLY C 422 8.61 26.60 5.18
C GLY C 422 7.77 27.79 5.62
N PRO C 423 7.59 28.73 4.69
CA PRO C 423 6.91 29.98 5.04
C PRO C 423 5.51 29.75 5.59
N ILE C 424 5.01 30.73 6.33
CA ILE C 424 3.71 30.62 6.96
C ILE C 424 2.65 30.25 5.91
N GLY C 425 1.77 29.30 6.18
CA GLY C 425 0.77 28.86 5.23
C GLY C 425 1.19 27.84 4.20
N SER C 426 2.42 27.37 4.14
CA SER C 426 2.87 26.56 3.00
C SER C 426 2.83 25.07 3.25
N THR C 427 2.87 24.66 4.52
CA THR C 427 2.90 23.24 4.81
C THR C 427 1.49 22.64 4.69
N TYR C 428 0.49 23.44 5.01
CA TYR C 428 -0.91 23.05 4.82
C TYR C 428 -1.73 24.26 4.36
N ASP C 429 -2.77 23.95 3.57
CA ASP C 429 -3.51 25.09 3.00
C ASP C 429 -4.65 25.47 3.92
N PHE C 430 -4.33 26.23 4.95
CA PHE C 430 -5.21 26.77 5.96
C PHE C 430 -4.63 28.13 6.31
N PCA D 1 -44.55 1.34 -14.22
CA PCA D 1 -43.58 0.48 -14.87
CB PCA D 1 -42.53 1.47 -15.38
CG PCA D 1 -42.62 2.65 -14.47
CD PCA D 1 -43.96 2.60 -13.80
OE PCA D 1 -44.36 3.36 -12.92
C PCA D 1 -42.89 -0.51 -13.90
O PCA D 1 -42.71 -0.27 -12.72
N ARG D 2 -42.51 -1.62 -14.52
CA ARG D 2 -41.82 -2.72 -13.91
C ARG D 2 -40.32 -2.53 -13.99
N ALA D 3 -39.57 -3.33 -13.25
CA ALA D 3 -38.11 -3.21 -13.34
C ALA D 3 -37.64 -4.17 -14.42
N GLY D 4 -36.68 -3.76 -15.22
CA GLY D 4 -36.17 -4.64 -16.26
C GLY D 4 -35.19 -5.62 -15.66
N ASN D 5 -34.77 -6.62 -16.41
CA ASN D 5 -33.89 -7.68 -15.99
C ASN D 5 -32.72 -7.82 -16.97
N GLU D 6 -32.31 -6.68 -17.51
CA GLU D 6 -31.17 -6.57 -18.40
C GLU D 6 -29.97 -5.96 -17.66
N THR D 7 -30.26 -5.02 -16.78
CA THR D 7 -29.22 -4.30 -16.06
C THR D 7 -29.53 -4.31 -14.57
N PRO D 8 -28.70 -4.96 -13.77
CA PRO D 8 -28.93 -4.92 -12.32
C PRO D 8 -28.64 -3.52 -11.80
N GLU D 9 -29.43 -3.18 -10.80
CA GLU D 9 -29.35 -1.89 -10.11
C GLU D 9 -28.57 -2.10 -8.81
N ASN D 10 -27.37 -1.56 -8.77
CA ASN D 10 -26.53 -1.57 -7.58
C ASN D 10 -26.42 -0.14 -7.08
N HIS D 11 -26.90 0.12 -5.87
CA HIS D 11 -26.90 1.44 -5.29
C HIS D 11 -25.51 1.73 -4.71
N PRO D 12 -24.87 2.86 -4.96
CA PRO D 12 -23.60 3.17 -4.33
C PRO D 12 -23.80 3.29 -2.81
N PRO D 13 -22.86 2.76 -2.05
CA PRO D 13 -22.90 2.92 -0.59
C PRO D 13 -22.67 4.37 -0.17
N LEU D 14 -23.23 4.71 0.97
CA LEU D 14 -22.99 6.00 1.59
C LEU D 14 -23.29 5.99 3.09
N THR D 15 -22.30 6.37 3.89
CA THR D 15 -22.54 6.61 5.30
C THR D 15 -22.99 8.06 5.54
N TRP D 16 -23.88 8.18 6.52
CA TRP D 16 -24.36 9.42 7.10
C TRP D 16 -24.42 9.27 8.62
N GLN D 17 -24.66 10.35 9.37
CA GLN D 17 -24.69 10.14 10.81
C GLN D 17 -25.93 10.72 11.48
N ARG D 18 -26.52 9.90 12.33
CA ARG D 18 -27.67 10.16 13.19
C ARG D 18 -27.18 10.54 14.59
N CYS D 19 -27.37 11.80 14.96
CA CYS D 19 -26.88 12.32 16.22
C CYS D 19 -28.04 12.55 17.18
N THR D 20 -27.68 12.38 18.47
CA THR D 20 -28.71 12.46 19.50
C THR D 20 -28.47 13.66 20.39
N ALA D 21 -27.21 14.10 20.41
CA ALA D 21 -26.80 15.22 21.24
C ALA D 21 -25.40 15.65 20.81
N PRO D 22 -24.95 16.86 21.17
CA PRO D 22 -23.59 17.26 20.81
C PRO D 22 -22.59 16.36 21.54
N GLY D 23 -21.94 15.52 20.74
CA GLY D 23 -20.96 14.59 21.28
C GLY D 23 -21.31 13.14 20.96
N ASN D 24 -22.55 12.84 20.58
CA ASN D 24 -22.97 11.48 20.28
C ASN D 24 -23.65 11.37 18.91
N CYS D 25 -22.87 10.90 17.95
CA CYS D 25 -23.35 10.66 16.60
C CYS D 25 -23.06 9.19 16.26
N GLN D 26 -24.05 8.50 15.73
CA GLN D 26 -24.10 7.12 15.32
C GLN D 26 -23.97 7.02 13.79
N THR D 27 -23.14 6.10 13.35
CA THR D 27 -23.01 5.92 11.89
C THR D 27 -24.16 5.10 11.35
N VAL D 28 -24.51 5.42 10.10
CA VAL D 28 -25.56 4.71 9.36
C VAL D 28 -24.98 4.28 8.02
N ASN D 29 -24.93 2.99 7.74
CA ASN D 29 -24.50 2.42 6.47
C ASN D 29 -25.72 2.43 5.54
N ALA D 30 -25.66 3.28 4.53
CA ALA D 30 -26.82 3.42 3.65
C ALA D 30 -26.39 3.34 2.19
N GLU D 31 -27.24 3.89 1.32
CA GLU D 31 -26.89 3.89 -0.11
C GLU D 31 -27.65 5.00 -0.83
N VAL D 32 -27.34 5.20 -2.10
CA VAL D 32 -28.09 6.20 -2.84
C VAL D 32 -28.62 5.55 -4.13
N VAL D 33 -29.56 6.25 -4.75
CA VAL D 33 -30.12 5.77 -6.03
C VAL D 33 -30.45 6.94 -6.95
N ILE D 34 -30.18 6.79 -8.23
CA ILE D 34 -30.43 7.90 -9.17
C ILE D 34 -31.91 7.95 -9.56
N ASP D 35 -32.48 9.12 -9.82
CA ASP D 35 -33.85 9.40 -10.21
C ASP D 35 -34.24 8.57 -11.45
N ALA D 36 -35.42 8.00 -11.42
CA ALA D 36 -35.99 7.10 -12.42
C ALA D 36 -35.89 7.70 -13.82
N ASN D 37 -35.99 9.02 -13.93
CA ASN D 37 -35.91 9.65 -15.26
C ASN D 37 -34.58 9.48 -15.98
N TRP D 38 -33.53 9.05 -15.27
CA TRP D 38 -32.22 8.92 -15.89
C TRP D 38 -32.02 7.55 -16.51
N ARG D 39 -32.98 6.65 -16.31
CA ARG D 39 -32.84 5.26 -16.70
C ARG D 39 -33.34 4.87 -18.09
N TRP D 40 -32.73 3.87 -18.69
CA TRP D 40 -33.18 3.25 -19.94
C TRP D 40 -34.58 2.73 -19.81
N LEU D 41 -35.50 2.92 -20.78
CA LEU D 41 -36.84 2.35 -20.64
C LEU D 41 -37.19 1.54 -21.89
N HIS D 42 -37.51 0.27 -21.72
CA HIS D 42 -37.69 -0.64 -22.85
C HIS D 42 -38.81 -1.63 -22.55
N ASP D 43 -39.26 -2.31 -23.60
CA ASP D 43 -40.28 -3.33 -23.61
C ASP D 43 -39.69 -4.72 -23.55
N ASP D 44 -40.48 -5.78 -23.36
CA ASP D 44 -39.81 -7.08 -23.18
C ASP D 44 -39.03 -7.52 -24.42
N ASN D 45 -39.44 -7.06 -25.60
CA ASN D 45 -38.66 -7.33 -26.80
C ASN D 45 -37.61 -6.27 -27.08
N MET D 46 -36.89 -5.88 -26.04
CA MET D 46 -35.69 -5.07 -26.01
C MET D 46 -35.77 -3.70 -26.68
N GLN D 47 -36.94 -3.27 -27.15
CA GLN D 47 -37.02 -1.97 -27.80
C GLN D 47 -37.45 -0.88 -26.83
N ASN D 48 -36.78 0.25 -26.99
CA ASN D 48 -36.90 1.40 -26.12
C ASN D 48 -38.30 2.00 -26.16
N CYS D 49 -38.72 2.56 -25.04
CA CYS D 49 -40.04 3.16 -24.99
C CYS D 49 -39.86 4.67 -25.13
N TYR D 50 -38.63 5.09 -24.86
CA TYR D 50 -38.24 6.50 -24.89
C TYR D 50 -36.80 6.61 -25.39
N ASP D 51 -36.56 7.54 -26.32
CA ASP D 51 -35.25 7.70 -26.91
C ASP D 51 -35.06 9.16 -27.32
N GLY D 52 -33.91 9.75 -26.99
CA GLY D 52 -33.82 11.20 -27.21
C GLY D 52 -34.66 11.94 -26.19
N ASN D 53 -35.69 12.61 -26.69
CA ASN D 53 -36.67 13.30 -25.86
C ASN D 53 -38.06 12.99 -26.37
N GLN D 54 -38.24 11.80 -26.96
CA GLN D 54 -39.58 11.46 -27.45
C GLN D 54 -39.91 10.01 -27.19
N TRP D 55 -41.13 9.70 -26.71
CA TRP D 55 -41.40 8.26 -26.58
C TRP D 55 -41.38 7.60 -27.97
N THR D 56 -41.29 6.29 -27.98
CA THR D 56 -41.25 5.47 -29.18
C THR D 56 -42.63 4.95 -29.51
N ASN D 57 -42.69 4.04 -30.50
CA ASN D 57 -44.03 3.50 -30.71
C ASN D 57 -44.14 2.21 -29.90
N ALA D 58 -43.20 2.04 -28.96
CA ALA D 58 -43.27 0.82 -28.14
C ALA D 58 -44.53 0.75 -27.29
N CYS D 59 -45.14 1.90 -27.01
CA CYS D 59 -46.32 2.00 -26.18
C CYS D 59 -47.13 3.22 -26.60
N SER D 60 -48.31 3.40 -25.99
CA SER D 60 -49.04 4.56 -26.53
C SER D 60 -49.89 5.33 -25.54
N THR D 61 -50.20 4.84 -24.34
CA THR D 61 -51.07 5.58 -23.45
C THR D 61 -50.51 5.60 -22.01
N ALA D 62 -51.00 6.49 -21.17
CA ALA D 62 -50.69 6.56 -19.75
C ALA D 62 -50.50 5.19 -19.13
N THR D 63 -51.55 4.41 -19.30
CA THR D 63 -51.74 3.07 -18.79
C THR D 63 -51.01 1.95 -19.50
N ASP D 64 -50.85 1.92 -20.82
CA ASP D 64 -50.16 0.75 -21.41
C ASP D 64 -48.65 0.91 -21.39
N CYS D 65 -48.16 2.12 -21.10
CA CYS D 65 -46.68 2.13 -21.03
C CYS D 65 -46.22 1.61 -19.67
N ALA D 66 -46.92 2.00 -18.60
CA ALA D 66 -46.55 1.50 -17.27
C ALA D 66 -46.53 -0.01 -17.31
N GLU D 67 -47.44 -0.61 -18.08
CA GLU D 67 -47.36 -2.09 -17.98
C GLU D 67 -46.64 -2.65 -19.18
N LYS D 68 -46.23 -1.83 -20.14
CA LYS D 68 -45.45 -2.36 -21.26
C LYS D 68 -43.97 -2.02 -21.12
N CYS D 69 -43.69 -0.92 -20.40
CA CYS D 69 -42.27 -0.58 -20.23
C CYS D 69 -41.75 -0.91 -18.84
N MET D 70 -40.44 -1.15 -18.77
CA MET D 70 -39.71 -1.47 -17.54
C MET D 70 -38.47 -0.63 -17.36
N ILE D 71 -38.25 -0.02 -16.20
CA ILE D 71 -37.07 0.82 -15.99
C ILE D 71 -35.87 -0.05 -15.63
N GLU D 72 -34.68 0.37 -16.04
CA GLU D 72 -33.49 -0.46 -15.85
C GLU D 72 -32.54 0.02 -14.76
N GLY D 73 -31.56 -0.84 -14.49
CA GLY D 73 -30.52 -0.51 -13.53
C GLY D 73 -29.62 0.57 -14.08
N ALA D 74 -28.82 1.21 -13.22
CA ALA D 74 -27.98 2.26 -13.78
C ALA D 74 -26.59 1.78 -14.17
N GLY D 75 -26.38 0.47 -14.30
CA GLY D 75 -25.04 -0.01 -14.65
C GLY D 75 -24.06 0.48 -13.60
N ASP D 76 -22.87 0.86 -14.03
CA ASP D 76 -21.91 1.59 -13.20
C ASP D 76 -22.32 3.06 -13.29
N TYR D 77 -22.57 3.60 -12.12
CA TYR D 77 -22.94 5.01 -12.00
C TYR D 77 -21.84 5.98 -12.38
N LEU D 78 -20.57 5.59 -12.25
CA LEU D 78 -19.48 6.50 -12.56
C LEU D 78 -19.46 6.82 -14.06
N GLY D 79 -19.42 5.74 -14.83
CA GLY D 79 -19.26 5.78 -16.26
C GLY D 79 -20.32 6.55 -17.03
N THR D 80 -21.58 6.37 -16.68
CA THR D 80 -22.67 6.99 -17.43
C THR D 80 -23.11 8.31 -16.80
N TYR D 81 -23.32 8.26 -15.49
CA TYR D 81 -23.95 9.41 -14.85
C TYR D 81 -23.04 10.31 -14.05
N GLY D 82 -21.74 10.10 -13.98
CA GLY D 82 -20.81 10.99 -13.32
C GLY D 82 -20.80 10.97 -11.80
N ALA D 83 -21.33 9.89 -11.26
CA ALA D 83 -21.62 9.71 -9.86
C ALA D 83 -20.78 8.61 -9.20
N SER D 84 -20.14 8.97 -8.08
CA SER D 84 -19.49 7.95 -7.27
C SER D 84 -19.42 8.37 -5.80
N THR D 85 -19.21 7.35 -4.97
CA THR D 85 -19.20 7.50 -3.53
C THR D 85 -17.92 6.90 -2.93
N SER D 86 -17.48 7.53 -1.86
CA SER D 86 -16.32 7.09 -1.07
C SER D 86 -16.67 7.36 0.38
N GLY D 87 -16.84 6.30 1.16
CA GLY D 87 -17.30 6.47 2.52
C GLY D 87 -18.46 7.40 2.75
N ASP D 88 -18.15 8.60 3.22
CA ASP D 88 -19.24 9.52 3.51
C ASP D 88 -19.43 10.55 2.39
N ALA D 89 -18.78 10.32 1.27
CA ALA D 89 -18.84 11.33 0.22
C ALA D 89 -19.53 10.86 -1.05
N LEU D 90 -20.39 11.70 -1.60
CA LEU D 90 -21.02 11.52 -2.90
C LEU D 90 -20.57 12.64 -3.85
N THR D 91 -19.92 12.29 -4.94
CA THR D 91 -19.45 13.21 -5.94
C THR D 91 -20.31 13.10 -7.21
N LEU D 92 -20.87 14.24 -7.62
CA LEU D 92 -21.70 14.32 -8.83
C LEU D 92 -21.06 15.18 -9.91
N LYS D 93 -20.85 14.59 -11.09
CA LYS D 93 -20.24 15.33 -12.20
C LYS D 93 -21.30 15.96 -13.07
N PHE D 94 -21.03 17.19 -13.53
CA PHE D 94 -22.09 17.94 -14.22
C PHE D 94 -22.35 17.31 -15.57
N VAL D 95 -21.29 17.14 -16.36
CA VAL D 95 -21.44 16.56 -17.70
C VAL D 95 -20.55 15.35 -17.89
N THR D 96 -21.13 14.26 -18.37
CA THR D 96 -20.42 13.03 -18.69
C THR D 96 -20.73 12.66 -20.14
N LYS D 97 -19.74 12.53 -21.02
CA LYS D 97 -20.08 12.09 -22.39
C LYS D 97 -19.68 10.63 -22.58
N HIS D 98 -20.44 9.71 -22.00
CA HIS D 98 -20.13 8.29 -22.00
C HIS D 98 -20.48 7.57 -23.29
N GLU D 99 -19.56 6.70 -23.69
CA GLU D 99 -19.65 5.72 -24.74
C GLU D 99 -20.48 6.07 -25.96
N TYR D 100 -21.78 6.30 -25.83
CA TYR D 100 -22.55 6.58 -27.05
C TYR D 100 -23.45 7.81 -26.90
N GLY D 101 -23.18 8.66 -25.91
CA GLY D 101 -23.97 9.85 -25.69
C GLY D 101 -23.43 10.74 -24.58
N THR D 102 -24.33 11.47 -23.93
CA THR D 102 -23.95 12.44 -22.92
C THR D 102 -24.97 12.60 -21.82
N ASN D 103 -24.44 12.69 -20.59
CA ASN D 103 -25.35 12.91 -19.47
C ASN D 103 -25.12 14.30 -18.89
N VAL D 104 -26.20 15.02 -18.63
CA VAL D 104 -26.01 16.34 -18.01
C VAL D 104 -26.81 16.42 -16.74
N GLY D 105 -26.10 16.49 -15.58
CA GLY D 105 -26.87 16.65 -14.35
C GLY D 105 -27.29 15.28 -13.82
N SER D 106 -27.63 15.28 -12.54
CA SER D 106 -28.13 14.07 -11.87
C SER D 106 -28.90 14.43 -10.62
N ARG D 107 -29.73 13.50 -10.16
CA ARG D 107 -30.54 13.68 -8.97
C ARG D 107 -30.67 12.35 -8.23
N PHE D 108 -30.03 12.27 -7.06
CA PHE D 108 -29.98 11.10 -6.20
C PHE D 108 -30.79 11.28 -4.93
N TYR D 109 -31.30 10.17 -4.39
CA TYR D 109 -32.01 10.21 -3.10
C TYR D 109 -31.26 9.36 -2.10
N LEU D 110 -31.28 9.71 -0.82
CA LEU D 110 -30.68 8.87 0.21
C LEU D 110 -31.60 7.76 0.70
N MET D 111 -31.08 6.53 0.78
CA MET D 111 -31.86 5.34 1.08
C MET D 111 -31.67 4.85 2.53
N ASN D 112 -32.63 4.04 2.95
CA ASN D 112 -32.78 3.25 4.16
C ASN D 112 -33.10 1.84 3.65
N GLY D 113 -32.07 1.12 3.28
CA GLY D 113 -32.17 -0.16 2.61
C GLY D 113 -32.57 0.07 1.15
N PRO D 114 -32.43 -0.99 0.36
CA PRO D 114 -32.70 -0.95 -1.06
C PRO D 114 -34.17 -0.80 -1.46
N ASP D 115 -35.14 -0.92 -0.58
CA ASP D 115 -36.60 -0.93 -0.70
C ASP D 115 -37.30 0.36 -0.35
N LYS D 116 -36.55 1.21 0.37
CA LYS D 116 -37.18 2.46 0.80
C LYS D 116 -36.19 3.63 0.79
N TYR D 117 -36.81 4.81 0.82
CA TYR D 117 -36.05 6.02 1.10
C TYR D 117 -35.91 6.20 2.62
N GLN D 118 -34.80 6.81 2.98
CA GLN D 118 -34.61 7.34 4.34
C GLN D 118 -35.52 8.55 4.54
N MET D 119 -36.38 8.46 5.53
CA MET D 119 -37.32 9.56 5.81
C MET D 119 -36.78 10.36 6.99
N PHE D 120 -36.94 11.67 6.93
CA PHE D 120 -36.55 12.59 7.99
C PHE D 120 -37.76 13.35 8.49
N ASN D 121 -37.93 13.44 9.80
CA ASN D 121 -38.92 14.27 10.46
C ASN D 121 -38.26 15.61 10.72
N LEU D 122 -38.60 16.66 9.96
CA LEU D 122 -37.78 17.87 10.01
C LEU D 122 -37.94 18.67 11.28
N MET D 123 -39.17 18.76 11.80
CA MET D 123 -39.41 19.68 12.92
C MET D 123 -38.57 19.29 14.13
N GLY D 124 -37.95 20.27 14.77
CA GLY D 124 -37.13 20.03 15.93
C GLY D 124 -35.71 19.59 15.70
N ASN D 125 -35.35 19.32 14.46
CA ASN D 125 -34.08 18.69 14.09
C ASN D 125 -33.35 19.56 13.08
N GLU D 126 -32.09 19.20 12.89
CA GLU D 126 -31.21 20.00 12.05
C GLU D 126 -30.53 19.02 11.12
N LEU D 127 -30.15 19.46 9.94
CA LEU D 127 -29.34 18.77 8.96
C LEU D 127 -28.00 19.48 8.84
N ALA D 128 -26.91 18.75 8.84
CA ALA D 128 -25.60 19.34 8.55
C ALA D 128 -25.06 18.63 7.31
N PHE D 129 -24.23 19.30 6.52
CA PHE D 129 -23.47 18.49 5.56
C PHE D 129 -22.20 19.24 5.21
N ASP D 130 -21.19 18.54 4.71
CA ASP D 130 -20.09 19.30 4.14
C ASP D 130 -20.25 19.35 2.61
N VAL D 131 -19.72 20.43 2.02
CA VAL D 131 -19.77 20.49 0.56
C VAL D 131 -18.51 21.10 -0.02
N ASP D 132 -18.13 20.59 -1.20
CA ASP D 132 -17.13 21.20 -2.06
C ASP D 132 -17.87 21.61 -3.36
N LEU D 133 -18.09 22.91 -3.54
CA LEU D 133 -18.73 23.38 -4.77
C LEU D 133 -17.84 24.43 -5.44
N SER D 134 -16.54 24.32 -5.20
CA SER D 134 -15.54 25.18 -5.72
C SER D 134 -15.49 25.19 -7.25
N THR D 135 -16.02 24.16 -7.90
CA THR D 135 -15.99 24.19 -9.38
C THR D 135 -17.41 24.31 -9.92
N VAL D 136 -18.38 24.58 -9.07
CA VAL D 136 -19.73 24.83 -9.58
C VAL D 136 -19.83 26.28 -9.98
N GLU D 137 -19.92 26.47 -11.29
CA GLU D 137 -19.73 27.81 -11.84
C GLU D 137 -21.06 28.54 -11.99
N CYS D 138 -21.09 29.74 -12.58
CA CYS D 138 -22.37 30.39 -12.84
C CYS D 138 -23.23 29.52 -13.76
N GLY D 139 -24.53 29.55 -13.58
CA GLY D 139 -25.53 28.84 -14.38
C GLY D 139 -25.73 27.40 -13.96
N ILE D 140 -24.93 26.95 -12.99
CA ILE D 140 -25.10 25.55 -12.60
C ILE D 140 -25.55 25.49 -11.14
N ASN D 141 -26.41 24.55 -10.81
CA ASN D 141 -26.91 24.53 -9.42
C ASN D 141 -26.58 23.19 -8.76
N SER D 142 -25.80 23.21 -7.69
CA SER D 142 -25.55 22.03 -6.87
C SER D 142 -26.54 22.13 -5.72
N ALA D 143 -27.51 21.22 -5.65
CA ALA D 143 -28.50 21.40 -4.59
C ALA D 143 -28.61 20.20 -3.63
N LEU D 144 -28.87 20.52 -2.38
CA LEU D 144 -29.21 19.48 -1.40
C LEU D 144 -30.49 19.92 -0.69
N TYR D 145 -31.56 19.15 -0.81
CA TYR D 145 -32.86 19.60 -0.31
C TYR D 145 -33.74 18.42 0.05
N PHE D 146 -34.88 18.73 0.67
CA PHE D 146 -35.86 17.77 1.12
C PHE D 146 -37.15 17.84 0.29
N VAL D 147 -37.80 16.76 -0.08
CA VAL D 147 -39.13 16.86 -0.70
C VAL D 147 -40.11 15.88 -0.06
N ALA D 148 -41.42 16.09 -0.26
CA ALA D 148 -42.31 15.16 0.44
C ALA D 148 -42.59 13.90 -0.34
N MET D 149 -41.56 13.16 -0.77
CA MET D 149 -41.75 11.91 -1.51
C MET D 149 -42.36 10.83 -0.61
N GLU D 150 -42.92 9.80 -1.18
CA GLU D 150 -43.38 8.54 -0.60
C GLU D 150 -42.21 7.61 -0.33
N GLU D 151 -42.20 6.97 0.84
CA GLU D 151 -41.09 6.17 1.31
C GLU D 151 -40.76 5.04 0.38
N ASP D 152 -41.80 4.37 -0.17
CA ASP D 152 -41.51 3.30 -1.13
C ASP D 152 -41.39 3.85 -2.56
N GLY D 153 -41.44 5.17 -2.74
CA GLY D 153 -41.32 5.73 -4.09
C GLY D 153 -42.64 5.57 -4.84
N GLY D 154 -43.72 5.32 -4.12
CA GLY D 154 -45.08 5.32 -4.61
C GLY D 154 -45.71 4.00 -4.95
N MET D 155 -45.00 2.90 -4.79
CA MET D 155 -45.51 1.60 -5.19
C MET D 155 -46.89 1.26 -4.66
N ALA D 156 -47.07 1.27 -3.33
CA ALA D 156 -48.37 0.99 -2.73
C ALA D 156 -49.44 1.98 -3.21
N SER D 157 -49.15 3.29 -3.18
CA SER D 157 -50.15 4.24 -3.64
C SER D 157 -50.48 4.05 -5.12
N TYR D 158 -49.52 3.66 -5.93
CA TYR D 158 -49.78 3.48 -7.37
C TYR D 158 -49.24 2.18 -7.95
N PRO D 159 -50.02 1.10 -7.87
CA PRO D 159 -49.58 -0.27 -8.20
C PRO D 159 -49.01 -0.49 -9.59
N SER D 160 -49.29 0.45 -10.50
CA SER D 160 -48.73 0.33 -11.83
C SER D 160 -47.22 0.51 -11.76
N ASN D 161 -46.80 1.21 -10.71
CA ASN D 161 -45.41 1.39 -10.34
C ASN D 161 -44.95 0.14 -9.58
N GLN D 162 -44.20 -0.68 -10.31
CA GLN D 162 -43.73 -1.94 -9.77
C GLN D 162 -42.21 -1.93 -9.56
N ALA D 163 -41.62 -0.76 -9.73
CA ALA D 163 -40.17 -0.59 -9.57
C ALA D 163 -39.86 0.00 -8.20
N GLY D 164 -40.32 1.21 -7.93
CA GLY D 164 -40.33 1.83 -6.63
C GLY D 164 -39.08 2.59 -6.26
N ALA D 165 -38.87 2.77 -4.96
CA ALA D 165 -37.68 3.50 -4.50
C ALA D 165 -36.41 2.90 -5.06
N ARG D 166 -36.31 1.58 -5.11
CA ARG D 166 -35.14 0.90 -5.66
C ARG D 166 -34.66 1.45 -6.98
N TYR D 167 -35.58 2.00 -7.78
CA TYR D 167 -35.27 2.58 -9.07
C TYR D 167 -35.48 4.08 -9.03
N GLY D 168 -35.68 4.65 -7.83
CA GLY D 168 -35.66 6.12 -7.84
C GLY D 168 -36.96 6.68 -8.40
N THR D 169 -38.04 5.88 -8.30
CA THR D 169 -39.36 6.35 -8.70
C THR D 169 -39.92 7.30 -7.66
N GLY D 170 -40.94 8.06 -8.05
CA GLY D 170 -41.68 8.90 -7.16
C GLY D 170 -41.26 10.31 -6.87
N TYR D 171 -40.37 10.95 -7.61
CA TYR D 171 -40.06 12.33 -7.31
C TYR D 171 -41.26 13.27 -7.37
N CYS D 172 -41.27 14.25 -6.50
CA CYS D 172 -42.23 15.35 -6.50
C CYS D 172 -41.51 16.59 -6.01
N ASP D 173 -42.05 17.76 -6.27
CA ASP D 173 -41.47 18.99 -5.71
C ASP D 173 -42.51 20.11 -5.81
N ALA D 174 -42.20 21.27 -5.23
CA ALA D 174 -43.12 22.40 -5.21
C ALA D 174 -43.17 23.10 -6.58
N GLN D 175 -42.44 22.57 -7.57
CA GLN D 175 -42.68 23.04 -8.94
C GLN D 175 -43.82 22.23 -9.59
N CYS D 176 -43.86 20.95 -9.31
CA CYS D 176 -44.65 19.89 -9.95
C CYS D 176 -43.89 19.34 -11.15
N ALA D 177 -43.28 18.18 -10.98
CA ALA D 177 -42.33 17.62 -11.95
C ALA D 177 -43.05 16.98 -13.13
N ARG D 178 -43.58 17.84 -14.00
CA ARG D 178 -44.24 17.38 -15.22
C ARG D 178 -43.22 16.89 -16.24
N ASP D 179 -41.94 16.95 -15.92
CA ASP D 179 -40.91 16.50 -16.85
C ASP D 179 -40.56 15.04 -16.63
N LEU D 180 -41.15 14.44 -15.60
CA LEU D 180 -40.95 13.01 -15.42
C LEU D 180 -41.72 12.24 -16.47
N LYS D 181 -41.14 11.14 -16.94
CA LYS D 181 -41.88 10.31 -17.89
C LYS D 181 -42.90 9.43 -17.18
N PHE D 182 -42.76 9.21 -15.86
CA PHE D 182 -43.88 8.59 -15.15
C PHE D 182 -44.23 9.43 -13.92
N VAL D 183 -45.54 9.58 -13.72
CA VAL D 183 -46.10 10.33 -12.60
C VAL D 183 -47.26 9.50 -12.05
N GLY D 184 -47.09 9.13 -10.77
CA GLY D 184 -48.07 8.25 -10.16
C GLY D 184 -48.25 6.96 -10.94
N GLY D 185 -47.15 6.30 -11.21
CA GLY D 185 -47.11 5.04 -11.92
C GLY D 185 -47.80 5.06 -13.27
N LYS D 186 -47.81 6.20 -13.95
CA LYS D 186 -48.47 6.36 -15.24
C LYS D 186 -47.63 7.27 -16.15
N ALA D 187 -47.54 6.91 -17.42
CA ALA D 187 -46.72 7.59 -18.42
C ALA D 187 -47.34 8.95 -18.79
N ASN D 188 -46.45 9.91 -19.00
CA ASN D 188 -46.72 11.25 -19.45
C ASN D 188 -46.64 11.31 -20.98
N ILE D 189 -46.72 10.13 -21.59
CA ILE D 189 -46.67 9.99 -23.04
C ILE D 189 -47.65 10.87 -23.79
N GLU D 190 -48.87 11.04 -23.32
CA GLU D 190 -49.92 11.68 -24.11
C GLU D 190 -49.75 13.18 -24.17
N GLY D 191 -49.35 13.68 -25.33
CA GLY D 191 -49.11 15.10 -25.52
C GLY D 191 -47.73 15.58 -25.12
N TRP D 192 -46.77 14.66 -25.05
CA TRP D 192 -45.41 14.98 -24.61
C TRP D 192 -44.74 16.01 -25.50
N LYS D 193 -44.46 17.17 -24.91
CA LYS D 193 -43.77 18.21 -25.66
C LYS D 193 -42.27 18.07 -25.44
N SER D 194 -41.56 17.64 -26.48
CA SER D 194 -40.11 17.52 -26.24
C SER D 194 -39.52 18.92 -26.15
N SER D 195 -38.56 19.18 -25.25
CA SER D 195 -37.93 20.50 -25.16
C SER D 195 -37.17 20.87 -26.44
N THR D 196 -37.16 22.16 -26.78
CA THR D 196 -36.51 22.61 -28.01
C THR D 196 -35.02 22.87 -27.80
N SER D 197 -34.55 22.84 -26.55
CA SER D 197 -33.14 23.11 -26.28
C SER D 197 -32.46 21.96 -25.54
N ASP D 198 -33.25 21.12 -24.87
CA ASP D 198 -32.73 19.95 -24.19
C ASP D 198 -33.01 18.67 -24.96
N PRO D 199 -32.02 18.14 -25.66
CA PRO D 199 -32.19 16.87 -26.36
C PRO D 199 -32.63 15.70 -25.49
N ASN D 200 -32.72 15.80 -24.17
CA ASN D 200 -33.11 14.68 -23.33
C ASN D 200 -34.50 14.80 -22.72
N ALA D 201 -34.96 16.02 -22.47
CA ALA D 201 -36.11 16.35 -21.68
C ALA D 201 -37.40 16.63 -22.43
N GLY D 202 -38.53 16.51 -21.75
CA GLY D 202 -39.81 16.91 -22.33
C GLY D 202 -40.78 17.30 -21.22
N VAL D 203 -42.02 17.62 -21.59
CA VAL D 203 -43.08 17.95 -20.64
C VAL D 203 -44.33 17.19 -20.98
N GLY D 204 -44.89 16.54 -19.95
CA GLY D 204 -46.17 15.88 -20.11
C GLY D 204 -47.29 16.55 -19.36
N PRO D 205 -48.48 15.98 -19.44
CA PRO D 205 -49.61 16.68 -18.84
C PRO D 205 -49.69 16.46 -17.34
N TYR D 206 -49.15 15.34 -16.84
CA TYR D 206 -49.27 15.24 -15.37
C TYR D 206 -48.18 16.03 -14.67
N GLY D 207 -48.30 16.27 -13.38
CA GLY D 207 -47.29 16.95 -12.57
C GLY D 207 -47.21 16.40 -11.16
N SER D 208 -46.03 15.99 -10.68
CA SER D 208 -45.92 15.47 -9.31
C SER D 208 -45.56 16.59 -8.36
N CYS D 209 -46.47 16.93 -7.46
CA CYS D 209 -46.32 18.07 -6.58
C CYS D 209 -46.17 17.69 -5.11
N CYS D 210 -45.41 18.44 -4.34
CA CYS D 210 -45.36 18.23 -2.89
C CYS D 210 -44.52 19.34 -2.25
N ALA D 211 -44.55 19.42 -0.92
CA ALA D 211 -43.67 20.42 -0.29
C ALA D 211 -42.23 20.04 -0.59
N GLU D 212 -41.40 21.06 -0.51
CA GLU D 212 -40.00 21.02 -0.90
C GLU D 212 -39.32 22.02 0.00
N ILE D 213 -38.39 21.53 0.84
CA ILE D 213 -37.58 22.51 1.56
C ILE D 213 -36.21 22.53 0.93
N ASP D 214 -35.94 23.63 0.18
CA ASP D 214 -34.66 23.78 -0.48
C ASP D 214 -33.64 24.31 0.53
N VAL D 215 -33.09 23.37 1.28
CA VAL D 215 -32.12 23.70 2.32
C VAL D 215 -30.93 24.44 1.71
N TRP D 216 -30.52 23.90 0.56
CA TRP D 216 -29.31 24.31 -0.13
C TRP D 216 -29.48 24.22 -1.65
N GLU D 217 -29.61 25.40 -2.22
CA GLU D 217 -29.47 25.63 -3.66
C GLU D 217 -28.27 26.53 -3.85
N SER D 218 -27.31 26.21 -4.70
CA SER D 218 -26.06 26.92 -4.69
C SER D 218 -25.22 26.70 -5.94
N ASN D 219 -24.12 27.41 -5.92
CA ASN D 219 -22.91 27.24 -6.69
C ASN D 219 -21.82 28.09 -6.05
N ALA D 220 -20.65 28.25 -6.64
CA ALA D 220 -19.62 29.08 -6.04
C ALA D 220 -19.97 30.55 -5.95
N TYR D 221 -21.08 31.01 -6.51
CA TYR D 221 -21.36 32.44 -6.58
C TYR D 221 -22.55 32.93 -5.78
N ALA D 222 -23.40 31.97 -5.41
CA ALA D 222 -24.62 32.33 -4.71
C ALA D 222 -25.28 31.08 -4.12
N PHE D 223 -26.17 31.36 -3.17
CA PHE D 223 -27.01 30.31 -2.58
C PHE D 223 -28.31 30.95 -2.09
N ALA D 224 -29.26 30.05 -1.92
CA ALA D 224 -30.55 30.27 -1.31
C ALA D 224 -30.97 29.07 -0.45
N PHE D 225 -31.62 29.43 0.65
CA PHE D 225 -32.36 28.58 1.56
C PHE D 225 -33.85 28.90 1.38
N THR D 226 -34.60 28.01 0.75
CA THR D 226 -35.97 28.28 0.32
C THR D 226 -36.96 27.21 0.73
N PRO D 227 -37.80 27.49 1.73
CA PRO D 227 -38.94 26.61 1.98
C PRO D 227 -40.08 26.87 0.98
N HIS D 228 -40.66 25.79 0.48
CA HIS D 228 -41.90 25.82 -0.30
C HIS D 228 -42.96 24.86 0.27
N ALA D 229 -44.20 25.34 0.39
CA ALA D 229 -45.35 24.55 0.82
C ALA D 229 -46.44 24.59 -0.28
N CYS D 230 -47.43 23.73 -0.13
CA CYS D 230 -48.60 23.65 -0.97
C CYS D 230 -49.85 23.54 -0.10
N THR D 231 -51.04 23.69 -0.69
CA THR D 231 -52.19 23.56 0.20
C THR D 231 -52.46 22.10 0.50
N THR D 232 -51.78 21.21 -0.20
CA THR D 232 -51.65 19.79 0.04
C THR D 232 -50.17 19.46 -0.02
N ASN D 233 -49.56 19.29 1.15
CA ASN D 233 -48.10 19.14 1.15
C ASN D 233 -47.63 17.76 0.76
N GLU D 234 -48.47 16.73 0.92
CA GLU D 234 -47.95 15.41 0.53
C GLU D 234 -48.00 15.27 -0.99
N TYR D 235 -47.32 14.27 -1.53
CA TYR D 235 -47.38 13.87 -2.93
C TYR D 235 -48.81 13.97 -3.46
N HIS D 236 -49.00 14.77 -4.51
CA HIS D 236 -50.29 14.73 -5.21
C HIS D 236 -50.02 14.85 -6.71
N VAL D 237 -51.03 14.59 -7.54
CA VAL D 237 -50.90 14.65 -8.99
C VAL D 237 -51.72 15.81 -9.54
N CYS D 238 -51.10 16.65 -10.34
CA CYS D 238 -51.81 17.73 -11.02
C CYS D 238 -51.88 17.40 -12.51
N GLU D 239 -52.67 18.18 -13.25
CA GLU D 239 -52.77 17.95 -14.69
C GLU D 239 -52.87 19.29 -15.43
N THR D 240 -52.05 19.44 -16.46
CA THR D 240 -52.03 20.54 -17.40
C THR D 240 -52.31 21.90 -16.77
N THR D 241 -53.48 22.47 -17.04
CA THR D 241 -53.82 23.83 -16.58
C THR D 241 -54.11 23.89 -15.10
N ASN D 242 -53.99 22.73 -14.42
CA ASN D 242 -54.20 22.77 -12.98
C ASN D 242 -52.85 22.51 -12.29
N CYS D 243 -51.77 22.58 -13.06
CA CYS D 243 -50.41 22.51 -12.56
C CYS D 243 -49.76 23.89 -12.55
N GLY D 244 -49.03 24.21 -11.50
CA GLY D 244 -48.29 25.49 -11.50
C GLY D 244 -46.85 25.21 -11.85
N GLY D 245 -45.90 26.00 -11.40
CA GLY D 245 -44.52 25.55 -11.57
C GLY D 245 -43.87 25.96 -12.87
N THR D 246 -42.58 25.67 -13.00
CA THR D 246 -41.78 26.15 -14.13
C THR D 246 -42.22 25.53 -15.45
N TYR D 247 -42.87 24.37 -15.45
CA TYR D 247 -43.19 23.73 -16.73
C TYR D 247 -44.58 24.08 -17.24
N SER D 248 -45.37 24.84 -16.50
CA SER D 248 -46.75 25.07 -16.92
C SER D 248 -46.97 26.47 -17.49
N GLU D 249 -48.22 26.75 -17.78
CA GLU D 249 -48.71 27.99 -18.35
C GLU D 249 -48.58 29.13 -17.36
N ASP D 250 -49.10 28.87 -16.17
CA ASP D 250 -49.20 29.82 -15.08
C ASP D 250 -48.49 29.25 -13.85
N ARG D 251 -47.37 29.89 -13.54
CA ARG D 251 -46.40 29.59 -12.50
C ARG D 251 -47.06 29.40 -11.14
N PHE D 252 -48.18 30.07 -10.98
CA PHE D 252 -48.90 30.10 -9.72
C PHE D 252 -50.14 29.23 -9.74
N ALA D 253 -50.38 28.48 -10.81
CA ALA D 253 -51.59 27.66 -10.79
C ALA D 253 -51.43 26.48 -9.85
N GLY D 254 -52.37 25.56 -9.81
CA GLY D 254 -52.26 24.37 -8.98
C GLY D 254 -52.17 24.75 -7.51
N LYS D 255 -51.69 23.87 -6.64
CA LYS D 255 -51.78 24.06 -5.20
C LYS D 255 -50.48 24.51 -4.54
N CYS D 256 -49.37 24.55 -5.27
CA CYS D 256 -48.09 24.72 -4.60
C CYS D 256 -47.54 26.13 -4.71
N ASP D 257 -46.61 26.47 -3.83
CA ASP D 257 -45.87 27.72 -3.93
C ASP D 257 -44.56 27.50 -4.67
N ALA D 258 -44.45 27.81 -5.95
CA ALA D 258 -43.21 27.53 -6.67
C ALA D 258 -42.04 28.45 -6.35
N ASN D 259 -42.27 29.62 -5.76
CA ASN D 259 -41.21 30.57 -5.48
C ASN D 259 -40.71 30.46 -4.04
N GLY D 260 -41.60 30.16 -3.12
CA GLY D 260 -41.16 29.99 -1.73
C GLY D 260 -40.89 31.30 -1.04
N CYS D 261 -40.36 31.16 0.19
CA CYS D 261 -39.83 32.35 0.88
C CYS D 261 -38.32 32.12 0.99
N ASP D 262 -37.49 32.90 0.31
CA ASP D 262 -36.08 32.55 0.20
C ASP D 262 -35.17 33.38 1.07
N TYR D 263 -34.04 32.82 1.46
CA TYR D 263 -33.00 33.66 2.05
C TYR D 263 -31.70 33.32 1.30
N ASN D 264 -31.33 34.29 0.47
CA ASN D 264 -30.09 34.40 -0.29
C ASN D 264 -29.39 35.64 0.26
N PRO D 265 -28.25 35.50 0.95
CA PRO D 265 -27.67 36.68 1.60
C PRO D 265 -27.42 37.83 0.63
N TYR D 266 -26.82 37.56 -0.52
CA TYR D 266 -26.59 38.62 -1.52
C TYR D 266 -27.90 39.37 -1.80
N ARG D 267 -28.94 38.60 -2.12
CA ARG D 267 -30.20 39.16 -2.56
C ARG D 267 -30.77 40.07 -1.50
N MET D 268 -30.49 39.64 -0.26
CA MET D 268 -30.94 40.38 0.93
C MET D 268 -30.00 41.52 1.26
N GLY D 269 -29.07 41.79 0.34
CA GLY D 269 -28.32 43.02 0.46
C GLY D 269 -26.85 42.89 0.79
N ASN D 270 -26.31 41.68 0.77
CA ASN D 270 -25.01 41.33 1.31
C ASN D 270 -24.15 40.68 0.24
N PRO D 271 -23.64 41.57 -0.61
CA PRO D 271 -22.93 41.20 -1.82
C PRO D 271 -21.57 40.56 -1.62
N ASP D 272 -20.99 40.84 -0.46
CA ASP D 272 -19.60 40.42 -0.26
C ASP D 272 -19.47 39.21 0.65
N PHE D 273 -20.57 38.57 1.00
CA PHE D 273 -20.54 37.55 2.07
C PHE D 273 -20.12 36.18 1.55
N TYR D 274 -20.65 35.76 0.42
CA TYR D 274 -20.52 34.41 -0.10
C TYR D 274 -19.99 34.43 -1.53
N GLY D 275 -18.92 33.70 -1.76
CA GLY D 275 -18.29 33.62 -3.07
C GLY D 275 -16.82 33.31 -3.02
N LYS D 276 -16.13 33.29 -4.15
CA LYS D 276 -14.69 33.03 -4.15
C LYS D 276 -13.91 34.11 -3.44
N GLY D 277 -13.21 33.68 -2.38
CA GLY D 277 -12.38 34.61 -1.62
C GLY D 277 -13.18 35.41 -0.63
N LYS D 278 -14.42 34.97 -0.31
CA LYS D 278 -15.17 35.90 0.53
C LYS D 278 -15.33 35.36 1.94
N THR D 279 -16.07 36.11 2.76
CA THR D 279 -16.33 35.70 4.14
C THR D 279 -16.69 34.23 4.32
N LEU D 280 -17.62 33.71 3.54
CA LEU D 280 -17.77 32.28 3.30
C LEU D 280 -17.13 32.04 1.94
N ASP D 281 -15.98 31.39 1.97
CA ASP D 281 -15.15 31.26 0.79
C ASP D 281 -15.53 30.00 0.01
N THR D 282 -16.17 30.16 -1.16
CA THR D 282 -16.61 28.98 -1.89
C THR D 282 -15.53 28.23 -2.67
N SER D 283 -14.30 28.68 -2.63
CA SER D 283 -13.19 28.00 -3.27
C SER D 283 -12.69 26.84 -2.43
N ARG D 284 -13.04 26.88 -1.14
CA ARG D 284 -12.70 25.84 -0.20
C ARG D 284 -13.95 25.15 0.33
N LYS D 285 -13.80 23.94 0.83
CA LYS D 285 -14.85 23.13 1.42
C LYS D 285 -15.40 23.80 2.68
N PHE D 286 -16.73 23.67 2.87
CA PHE D 286 -17.34 24.20 4.08
C PHE D 286 -18.50 23.33 4.52
N THR D 287 -18.98 23.56 5.73
CA THR D 287 -20.11 22.84 6.35
C THR D 287 -21.30 23.79 6.42
N VAL D 288 -22.47 23.25 6.05
CA VAL D 288 -23.74 23.93 6.18
C VAL D 288 -24.62 23.26 7.23
N VAL D 289 -25.19 24.01 8.18
CA VAL D 289 -26.07 23.48 9.19
C VAL D 289 -27.40 24.23 9.15
N SER D 290 -28.49 23.47 9.04
CA SER D 290 -29.83 23.97 8.76
C SER D 290 -30.81 23.40 9.78
N ARG D 291 -31.58 24.26 10.36
CA ARG D 291 -32.50 24.00 11.46
C ARG D 291 -33.94 24.37 11.13
N PHE D 292 -34.81 23.42 11.46
CA PHE D 292 -36.22 23.54 11.14
C PHE D 292 -37.04 23.60 12.42
N GLU D 293 -37.59 24.78 12.70
CA GLU D 293 -38.40 24.89 13.92
C GLU D 293 -39.74 25.52 13.60
N GLU D 294 -40.73 25.25 14.45
CA GLU D 294 -42.04 25.90 14.28
C GLU D 294 -41.80 27.42 14.24
N ASN D 295 -42.23 28.06 13.17
CA ASN D 295 -42.10 29.45 12.83
C ASN D 295 -40.67 29.94 12.70
N LYS D 296 -39.75 29.00 12.48
CA LYS D 296 -38.38 29.53 12.32
C LYS D 296 -37.47 28.54 11.66
N LEU D 297 -36.99 28.88 10.46
CA LEU D 297 -35.91 28.12 9.87
C LEU D 297 -34.64 28.96 10.07
N SER D 298 -33.52 28.25 10.28
CA SER D 298 -32.27 28.95 10.53
C SER D 298 -31.14 28.13 9.93
N GLN D 299 -30.08 28.85 9.58
CA GLN D 299 -28.92 28.35 8.89
C GLN D 299 -27.62 29.03 9.32
N TYR D 300 -26.53 28.28 9.37
CA TYR D 300 -25.21 28.82 9.60
C TYR D 300 -24.15 27.94 8.95
N PHE D 301 -22.90 28.42 8.92
CA PHE D 301 -21.80 27.65 8.37
C PHE D 301 -20.65 27.49 9.37
N ILE D 302 -19.83 26.48 9.08
CA ILE D 302 -18.52 26.27 9.70
C ILE D 302 -17.47 26.20 8.60
N GLN D 303 -16.36 26.94 8.70
CA GLN D 303 -15.37 26.79 7.64
C GLN D 303 -14.00 26.80 8.32
N ASP D 304 -13.16 25.86 7.98
CA ASP D 304 -11.79 25.75 8.50
C ASP D 304 -11.77 25.93 10.01
N GLY D 305 -12.76 25.32 10.64
CA GLY D 305 -13.00 25.21 12.05
C GLY D 305 -13.65 26.41 12.71
N ARG D 306 -14.43 27.21 11.98
CA ARG D 306 -14.99 28.41 12.60
C ARG D 306 -16.46 28.66 12.23
N LYS D 307 -17.31 29.01 13.19
CA LYS D 307 -18.73 29.26 12.93
C LYS D 307 -18.93 30.61 12.25
N ILE D 308 -19.45 30.58 11.02
CA ILE D 308 -19.72 31.80 10.27
C ILE D 308 -21.24 32.01 10.18
N GLU D 309 -21.68 33.14 10.70
CA GLU D 309 -23.06 33.59 10.80
C GLU D 309 -23.50 34.18 9.44
N ILE D 310 -24.75 33.96 9.08
CA ILE D 310 -25.25 34.60 7.86
C ILE D 310 -25.79 35.96 8.21
N PRO D 311 -25.34 37.00 7.52
CA PRO D 311 -25.78 38.34 7.93
C PRO D 311 -27.26 38.55 7.60
N PRO D 312 -27.85 39.48 8.33
CA PRO D 312 -29.28 39.80 8.16
C PRO D 312 -29.44 40.68 6.94
N PRO D 313 -30.66 41.05 6.56
CA PRO D 313 -30.82 41.89 5.36
C PRO D 313 -30.43 43.34 5.61
N THR D 314 -30.15 44.05 4.51
CA THR D 314 -29.91 45.47 4.60
C THR D 314 -31.08 46.28 4.04
N TRP D 315 -32.11 45.61 3.54
CA TRP D 315 -33.32 46.29 3.10
C TRP D 315 -34.11 46.86 4.27
N GLU D 316 -34.28 48.19 4.31
CA GLU D 316 -35.10 48.76 5.35
C GLU D 316 -36.51 48.16 5.30
N GLY D 317 -37.00 47.85 6.50
CA GLY D 317 -38.29 47.31 6.80
C GLY D 317 -38.34 45.82 7.02
N MET D 318 -37.26 45.14 6.69
CA MET D 318 -37.11 43.75 7.04
C MET D 318 -36.46 43.60 8.42
N PRO D 319 -36.62 42.44 9.05
CA PRO D 319 -36.07 42.22 10.39
C PRO D 319 -34.54 42.11 10.41
N ASN D 320 -33.96 42.48 11.56
CA ASN D 320 -32.56 42.30 11.88
C ASN D 320 -32.25 40.86 12.26
N SER D 321 -32.34 40.00 11.26
CA SER D 321 -31.98 38.59 11.38
C SER D 321 -32.05 37.93 10.02
N SER D 322 -31.24 36.90 9.83
CA SER D 322 -31.28 36.12 8.60
C SER D 322 -32.17 34.90 8.73
N GLU D 323 -32.81 34.71 9.88
CA GLU D 323 -33.65 33.53 10.07
C GLU D 323 -34.91 33.70 9.22
N ILE D 324 -35.40 32.57 8.74
CA ILE D 324 -36.64 32.59 7.96
C ILE D 324 -37.85 32.39 8.88
N THR D 325 -38.56 33.48 9.12
CA THR D 325 -39.66 33.58 10.06
C THR D 325 -40.95 34.10 9.42
N PRO D 326 -42.06 34.14 10.14
CA PRO D 326 -43.24 34.76 9.55
C PRO D 326 -42.98 36.23 9.23
N GLU D 327 -42.18 36.91 10.03
CA GLU D 327 -41.83 38.31 9.86
C GLU D 327 -40.98 38.55 8.62
N LEU D 328 -39.94 37.75 8.44
CA LEU D 328 -39.06 37.88 7.28
C LEU D 328 -39.85 37.70 5.98
N CYS D 329 -40.73 36.71 5.98
CA CYS D 329 -41.48 36.31 4.80
C CYS D 329 -42.61 37.27 4.47
N SER D 330 -43.22 37.90 5.47
CA SER D 330 -44.19 38.91 5.08
C SER D 330 -43.42 40.15 4.61
N THR D 331 -42.53 40.62 5.48
CA THR D 331 -41.92 41.92 5.16
C THR D 331 -41.11 41.89 3.87
N MET D 332 -40.69 40.69 3.45
CA MET D 332 -39.88 40.63 2.23
C MET D 332 -40.69 40.97 0.99
N PHE D 333 -41.93 40.45 0.91
CA PHE D 333 -42.70 40.70 -0.32
C PHE D 333 -43.04 42.16 -0.48
N ASP D 334 -43.07 42.86 0.64
CA ASP D 334 -43.16 44.31 0.57
C ASP D 334 -42.00 44.74 -0.35
N VAL D 335 -40.87 44.87 0.32
CA VAL D 335 -39.63 45.41 -0.21
C VAL D 335 -39.42 44.97 -1.66
N PHE D 336 -39.58 43.67 -1.89
CA PHE D 336 -39.43 43.12 -3.23
C PHE D 336 -40.82 43.07 -3.86
N ASN D 337 -41.02 43.72 -5.00
CA ASN D 337 -42.30 43.75 -5.68
C ASN D 337 -42.70 42.40 -6.24
N ASP D 338 -42.67 41.33 -5.45
CA ASP D 338 -42.99 39.98 -5.92
C ASP D 338 -44.38 39.57 -5.46
N ARG D 339 -44.94 38.62 -6.22
CA ARG D 339 -46.27 38.13 -5.90
C ARG D 339 -46.14 37.22 -4.68
N ASN D 340 -46.91 37.51 -3.64
CA ASN D 340 -46.75 36.74 -2.39
C ASN D 340 -47.43 35.40 -2.46
N ARG D 341 -47.02 34.58 -3.43
CA ARG D 341 -47.45 33.19 -3.53
C ARG D 341 -47.31 32.45 -2.19
N PHE D 342 -46.26 32.76 -1.44
CA PHE D 342 -46.06 32.10 -0.14
C PHE D 342 -47.29 32.35 0.71
N GLU D 343 -47.70 33.62 0.85
CA GLU D 343 -48.95 33.73 1.62
C GLU D 343 -50.16 33.14 0.91
N GLU D 344 -50.23 33.10 -0.42
CA GLU D 344 -51.46 32.58 -1.04
C GLU D 344 -51.73 31.14 -0.61
N VAL D 345 -50.67 30.35 -0.47
CA VAL D 345 -50.91 28.95 -0.13
C VAL D 345 -50.96 28.72 1.38
N GLY D 346 -51.12 29.81 2.14
CA GLY D 346 -51.37 29.56 3.56
C GLY D 346 -50.25 30.04 4.45
N GLY D 347 -49.13 30.49 3.88
CA GLY D 347 -48.17 31.22 4.69
C GLY D 347 -47.34 30.35 5.58
N PHE D 348 -46.78 30.85 6.69
CA PHE D 348 -45.79 30.05 7.43
C PHE D 348 -46.45 28.92 8.20
N GLU D 349 -47.74 29.12 8.50
CA GLU D 349 -48.43 27.97 9.11
C GLU D 349 -48.46 26.87 8.07
N GLN D 350 -48.51 27.24 6.78
CA GLN D 350 -48.57 26.10 5.85
C GLN D 350 -47.20 25.44 5.81
N LEU D 351 -46.18 26.25 6.07
CA LEU D 351 -44.80 25.71 6.10
C LEU D 351 -44.67 24.78 7.31
N ASN D 352 -45.27 25.22 8.43
CA ASN D 352 -45.17 24.36 9.63
C ASN D 352 -45.81 23.01 9.35
N ASN D 353 -46.96 23.05 8.64
CA ASN D 353 -47.51 21.75 8.29
C ASN D 353 -46.53 20.94 7.45
N ALA D 354 -45.92 21.58 6.45
CA ALA D 354 -45.02 20.82 5.60
C ALA D 354 -43.89 20.21 6.43
N LEU D 355 -43.39 20.99 7.39
CA LEU D 355 -42.28 20.56 8.24
C LEU D 355 -42.63 19.33 9.05
N ARG D 356 -43.93 19.06 9.20
CA ARG D 356 -44.28 17.87 9.98
C ARG D 356 -44.62 16.71 9.05
N VAL D 357 -44.23 16.86 7.79
CA VAL D 357 -44.37 15.78 6.82
C VAL D 357 -43.04 15.08 6.65
N PRO D 358 -42.95 13.76 6.74
CA PRO D 358 -41.65 13.11 6.59
C PRO D 358 -41.03 13.37 5.22
N MET D 359 -39.76 13.75 5.20
CA MET D 359 -39.11 14.12 3.95
C MET D 359 -38.04 13.16 3.48
N VAL D 360 -37.84 13.12 2.16
CA VAL D 360 -36.76 12.38 1.52
C VAL D 360 -35.62 13.34 1.19
N LEU D 361 -34.37 12.90 1.32
CA LEU D 361 -33.25 13.80 1.06
C LEU D 361 -32.80 13.65 -0.38
N VAL D 362 -32.63 14.77 -1.07
CA VAL D 362 -32.14 14.82 -2.44
C VAL D 362 -30.81 15.52 -2.60
N MET D 363 -29.96 14.99 -3.48
CA MET D 363 -28.69 15.61 -3.80
C MET D 363 -28.59 15.65 -5.33
N SER D 364 -28.36 16.83 -5.88
CA SER D 364 -28.38 16.97 -7.32
C SER D 364 -27.40 18.01 -7.84
N ILE D 365 -27.22 17.96 -9.16
CA ILE D 365 -26.51 19.06 -9.83
C ILE D 365 -27.27 19.21 -11.15
N TRP D 366 -27.47 20.44 -11.60
CA TRP D 366 -28.30 20.69 -12.79
C TRP D 366 -28.02 22.05 -13.43
N ASP D 367 -28.39 22.18 -14.70
CA ASP D 367 -28.49 23.52 -15.26
C ASP D 367 -29.95 23.78 -15.66
N ASP D 368 -30.20 25.04 -16.06
CA ASP D 368 -31.56 25.52 -16.22
C ASP D 368 -31.81 26.04 -17.64
N HIS D 369 -32.68 25.32 -18.32
CA HIS D 369 -33.14 25.63 -19.68
C HIS D 369 -34.22 26.69 -19.72
N TYR D 370 -34.85 26.99 -18.59
CA TYR D 370 -35.92 27.99 -18.61
C TYR D 370 -35.45 29.37 -18.21
N ALA D 371 -34.55 29.50 -17.22
CA ALA D 371 -34.09 30.85 -16.88
C ALA D 371 -32.60 30.94 -16.61
N ASN D 372 -31.78 30.05 -17.14
CA ASN D 372 -30.35 30.01 -17.06
C ASN D 372 -29.82 30.25 -15.64
N MET D 373 -30.60 29.89 -14.64
CA MET D 373 -30.20 30.02 -13.23
C MET D 373 -29.97 31.44 -12.79
N LEU D 374 -30.45 32.42 -13.56
CA LEU D 374 -30.18 33.81 -13.21
C LEU D 374 -30.83 34.14 -11.87
N TRP D 375 -31.96 33.46 -11.60
CA TRP D 375 -32.70 33.64 -10.37
C TRP D 375 -31.86 33.26 -9.15
N LEU D 376 -30.86 32.42 -9.34
CA LEU D 376 -30.00 32.03 -8.22
C LEU D 376 -28.82 32.97 -8.05
N ASP D 377 -28.33 33.45 -9.20
CA ASP D 377 -26.98 33.95 -9.16
C ASP D 377 -26.78 35.18 -10.04
N SER D 378 -27.89 35.71 -10.58
CA SER D 378 -27.65 36.90 -11.42
C SER D 378 -28.67 37.98 -11.07
N ILE D 379 -28.99 38.78 -12.07
CA ILE D 379 -30.08 39.75 -11.94
C ILE D 379 -31.33 39.14 -12.52
N TYR D 380 -32.39 38.89 -11.75
CA TYR D 380 -33.59 38.24 -12.28
C TYR D 380 -34.84 38.92 -11.74
N PRO D 381 -35.89 39.13 -12.51
CA PRO D 381 -36.00 38.73 -13.91
C PRO D 381 -35.39 39.79 -14.81
N PRO D 382 -34.97 39.35 -15.99
CA PRO D 382 -34.30 40.24 -16.94
C PRO D 382 -35.28 41.32 -17.42
N GLU D 383 -35.26 41.61 -18.70
CA GLU D 383 -36.07 42.64 -19.35
C GLU D 383 -35.52 44.04 -19.05
N LYS D 384 -35.33 44.29 -17.77
CA LYS D 384 -34.68 45.47 -17.21
C LYS D 384 -33.57 45.03 -16.24
N GLU D 385 -33.41 45.71 -15.12
CA GLU D 385 -32.44 45.43 -14.07
C GLU D 385 -32.12 46.60 -13.15
N GLY D 386 -32.29 46.43 -11.83
CA GLY D 386 -31.79 47.40 -10.89
C GLY D 386 -32.52 47.68 -9.61
N GLN D 387 -33.70 47.14 -9.39
CA GLN D 387 -34.67 47.26 -8.33
C GLN D 387 -34.49 46.23 -7.22
N PRO D 388 -34.95 46.50 -6.01
CA PRO D 388 -34.64 45.64 -4.85
C PRO D 388 -35.15 44.23 -5.10
N GLY D 389 -34.27 43.25 -4.97
CA GLY D 389 -34.75 41.88 -5.15
C GLY D 389 -34.27 41.28 -6.45
N ALA D 390 -33.93 42.11 -7.43
CA ALA D 390 -33.51 41.65 -8.75
C ALA D 390 -32.20 40.90 -8.77
N ALA D 391 -31.19 41.49 -8.13
CA ALA D 391 -29.81 41.08 -8.01
C ALA D 391 -29.61 39.98 -6.96
N ARG D 392 -29.25 38.79 -7.43
CA ARG D 392 -29.13 37.59 -6.64
C ARG D 392 -27.69 37.09 -6.50
N GLY D 393 -26.77 37.52 -7.35
CA GLY D 393 -25.37 37.11 -7.43
C GLY D 393 -24.64 37.98 -8.45
N ASP D 394 -23.35 37.81 -8.63
CA ASP D 394 -22.55 38.71 -9.48
C ASP D 394 -22.34 38.03 -10.82
N CYS D 395 -23.22 37.03 -11.06
CA CYS D 395 -23.00 36.30 -12.32
C CYS D 395 -23.53 37.17 -13.46
N PRO D 396 -22.82 37.24 -14.56
CA PRO D 396 -23.27 38.12 -15.65
C PRO D 396 -24.66 37.73 -16.12
N THR D 397 -25.37 38.72 -16.62
CA THR D 397 -26.75 38.50 -17.05
C THR D 397 -26.84 37.61 -18.28
N ASP D 398 -25.72 37.27 -18.94
CA ASP D 398 -25.80 36.32 -20.05
C ASP D 398 -25.14 34.99 -19.71
N SER D 399 -24.97 34.65 -18.42
CA SER D 399 -24.44 33.33 -18.10
C SER D 399 -25.54 32.29 -18.06
N GLY D 400 -25.11 31.03 -18.08
CA GLY D 400 -26.00 29.95 -17.76
C GLY D 400 -26.70 29.30 -18.92
N VAL D 401 -26.45 29.78 -20.14
CA VAL D 401 -27.07 29.03 -21.23
C VAL D 401 -26.52 27.62 -21.24
N PRO D 402 -27.39 26.66 -20.97
CA PRO D 402 -26.96 25.27 -20.83
C PRO D 402 -25.97 24.80 -21.88
N ALA D 403 -26.20 25.03 -23.17
CA ALA D 403 -25.26 24.50 -24.16
C ALA D 403 -23.86 25.05 -23.89
N GLU D 404 -23.84 26.34 -23.58
CA GLU D 404 -22.61 27.10 -23.39
C GLU D 404 -21.94 26.72 -22.07
N VAL D 405 -22.70 26.67 -20.98
CA VAL D 405 -22.04 26.29 -19.73
C VAL D 405 -21.61 24.85 -19.76
N GLU D 406 -22.29 23.99 -20.52
CA GLU D 406 -21.92 22.57 -20.56
C GLU D 406 -20.66 22.35 -21.37
N ALA D 407 -20.36 23.25 -22.30
CA ALA D 407 -19.14 23.07 -23.07
C ALA D 407 -17.94 23.68 -22.34
N GLN D 408 -18.25 24.76 -21.60
CA GLN D 408 -17.14 25.44 -20.92
C GLN D 408 -16.73 24.73 -19.64
N PHE D 409 -17.76 24.25 -18.93
CA PHE D 409 -17.42 23.58 -17.66
C PHE D 409 -17.92 22.17 -17.54
N PRO D 410 -17.73 21.27 -18.51
CA PRO D 410 -18.19 19.90 -18.37
C PRO D 410 -17.74 19.18 -17.09
N ASP D 411 -16.58 19.51 -16.55
CA ASP D 411 -15.95 18.82 -15.42
C ASP D 411 -16.33 19.46 -14.10
N ALA D 412 -17.32 20.36 -14.12
CA ALA D 412 -17.70 20.92 -12.82
C ALA D 412 -18.29 19.79 -11.98
N GLN D 413 -17.99 19.78 -10.67
CA GLN D 413 -18.56 18.72 -9.86
C GLN D 413 -18.87 19.26 -8.48
N VAL D 414 -19.77 18.59 -7.78
CA VAL D 414 -20.02 19.01 -6.40
C VAL D 414 -19.72 17.80 -5.53
N VAL D 415 -19.05 18.02 -4.40
CA VAL D 415 -18.81 16.88 -3.52
C VAL D 415 -19.58 17.13 -2.21
N TRP D 416 -20.55 16.29 -1.98
CA TRP D 416 -21.43 16.25 -0.84
C TRP D 416 -20.91 15.28 0.21
N SER D 417 -20.60 15.70 1.46
CA SER D 417 -20.09 14.63 2.32
C SER D 417 -20.56 14.84 3.76
N ASN D 418 -20.41 13.83 4.59
CA ASN D 418 -20.58 14.03 6.04
C ASN D 418 -21.92 14.64 6.37
N ILE D 419 -22.96 13.94 5.87
CA ILE D 419 -24.33 14.27 6.22
C ILE D 419 -24.57 13.87 7.68
N ARG D 420 -25.06 14.80 8.49
CA ARG D 420 -25.50 14.48 9.84
C ARG D 420 -26.90 15.05 10.11
N PHE D 421 -27.74 14.31 10.84
CA PHE D 421 -29.08 14.69 11.23
C PHE D 421 -29.40 14.34 12.70
N GLY D 422 -30.18 15.15 13.39
CA GLY D 422 -30.66 14.92 14.75
C GLY D 422 -31.24 16.21 15.30
N PRO D 423 -31.59 16.30 16.58
CA PRO D 423 -32.23 17.53 17.08
C PRO D 423 -31.31 18.74 17.00
N ILE D 424 -31.93 19.90 17.12
CA ILE D 424 -31.23 21.19 17.11
C ILE D 424 -30.05 21.10 18.07
N GLY D 425 -28.90 21.61 17.68
CA GLY D 425 -27.69 21.67 18.45
C GLY D 425 -26.81 20.44 18.51
N SER D 426 -27.19 19.32 17.93
CA SER D 426 -26.54 18.03 18.05
C SER D 426 -25.57 17.66 16.96
N THR D 427 -25.56 18.27 15.77
CA THR D 427 -24.61 17.75 14.79
C THR D 427 -23.26 18.45 14.96
N TYR D 428 -23.32 19.68 15.45
CA TYR D 428 -22.20 20.54 15.79
C TYR D 428 -22.52 21.38 17.04
N ASP D 429 -21.44 21.64 17.78
CA ASP D 429 -21.49 22.44 19.00
C ASP D 429 -21.35 23.93 18.65
N PHE D 430 -22.41 24.49 18.08
CA PHE D 430 -22.43 25.91 17.77
C PHE D 430 -23.83 26.48 18.01
#